data_9QX5
#
_entry.id   9QX5
#
_cell.length_a   1.00
_cell.length_b   1.00
_cell.length_c   1.00
_cell.angle_alpha   90.00
_cell.angle_beta   90.00
_cell.angle_gamma   90.00
#
_symmetry.space_group_name_H-M   'P 1'
#
_entity_poly.entity_id   1
_entity_poly.type   'polypeptide(L)'
_entity_poly.pdbx_seq_one_letter_code
;MDPRETAIGLVRYVTENAAKDFDGESIAAIIYRLRVVENYVSSDVDIICEAMRILIKKLVNLPPITFSPDVWMPIMTSIT
EGAIEPQWRIMMESIDISKFSSTSSNFVHMDSITASSTKCSEQITSICKGFALEFGLTRRLFSAIWNTDLEETARKMMNQ
EWDSVKIDSSPDSAKQAAGLIEKSIFDLFSEMKDHETFANELYYAALARILNNSRRLQENKKPAIQDSEDISFYESSLHI
YDELIKKLWPHLSKKDPNVKKNTLIIFEKLISLSPTDVLVQRITEKFIDSCEWLKISGEEICTSMEPRLWKIVGSLVSRI
LDLKKTIPYEIVSYAIAVHITQEVTLASPEVSDCGPDSFDSTCDQPSNMKERFLRHMVDSYFQTRSSLLSIIQFLRTAKS
SEEIVQFMRVFYPELVFGNETLITHAAIEMLRESASHHSIKADDFISIVLSVIDAPAIVRIIDVISCIKDEKVRKEAVEK
TIIRMANDLEDEDQKREGYVNHLHENGSFWNDIAKYADASILDKAGKRFVEVSVDSMDIRSSVLATDIFLTILKLKLTSE
AEREPESCVICNVSYSNIKIDLEKWNKMGNILVECNMVKRSKSEALPLFTIHQLENIDLPMRDLVYVVTQMKFLDTKEGM
ELHRKFYDGLPGVNVIFEKFMSKSHKIELCMKLLDEFAKIIAINEKSLIFSLDHENILDWLEEIGVLDSPQITEKLVDIC
FSIEVWDVLTLLQLDGPECHYWDLQMFGRFWKTSLMDLLDEKMMKKVNEKMGSILKEQYDKQSHVAKATREKRSNGKFPN
RPKVADWEEQLLLMHNRIAGHLTKKKVEDFADESTQKFTWLLGVCSGQMSYKKEVAVDAEKILSRLYPDAEKRNEVLYHF
GVSSILKGLDRPRGKLSLHILFMQIYLDLVQIDSKSWKIDDSVQKLSRRLGGFNEWLMIVDEEKREDDGGFRIYIVLNLS
HYFWELLEGCKASQVVDAHAILKIRKFAEVLASILDKITFWPNPKLHAYYYIAQFLEPLETIFHFPEIAEQNRKVIESFF
KQLFDKLLEQKYQEGLLQDTKLIIQKTDKYLSSSLNLFNEYNTQEPSKIYPVNEIFSLFCRYGSENVHLYCLKMIKKSLQ
TLASNILEHEHILKGEVCIETELQKRLVCDAVLLTEFFGYFSCIYAQVSENQPSEHDDVAKAFMLLDSDIHLKTKSRKRS
TQNSVAVGSHRHQTAENMDLNFCTYKSTGRAYVTQHWYNCYTCNMMESEGVCSVCAINCHRGHDLAYSKKGSFFCDCGEK
KCGAMQGIYHLPNSMYSLRGQLPEKNGDKTLPKIRNVFEHRFENLNSNCCDELKSALNDVQEEFKEVQDDLEQILEAVDF
ANQKALQVTEERLAVLESFNDMDDVIISEKEKFIEPLESGHFLPTRRDDLPVQELRVASSQHKIRELSDIIKLDDGTELL
VLIPESIQTCLQLHYMDTRTNLIQGMHALRTETEQIPFNARSLHVSGNRLVVCGQYEFFALRFSPQGDVIDRAHIKLLEN
GASSSMNNNPVVRAKFCREIESDKRRRQLIAVATMQYIRIYDLTLHETNFVEEMVLPAGNVEDVEIINQEDGNVRILVLS
SSGYLYEHNISVFNAENNSIFLTNVVNTPGMDMNGDGVSLHYSSTFNLLFVSLENGAFVAQLPEPTGNSTAPIYDWKHLN
IKNPVDAWKETSGIIACLSTNCNHQVNYFHPTVGKILLQKTSVKRSIMTYFLMTSAKNQSVYSVLIYPNVPTCEIWETSW
NNVHDLWIDDVPTERYAVEVVEQKSTQIPIDRDELVLLAEQCEQIRTVDWNCREIGMFYTHEELNNRLSSSDSLPITLIQ
QTHFKLSARITNFRQIVRMIRVEVEGNTGPEYLKIGTTRYSISSRGPKTFDLRLSREESLALDHRDITIEVIPRSNQNRV
TLKSLRLLGCDRSAMDEIQPRYERQPILTNSNKLVYSILEFATLSGLEWAGNMAKKHLSRKLNHPAVCSVSTRAIVKCHP
SVDEELFKIIDGAYLQEWKALIDWTESEGFGEMRLHHVEQLLDRMEAVRTRWPYFVKSLKREFGTVTSFVELMRNEMKRM
PLHRCQMMAQAIVKIVFGLLSNGTNEAEQLIHVFLNIFTDQDTYHLANDMRSAVQETISRFENALKEEKKLMVEHENMDK
ESVLRIKNYGFSPFYGAPRIIAKTPESMLIAKIAETIPIDSEENFKWLEQLISMILEKLTRSNSTVTWQNLSDSPSYNLS
RVLASCLAICDPVIIRNHFSRLIHIIKYDVEKIFPMSEKSYSNYSLLRSVELLLFVCLEKRGDESKENQEMLDSIVHDLQ
AVGIRNLCLKILEKVIPHWKDRGPSTFSRNSAESRKVWLPHVPLVSSSANPPNTSIMNWPSTSEDSYIIACTDLILLIPQ
HLQELDRRKSVPRDDQWIQKLCQLASLSSGCSAYRQCKKLLLAMCHNDENKYKIMRDKYKMQDLLQQLVKKYLDVSKEVG
GHQQLTEIVDVLASITKLALIRPDMWRDVCSTHTTWLLRLACYTTDVVASQVVELLIVAVRDSSVGGQLSIQLADSIVEA
ENGEFIEKIIKRFLIGRDEQLRWTLHGMLRSVIQLASRQNQCILVKKLYNTIYPLAANLGVQGAQLVDLIATYAPRVFSS
TELVAMTQSEISTIEKIRNTLNGDGYQGMYKLMSDLGLGWKSINFDRNPCLVCFTSKGSHDVVKMTSIKSDIRYSANTII
YKLISNYEVSKVTIKLTELKKSKSIKKVSLYYSAKSVESVDLKLHPELWRKCAMVTVAENETVINLSLAVPVVTSSLIVE
FEEVVDHRGSSQLHCPRCTVPVRTHSGVCESCGENAFQCAKCRAINYVEKEPFLCQSCGFCKYAQISLFVVCRALPGAQH
ITCDAERGQCVQEITQLLIKMETTKTKLTGYRAACESLYLRNRPLPPYKLHVENNHTSEFFDANGTMNIEQLPFQSITMP
MNNLAVAIRTLHSELCQQTQQLMYLHEELNRYDHASEVSVVFHKPQNISYYSTGQSCFGCLCNQLLHSVALLHSSCDDEN
ALNLILSSDSLIEKLGVLAQTYETLREEVEELLVRLMFDRLDVTTKVEKLIHTGDINLSVMVKSLMYAADPTWQQKLKLL
IRLAMDKRDENCCLQALMVLSKYLEATKSVTLDERKKIKLTPNKNITKWLTTDEEWKDCFSVASTSTAPTKSLPSNPYQW
ITDCLFSQWMSVRSAANQLLVNLSRQQFHEPVALLILCENMSKLSDVPSSVCDQFMCSAHTIIDSSVNTKARLFVQQFHV
YLIKRIHEECAKLHEQSVNLLSDNMFGERLRCFVELLSLLLSGSNVENVLLKAGADDLLIFLLHSTIFLKRIMTRRTRAT
DSSRIALEKLLKRVSCRDGTKLMSVCVESLKLVKDTSTLGIIVGVMMEIMDPQQETEESFLIQIEKDIAQEDFLQGRMTH
NPYNSSDPGMGPLMRDIKNKICRDTEMIALMEDDNGMELLVNGNIISLSLSVRDVYDRLWKRSNNGSPMLIVYRMRGLMG
DAVETFIENFGVADNSEADDEEDEQLVRMTHCLMECGGIDKLMDLLTTNVDSSSGRFLLCYLRKIFERIVKIPIGRKILV
QRRMVERMMSVIRTCCADPTNESKVLIGMELYKVVEFVVSDKHVQDILGGIREDDAMWWFDLFEKRGNEEGSVTELHRKT
AQILDQMTMSIGNIVLGNDASEGVLVKMYEKVLKWEQIDSGAPPSGATDHQNRSRITKKDQIMLMTEQLATITSNIISSA
HGIRLKQKILDSGVISSTCNYLTKDLPNLYQPTESPEWKVFLARPSLKLILTLLAGLARGHQASQKEIAKTTLKLMHRLE
QVASDNSIGTLAENVIEALNEDEEVRNQIKLVRDETEKKKKQMAMLNREKQLTKMRMKVGTGGQIKVSSRTLHNEPSIDD
SDSLPCCICRESVISGDKSAGVYAFAAIDPDSGKTSTVSMMVMVHFNCHKDAIRGGGGRAADEWTRSKLHNAGAKCNVIT
PISMGVVIGDAWIDALHRFENDVGRVSGLAHGVVNRNFVFVDICNLIDRFIYKRSFSNQSEGGGRESNMQYLAILHLLGI
TLPADAELEISAPNHRLIAFLFTELTADSWNDQRNDVLRAGINDAQTNGAPATWDGFKPTLMTWAFVDAYFNKVIKITGE
DRLEWLREHLVETINKTRGFVDDFDSNILPCEDVAEFCDVTGAPIDDVNLFLAGGPPQGSLEVLFQGPAEAAAKEAAAKE
AAAKEAAAKALEAEAAAKEAAAKEAAAKEAAAKAHHHHHHHHHH
;
_entity_poly.pdbx_strand_id   A
#
# COMPACT_ATOMS: atom_id res chain seq x y z
N LYS A 666 -3.36 18.11 -79.80
CA LYS A 666 -2.16 17.27 -79.71
C LYS A 666 -1.38 17.57 -78.44
N ILE A 667 -1.49 18.81 -77.96
CA ILE A 667 -0.78 19.22 -76.76
C ILE A 667 -1.24 18.40 -75.57
N GLU A 668 -2.55 18.19 -75.45
CA GLU A 668 -3.08 17.35 -74.38
C GLU A 668 -2.54 15.93 -74.47
N LEU A 669 -2.33 15.43 -75.69
CA LEU A 669 -1.75 14.11 -75.85
C LEU A 669 -0.33 14.06 -75.28
N CYS A 670 0.47 15.10 -75.53
CA CYS A 670 1.81 15.14 -74.96
C CYS A 670 1.77 15.28 -73.45
N MET A 671 0.81 16.05 -72.93
CA MET A 671 0.64 16.14 -71.48
C MET A 671 0.38 14.76 -70.90
N LYS A 672 -0.53 14.00 -71.52
CA LYS A 672 -0.82 12.65 -71.05
C LYS A 672 0.41 11.75 -71.17
N LEU A 673 1.16 11.87 -72.27
CA LEU A 673 2.33 11.00 -72.45
C LEU A 673 3.38 11.25 -71.39
N LEU A 674 3.71 12.52 -71.14
CA LEU A 674 4.72 12.81 -70.13
C LEU A 674 4.22 12.47 -68.73
N ASP A 675 2.93 12.67 -68.45
CA ASP A 675 2.42 12.26 -67.14
C ASP A 675 2.53 10.76 -66.95
N GLU A 676 2.16 9.98 -67.97
CA GLU A 676 2.27 8.53 -67.89
C GLU A 676 3.73 8.11 -67.75
N PHE A 677 4.63 8.81 -68.45
CA PHE A 677 6.06 8.55 -68.31
C PHE A 677 6.52 8.75 -66.87
N ALA A 678 6.14 9.88 -66.26
CA ALA A 678 6.54 10.14 -64.88
C ALA A 678 5.97 9.09 -63.94
N LYS A 679 4.70 8.76 -64.11
CA LYS A 679 4.09 7.75 -63.24
C LYS A 679 4.78 6.40 -63.41
N ILE A 680 5.08 5.99 -64.64
CA ILE A 680 5.63 4.67 -64.85
C ILE A 680 7.07 4.59 -64.34
N ILE A 681 7.85 5.67 -64.46
CA ILE A 681 9.22 5.58 -63.94
C ILE A 681 9.19 5.63 -62.41
N ALA A 682 8.26 6.39 -61.82
CA ALA A 682 8.22 6.49 -60.37
C ALA A 682 7.94 5.15 -59.69
N ILE A 683 7.43 4.17 -60.42
CA ILE A 683 7.12 2.86 -59.88
C ILE A 683 8.18 1.83 -60.26
N ASN A 684 9.25 2.26 -60.94
CA ASN A 684 10.35 1.37 -61.33
C ASN A 684 9.87 0.21 -62.20
N GLU A 685 8.98 0.51 -63.14
CA GLU A 685 8.39 -0.50 -64.00
C GLU A 685 8.94 -0.37 -65.41
N LYS A 686 9.37 -1.49 -65.98
CA LYS A 686 9.93 -1.50 -67.32
C LYS A 686 8.86 -1.19 -68.35
N SER A 687 9.20 -0.35 -69.32
CA SER A 687 8.29 0.00 -70.41
C SER A 687 9.07 0.14 -71.70
N LEU A 688 8.38 -0.01 -72.82
CA LEU A 688 9.02 0.04 -74.13
C LEU A 688 9.60 1.40 -74.46
N ILE A 689 9.25 2.44 -73.69
CA ILE A 689 9.78 3.77 -73.97
C ILE A 689 11.29 3.80 -73.77
N PHE A 690 11.80 3.03 -72.80
CA PHE A 690 13.23 3.05 -72.51
C PHE A 690 14.04 2.52 -73.69
N SER A 691 13.49 1.58 -74.44
CA SER A 691 14.21 1.03 -75.59
C SER A 691 14.43 2.09 -76.66
N LEU A 692 13.56 3.08 -76.73
CA LEU A 692 13.75 4.18 -77.67
C LEU A 692 14.89 5.07 -77.21
N ASP A 693 15.35 5.95 -78.11
CA ASP A 693 16.44 6.88 -77.80
C ASP A 693 15.87 8.12 -77.12
N HIS A 694 15.43 7.92 -75.87
CA HIS A 694 14.79 8.98 -75.12
C HIS A 694 15.76 10.03 -74.60
N GLU A 695 17.07 9.76 -74.70
CA GLU A 695 18.06 10.74 -74.22
C GLU A 695 17.89 12.08 -74.91
N ASN A 696 17.43 12.08 -76.15
CA ASN A 696 17.20 13.30 -76.91
C ASN A 696 15.71 13.60 -76.97
N ILE A 697 14.99 13.39 -75.86
CA ILE A 697 13.55 13.65 -75.85
C ILE A 697 13.26 15.11 -76.13
N LEU A 698 14.16 16.02 -75.74
CA LEU A 698 13.97 17.43 -76.06
C LEU A 698 14.04 17.67 -77.55
N ASP A 699 14.77 16.82 -78.28
CA ASP A 699 14.72 16.86 -79.73
C ASP A 699 13.32 16.52 -80.24
N TRP A 700 12.68 15.51 -79.63
CA TRP A 700 11.36 15.08 -80.10
C TRP A 700 10.37 16.23 -80.08
N LEU A 701 10.31 16.94 -78.96
CA LEU A 701 9.39 18.08 -78.83
C LEU A 701 9.70 19.17 -79.85
N GLU A 702 10.95 19.25 -80.31
CA GLU A 702 11.31 20.24 -81.31
C GLU A 702 10.82 19.84 -82.70
N GLU A 703 10.55 18.55 -82.91
CA GLU A 703 10.00 18.09 -84.18
C GLU A 703 8.58 18.58 -84.38
N ILE A 704 7.73 18.42 -83.36
CA ILE A 704 6.38 18.97 -83.44
C ILE A 704 6.42 20.49 -83.43
N GLY A 705 7.35 21.07 -82.67
CA GLY A 705 7.43 22.50 -82.51
C GLY A 705 6.74 23.05 -81.29
N VAL A 706 6.37 22.20 -80.33
CA VAL A 706 5.67 22.61 -79.13
C VAL A 706 6.66 22.90 -77.99
N LEU A 707 7.95 23.05 -78.31
CA LEU A 707 8.93 23.40 -77.29
C LEU A 707 8.64 24.77 -76.69
N ASP A 708 7.91 25.61 -77.40
CA ASP A 708 7.56 26.94 -76.90
C ASP A 708 6.35 26.92 -75.98
N SER A 709 5.75 25.77 -75.76
CA SER A 709 4.54 25.70 -74.95
C SER A 709 4.88 25.89 -73.48
N PRO A 710 4.34 26.92 -72.82
CA PRO A 710 4.62 27.12 -71.39
C PRO A 710 4.00 26.05 -70.51
N GLN A 711 2.90 25.45 -70.97
CA GLN A 711 2.17 24.50 -70.15
C GLN A 711 2.84 23.13 -70.11
N ILE A 712 3.87 22.91 -70.93
CA ILE A 712 4.54 21.62 -70.95
C ILE A 712 5.70 21.60 -69.97
N THR A 713 6.20 22.77 -69.57
CA THR A 713 7.35 22.82 -68.69
C THR A 713 6.99 22.32 -67.29
N GLU A 714 5.76 22.53 -66.86
CA GLU A 714 5.33 21.99 -65.57
C GLU A 714 5.42 20.48 -65.56
N LYS A 715 4.96 19.85 -66.63
CA LYS A 715 5.03 18.39 -66.70
C LYS A 715 6.48 17.93 -66.87
N LEU A 716 7.31 18.76 -67.51
CA LEU A 716 8.74 18.45 -67.58
C LEU A 716 9.38 18.41 -66.20
N VAL A 717 9.09 19.42 -65.36
CA VAL A 717 9.66 19.41 -64.02
C VAL A 717 9.05 18.29 -63.19
N ASP A 718 7.81 17.90 -63.48
CA ASP A 718 7.24 16.72 -62.85
C ASP A 718 8.04 15.47 -63.22
N ILE A 719 8.43 15.37 -64.49
CA ILE A 719 9.27 14.27 -64.94
C ILE A 719 10.60 14.28 -64.19
N CYS A 720 11.18 15.47 -64.05
CA CYS A 720 12.45 15.58 -63.32
C CYS A 720 12.31 15.13 -61.88
N PHE A 721 11.21 15.53 -61.22
CA PHE A 721 10.96 15.10 -59.85
C PHE A 721 10.83 13.59 -59.76
N SER A 722 10.11 13.00 -60.71
CA SER A 722 9.94 11.55 -60.72
C SER A 722 11.27 10.84 -60.94
N ILE A 723 12.10 11.37 -61.84
CA ILE A 723 13.41 10.76 -62.06
C ILE A 723 14.24 10.89 -60.79
N GLU A 724 14.08 12.00 -60.07
CA GLU A 724 14.82 12.22 -58.83
C GLU A 724 14.44 11.18 -57.78
N VAL A 725 13.14 10.97 -57.59
CA VAL A 725 12.71 9.98 -56.59
C VAL A 725 13.10 8.58 -57.04
N TRP A 726 13.10 8.32 -58.35
CA TRP A 726 13.62 7.06 -58.86
C TRP A 726 15.09 6.88 -58.51
N ASP A 727 15.88 7.94 -58.65
CA ASP A 727 17.28 7.87 -58.27
C ASP A 727 17.43 7.56 -56.79
N VAL A 728 16.62 8.20 -55.96
CA VAL A 728 16.65 7.93 -54.52
C VAL A 728 16.34 6.46 -54.26
N LEU A 729 15.33 5.93 -54.95
CA LEU A 729 15.02 4.51 -54.81
C LEU A 729 16.17 3.63 -55.23
N THR A 730 16.88 3.98 -56.32
CA THR A 730 18.01 3.17 -56.77
C THR A 730 19.14 3.17 -55.77
N LEU A 731 19.49 4.34 -55.22
CA LEU A 731 20.56 4.41 -54.24
C LEU A 731 20.20 3.65 -52.98
N LEU A 732 18.94 3.70 -52.57
CA LEU A 732 18.51 3.02 -51.35
C LEU A 732 18.55 1.51 -51.47
N GLN A 733 18.72 0.98 -52.68
CA GLN A 733 18.75 -0.47 -52.92
C GLN A 733 17.45 -1.13 -52.47
N LEU A 734 16.36 -0.37 -52.45
CA LEU A 734 15.09 -0.85 -51.92
C LEU A 734 14.25 -1.50 -53.00
N ASP A 735 13.87 -0.72 -54.01
CA ASP A 735 13.04 -1.16 -55.14
C ASP A 735 11.64 -1.58 -54.70
N GLY A 736 10.68 -1.52 -55.61
CA GLY A 736 9.30 -1.80 -55.29
C GLY A 736 8.58 -0.58 -54.75
N PRO A 737 7.32 -0.41 -55.13
CA PRO A 737 6.55 0.78 -54.69
C PRO A 737 5.82 0.55 -53.37
N GLU A 738 6.58 0.16 -52.34
CA GLU A 738 6.03 -0.05 -51.02
C GLU A 738 6.05 1.19 -50.14
N CYS A 739 6.51 2.32 -50.66
CA CYS A 739 6.50 3.59 -49.95
C CYS A 739 5.94 4.66 -50.87
N HIS A 740 5.25 5.63 -50.30
CA HIS A 740 4.58 6.61 -51.12
C HIS A 740 5.59 7.57 -51.76
N TYR A 741 5.14 8.26 -52.80
CA TYR A 741 6.01 9.15 -53.56
C TYR A 741 6.56 10.27 -52.70
N TRP A 742 5.72 10.88 -51.86
CA TRP A 742 6.16 12.04 -51.09
C TRP A 742 7.20 11.67 -50.04
N ASP A 743 7.09 10.47 -49.46
CA ASP A 743 8.08 10.03 -48.48
C ASP A 743 9.47 9.99 -49.10
N LEU A 744 9.61 9.31 -50.23
CA LEU A 744 10.91 9.24 -50.89
C LEU A 744 11.34 10.60 -51.41
N GLN A 745 10.39 11.42 -51.86
CA GLN A 745 10.74 12.75 -52.35
C GLN A 745 11.36 13.59 -51.24
N MET A 746 10.73 13.62 -50.08
CA MET A 746 11.29 14.35 -48.94
C MET A 746 12.57 13.72 -48.44
N PHE A 747 12.72 12.40 -48.58
CA PHE A 747 13.98 11.75 -48.24
C PHE A 747 15.10 12.16 -49.20
N GLY A 748 14.77 12.45 -50.45
CA GLY A 748 15.79 12.94 -51.36
C GLY A 748 16.27 14.33 -51.00
N ARG A 749 15.35 15.20 -50.59
CA ARG A 749 15.70 16.54 -50.11
C ARG A 749 16.44 16.49 -48.79
N PHE A 750 16.44 15.34 -48.13
CA PHE A 750 17.08 15.08 -46.85
C PHE A 750 18.58 14.82 -46.98
N TRP A 751 19.07 14.68 -48.21
CA TRP A 751 20.42 14.18 -48.47
C TRP A 751 21.51 15.23 -48.31
N LYS A 752 22.65 14.99 -48.93
CA LYS A 752 23.90 15.70 -48.73
C LYS A 752 23.79 17.19 -49.03
N THR A 753 22.59 17.65 -49.40
CA THR A 753 22.28 19.06 -49.52
C THR A 753 22.76 19.84 -48.30
N SER A 754 23.00 21.15 -48.46
CA SER A 754 23.62 21.97 -47.43
C SER A 754 22.87 21.97 -46.11
N LEU A 755 21.68 21.38 -46.04
CA LEU A 755 20.99 21.24 -44.76
C LEU A 755 21.77 20.35 -43.79
N MET A 756 22.52 19.38 -44.32
CA MET A 756 23.36 18.52 -43.49
C MET A 756 24.82 18.92 -43.50
N ASP A 757 25.13 20.12 -44.00
CA ASP A 757 26.43 20.72 -43.70
C ASP A 757 26.51 21.15 -42.25
N LEU A 758 25.36 21.35 -41.59
CA LEU A 758 25.32 21.81 -40.21
C LEU A 758 25.27 20.68 -39.19
N LEU A 759 25.07 19.44 -39.62
CA LEU A 759 24.88 18.34 -38.69
C LEU A 759 26.24 17.83 -38.18
N ASP A 760 26.23 17.23 -37.00
CA ASP A 760 27.43 16.74 -36.34
C ASP A 760 27.50 15.22 -36.39
N GLU A 761 28.65 14.67 -35.97
CA GLU A 761 28.99 13.28 -36.27
C GLU A 761 28.11 12.29 -35.51
N LYS A 762 27.80 12.56 -34.24
CA LYS A 762 27.04 11.60 -33.44
C LYS A 762 25.64 11.39 -33.98
N MET A 763 24.96 12.46 -34.39
CA MET A 763 23.64 12.30 -35.00
C MET A 763 23.74 11.62 -36.35
N MET A 764 24.82 11.87 -37.09
CA MET A 764 25.05 11.14 -38.33
C MET A 764 25.16 9.64 -38.09
N LYS A 765 25.93 9.24 -37.08
CA LYS A 765 26.05 7.83 -36.75
C LYS A 765 24.70 7.27 -36.33
N LYS A 766 23.94 8.04 -35.55
CA LYS A 766 22.63 7.58 -35.10
C LYS A 766 21.68 7.35 -36.28
N VAL A 767 21.60 8.33 -37.20
CA VAL A 767 20.66 8.20 -38.30
C VAL A 767 21.09 7.07 -39.24
N ASN A 768 22.40 6.96 -39.50
CA ASN A 768 22.87 5.86 -40.33
C ASN A 768 22.50 4.52 -39.74
N GLU A 769 22.72 4.36 -38.44
CA GLU A 769 22.37 3.11 -37.77
C GLU A 769 20.87 2.82 -37.89
N LYS A 770 20.05 3.84 -37.68
CA LYS A 770 18.59 3.62 -37.69
C LYS A 770 18.08 3.29 -39.08
N MET A 771 18.53 4.01 -40.11
CA MET A 771 18.02 3.69 -41.44
C MET A 771 18.57 2.35 -41.90
N GLY A 772 19.78 1.99 -41.47
CA GLY A 772 20.27 0.65 -41.74
C GLY A 772 19.40 -0.41 -41.09
N SER A 773 18.99 -0.20 -39.84
CA SER A 773 18.15 -1.19 -39.17
C SER A 773 16.80 -1.34 -39.84
N ILE A 774 16.16 -0.22 -40.20
CA ILE A 774 14.84 -0.33 -40.82
C ILE A 774 14.96 -0.92 -42.22
N LEU A 775 16.03 -0.59 -42.95
CA LEU A 775 16.25 -1.17 -44.27
C LEU A 775 16.47 -2.68 -44.17
N LYS A 776 17.23 -3.13 -43.17
CA LYS A 776 17.45 -4.56 -42.99
C LYS A 776 16.16 -5.28 -42.60
N GLU A 777 15.34 -4.63 -41.77
CA GLU A 777 14.04 -5.21 -41.43
C GLU A 777 13.17 -5.36 -42.66
N GLN A 778 13.12 -4.33 -43.51
CA GLN A 778 12.34 -4.44 -44.73
C GLN A 778 12.93 -5.53 -45.63
N TYR A 779 14.26 -5.67 -45.63
CA TYR A 779 14.91 -6.69 -46.42
C TYR A 779 14.48 -8.08 -46.00
N ASP A 780 14.58 -8.40 -44.71
CA ASP A 780 14.18 -9.73 -44.28
C ASP A 780 12.67 -9.91 -44.31
N LYS A 781 11.91 -8.82 -44.46
CA LYS A 781 10.48 -8.91 -44.74
C LYS A 781 10.19 -9.47 -46.12
N GLN A 782 11.12 -9.34 -47.06
CA GLN A 782 10.86 -9.70 -48.46
C GLN A 782 11.20 -11.17 -48.70
N SER A 783 10.77 -11.68 -49.86
CA SER A 783 10.96 -13.06 -50.27
C SER A 783 12.39 -13.29 -50.78
N HIS A 784 12.60 -14.39 -51.49
CA HIS A 784 13.96 -14.87 -51.77
C HIS A 784 14.48 -14.44 -53.13
N VAL A 785 13.63 -14.46 -54.17
CA VAL A 785 14.14 -14.27 -55.52
C VAL A 785 14.69 -12.86 -55.72
N ALA A 786 13.90 -11.85 -55.36
CA ALA A 786 14.39 -10.50 -55.47
C ALA A 786 15.48 -10.22 -54.45
N LYS A 787 15.53 -11.02 -53.37
CA LYS A 787 16.68 -10.94 -52.47
C LYS A 787 17.97 -11.36 -53.19
N ALA A 788 17.93 -12.46 -53.92
CA ALA A 788 19.09 -12.85 -54.71
C ALA A 788 19.42 -11.79 -55.75
N THR A 789 18.40 -11.23 -56.39
CA THR A 789 18.64 -10.19 -57.37
C THR A 789 19.31 -8.96 -56.75
N ARG A 790 18.82 -8.53 -55.58
CA ARG A 790 19.41 -7.38 -54.90
C ARG A 790 20.83 -7.67 -54.44
N GLU A 791 21.06 -8.87 -53.90
CA GLU A 791 22.38 -9.22 -53.41
C GLU A 791 23.39 -9.28 -54.54
N LYS A 792 22.99 -9.84 -55.69
CA LYS A 792 23.84 -9.82 -56.86
C LYS A 792 24.08 -8.39 -57.35
N ARG A 793 23.02 -7.57 -57.33
CA ARG A 793 23.11 -6.20 -57.83
C ARG A 793 24.01 -5.33 -56.96
N SER A 794 23.91 -5.49 -55.64
CA SER A 794 24.61 -4.62 -54.70
C SER A 794 26.04 -5.08 -54.52
N ASN A 795 26.98 -4.16 -54.69
CA ASN A 795 28.38 -4.43 -54.35
C ASN A 795 28.72 -4.05 -52.93
N GLY A 796 27.82 -3.34 -52.23
CA GLY A 796 28.09 -2.92 -50.87
C GLY A 796 26.81 -2.42 -50.23
N LYS A 797 26.88 -2.23 -48.91
CA LYS A 797 25.73 -1.72 -48.18
C LYS A 797 25.74 -0.20 -48.20
N PHE A 798 24.91 0.40 -47.35
CA PHE A 798 24.85 1.86 -47.25
C PHE A 798 26.17 2.39 -46.68
N PRO A 799 26.63 3.57 -47.12
CA PRO A 799 26.06 4.45 -48.15
C PRO A 799 26.63 4.23 -49.53
N ASN A 800 27.42 3.17 -49.74
CA ASN A 800 28.03 2.96 -51.06
C ASN A 800 26.97 2.72 -52.11
N ARG A 801 27.06 3.45 -53.22
CA ARG A 801 26.09 3.28 -54.29
C ARG A 801 26.26 1.91 -54.94
N PRO A 802 25.17 1.19 -55.19
CA PRO A 802 25.27 -0.10 -55.87
C PRO A 802 25.78 0.02 -57.30
N LYS A 803 25.94 -1.11 -57.97
CA LYS A 803 26.57 -1.12 -59.28
C LYS A 803 25.73 -0.36 -60.31
N VAL A 804 26.41 0.20 -61.31
CA VAL A 804 25.78 1.02 -62.34
C VAL A 804 25.49 0.14 -63.56
N ALA A 805 24.22 0.06 -63.95
CA ALA A 805 23.80 -0.60 -65.17
C ALA A 805 23.81 0.41 -66.32
N ASP A 806 23.16 0.06 -67.43
CA ASP A 806 23.18 0.89 -68.63
C ASP A 806 22.03 1.89 -68.68
N TRP A 807 20.80 1.46 -68.38
CA TRP A 807 19.65 2.34 -68.60
C TRP A 807 19.65 3.53 -67.66
N GLU A 808 20.15 3.36 -66.44
CA GLU A 808 20.23 4.52 -65.53
C GLU A 808 21.13 5.59 -66.10
N GLU A 809 22.16 5.21 -66.86
CA GLU A 809 22.99 6.20 -67.54
C GLU A 809 22.15 7.02 -68.51
N GLN A 810 21.27 6.37 -69.27
CA GLN A 810 20.38 7.09 -70.17
C GLN A 810 19.45 8.02 -69.42
N LEU A 811 18.86 7.52 -68.32
CA LEU A 811 17.94 8.35 -67.54
C LEU A 811 18.65 9.59 -67.02
N LEU A 812 19.84 9.39 -66.43
CA LEU A 812 20.59 10.51 -65.87
C LEU A 812 21.01 11.48 -66.97
N LEU A 813 21.41 10.96 -68.13
CA LEU A 813 21.86 11.82 -69.21
C LEU A 813 20.72 12.69 -69.73
N MET A 814 19.53 12.11 -69.93
CA MET A 814 18.43 12.96 -70.37
C MET A 814 18.00 13.91 -69.25
N HIS A 815 18.12 13.47 -68.00
CA HIS A 815 17.79 14.34 -66.87
C HIS A 815 18.66 15.60 -66.89
N ASN A 816 19.96 15.42 -67.10
CA ASN A 816 20.85 16.57 -67.18
C ASN A 816 20.62 17.38 -68.44
N ARG A 817 20.27 16.70 -69.55
CA ARG A 817 20.02 17.41 -70.79
C ARG A 817 18.79 18.29 -70.69
N ILE A 818 17.87 17.97 -69.77
CA ILE A 818 16.68 18.78 -69.51
C ILE A 818 17.04 20.25 -69.28
N ALA A 819 18.26 20.53 -68.82
CA ALA A 819 18.66 21.89 -68.49
C ALA A 819 18.52 22.84 -69.66
N GLY A 820 18.59 22.30 -70.88
CA GLY A 820 18.47 23.14 -72.05
C GLY A 820 17.14 23.86 -72.15
N HIS A 821 16.05 23.18 -71.80
CA HIS A 821 14.72 23.77 -71.84
C HIS A 821 14.47 24.67 -70.64
N LEU A 822 15.33 24.63 -69.63
CA LEU A 822 15.11 25.34 -68.39
C LEU A 822 15.73 26.73 -68.38
N THR A 823 16.15 27.22 -69.55
CA THR A 823 16.50 28.63 -69.70
C THR A 823 15.28 29.51 -69.40
N LYS A 824 14.23 29.36 -70.20
CA LYS A 824 12.97 30.08 -70.01
C LYS A 824 13.17 31.57 -69.72
N LYS A 825 13.73 32.28 -70.71
CA LYS A 825 14.07 33.70 -70.58
C LYS A 825 15.12 33.88 -69.50
N LYS A 826 15.10 34.99 -68.77
CA LYS A 826 16.17 35.33 -67.85
C LYS A 826 15.75 35.23 -66.39
N VAL A 827 14.72 35.96 -65.96
CA VAL A 827 14.27 35.86 -64.58
C VAL A 827 12.75 35.82 -64.50
N GLU A 828 12.07 36.23 -65.57
CA GLU A 828 10.65 36.54 -65.46
C GLU A 828 9.80 35.29 -65.24
N ASP A 829 10.24 34.14 -65.76
CA ASP A 829 9.46 32.92 -65.55
C ASP A 829 9.48 32.50 -64.09
N PHE A 830 10.63 32.61 -63.43
CA PHE A 830 10.80 32.14 -62.06
C PHE A 830 10.45 33.19 -61.01
N ALA A 831 9.96 34.36 -61.43
CA ALA A 831 9.59 35.38 -60.46
C ALA A 831 8.39 34.98 -59.60
N ASP A 832 7.59 34.03 -60.06
CA ASP A 832 6.38 33.63 -59.34
C ASP A 832 6.77 32.56 -58.32
N GLU A 833 6.69 32.93 -57.04
CA GLU A 833 7.18 32.05 -55.98
C GLU A 833 6.28 30.82 -55.81
N SER A 834 4.98 30.97 -56.06
CA SER A 834 4.01 29.90 -55.84
C SER A 834 3.86 29.05 -57.10
N THR A 835 4.99 28.45 -57.50
CA THR A 835 5.01 27.57 -58.66
C THR A 835 5.83 26.32 -58.34
N GLN A 836 5.50 25.23 -59.05
CA GLN A 836 6.25 23.99 -58.88
C GLN A 836 7.67 24.14 -59.42
N LYS A 837 7.84 24.88 -60.50
CA LYS A 837 9.17 25.09 -61.05
C LYS A 837 10.07 25.84 -60.08
N PHE A 838 9.51 26.74 -59.28
CA PHE A 838 10.31 27.42 -58.26
C PHE A 838 10.76 26.44 -57.18
N THR A 839 9.88 25.51 -56.79
CA THR A 839 10.28 24.49 -55.83
C THR A 839 11.40 23.62 -56.40
N TRP A 840 11.30 23.26 -57.68
CA TRP A 840 12.37 22.49 -58.31
C TRP A 840 13.66 23.28 -58.33
N LEU A 841 13.57 24.59 -58.63
CA LEU A 841 14.76 25.41 -58.72
C LEU A 841 15.44 25.50 -57.35
N LEU A 842 14.64 25.66 -56.29
CA LEU A 842 15.19 25.68 -54.94
C LEU A 842 15.85 24.35 -54.60
N GLY A 843 15.23 23.25 -55.05
CA GLY A 843 15.83 21.94 -54.78
C GLY A 843 17.17 21.75 -55.47
N VAL A 844 17.24 22.11 -56.76
CA VAL A 844 18.48 21.91 -57.50
C VAL A 844 19.57 22.83 -56.96
N CYS A 845 19.22 24.04 -56.53
CA CYS A 845 20.24 25.02 -56.16
C CYS A 845 21.16 24.49 -55.06
N SER A 846 20.58 23.87 -54.04
CA SER A 846 21.39 23.55 -52.86
C SER A 846 22.16 22.24 -53.04
N GLY A 847 21.46 21.12 -53.07
CA GLY A 847 22.17 19.86 -52.95
C GLY A 847 21.65 18.60 -53.61
N GLN A 848 20.71 18.70 -54.54
CA GLN A 848 20.19 17.47 -55.15
C GLN A 848 21.32 16.71 -55.84
N MET A 849 21.42 15.42 -55.54
CA MET A 849 22.59 14.65 -55.91
C MET A 849 22.62 14.32 -57.39
N SER A 850 21.47 13.95 -57.97
CA SER A 850 21.45 13.48 -59.35
C SER A 850 21.87 14.55 -60.35
N TYR A 851 21.76 15.83 -59.99
CA TYR A 851 22.06 16.93 -60.88
C TYR A 851 23.55 17.21 -60.89
N LYS A 852 24.10 17.41 -62.09
CA LYS A 852 25.54 17.56 -62.22
C LYS A 852 25.95 18.99 -61.90
N LYS A 853 27.26 19.20 -61.76
CA LYS A 853 27.76 20.47 -61.26
C LYS A 853 27.42 21.64 -62.19
N GLU A 854 27.35 21.41 -63.50
CA GLU A 854 26.98 22.47 -64.41
C GLU A 854 25.56 22.94 -64.14
N VAL A 855 24.64 22.00 -63.94
CA VAL A 855 23.26 22.36 -63.62
C VAL A 855 23.21 23.07 -62.28
N ALA A 856 24.02 22.63 -61.32
CA ALA A 856 24.03 23.28 -60.01
C ALA A 856 24.52 24.72 -60.12
N VAL A 857 25.56 24.97 -60.91
CA VAL A 857 26.07 26.34 -61.02
C VAL A 857 25.08 27.20 -61.80
N ASP A 858 24.39 26.65 -62.79
CA ASP A 858 23.35 27.41 -63.48
C ASP A 858 22.21 27.77 -62.51
N ALA A 859 21.82 26.82 -61.66
CA ALA A 859 20.78 27.08 -60.67
C ALA A 859 21.22 28.14 -59.67
N GLU A 860 22.48 28.07 -59.22
CA GLU A 860 22.99 29.10 -58.32
C GLU A 860 22.97 30.46 -59.00
N LYS A 861 23.32 30.52 -60.29
CA LYS A 861 23.31 31.79 -60.99
C LYS A 861 21.90 32.37 -61.12
N ILE A 862 20.92 31.52 -61.45
CA ILE A 862 19.57 32.05 -61.58
C ILE A 862 19.02 32.46 -60.21
N LEU A 863 19.38 31.75 -59.15
CA LEU A 863 18.99 32.21 -57.81
C LEU A 863 19.66 33.54 -57.46
N SER A 864 20.92 33.72 -57.83
CA SER A 864 21.58 35.00 -57.58
C SER A 864 20.88 36.12 -58.33
N ARG A 865 20.44 35.84 -59.57
CA ARG A 865 19.66 36.82 -60.30
C ARG A 865 18.34 37.13 -59.59
N LEU A 866 17.69 36.11 -59.05
CA LEU A 866 16.44 36.32 -58.34
C LEU A 866 16.66 37.10 -57.04
N TYR A 867 17.60 36.65 -56.23
CA TYR A 867 17.91 37.30 -54.95
C TYR A 867 19.36 37.78 -54.98
N PRO A 868 19.62 39.06 -55.22
CA PRO A 868 21.01 39.53 -55.27
C PRO A 868 21.79 39.28 -53.98
N ASP A 869 21.15 39.42 -52.83
CA ASP A 869 21.85 39.29 -51.56
C ASP A 869 22.03 37.83 -51.19
N ALA A 870 22.94 37.57 -50.25
CA ALA A 870 23.19 36.22 -49.78
C ALA A 870 22.40 35.86 -48.52
N GLU A 871 22.12 36.85 -47.66
CA GLU A 871 21.42 36.56 -46.41
C GLU A 871 20.02 36.02 -46.69
N LYS A 872 19.24 36.73 -47.53
CA LYS A 872 17.92 36.24 -47.89
C LYS A 872 18.00 34.95 -48.68
N ARG A 873 19.04 34.77 -49.48
CA ARG A 873 19.20 33.52 -50.22
C ARG A 873 19.30 32.34 -49.27
N ASN A 874 20.23 32.40 -48.31
CA ASN A 874 20.38 31.31 -47.37
C ASN A 874 19.15 31.16 -46.48
N GLU A 875 18.50 32.28 -46.14
CA GLU A 875 17.29 32.21 -45.34
C GLU A 875 16.20 31.40 -46.06
N VAL A 876 15.95 31.73 -47.32
CA VAL A 876 14.90 31.03 -48.05
C VAL A 876 15.31 29.58 -48.31
N LEU A 877 16.60 29.31 -48.50
CA LEU A 877 17.03 27.94 -48.69
C LEU A 877 16.76 27.11 -47.43
N TYR A 878 17.14 27.65 -46.27
CA TYR A 878 16.93 26.94 -45.01
C TYR A 878 15.44 26.74 -44.73
N HIS A 879 14.64 27.79 -44.96
CA HIS A 879 13.22 27.68 -44.74
C HIS A 879 12.62 26.63 -45.66
N PHE A 880 13.06 26.58 -46.92
CA PHE A 880 12.58 25.57 -47.84
C PHE A 880 12.91 24.17 -47.36
N GLY A 881 14.15 23.97 -46.90
CA GLY A 881 14.53 22.65 -46.43
C GLY A 881 13.67 22.18 -45.27
N VAL A 882 13.49 23.04 -44.27
CA VAL A 882 12.70 22.62 -43.11
C VAL A 882 11.22 22.50 -43.48
N SER A 883 10.71 23.37 -44.34
CA SER A 883 9.31 23.26 -44.72
C SER A 883 9.07 21.98 -45.51
N SER A 884 10.04 21.55 -46.30
CA SER A 884 9.92 20.27 -46.97
C SER A 884 9.90 19.12 -45.97
N ILE A 885 10.81 19.16 -44.99
CA ILE A 885 10.86 18.09 -43.99
C ILE A 885 9.57 18.06 -43.17
N LEU A 886 8.90 19.21 -43.06
CA LEU A 886 7.66 19.27 -42.29
C LEU A 886 6.47 18.82 -43.13
N LYS A 887 6.34 19.34 -44.34
CA LYS A 887 5.23 18.97 -45.22
C LYS A 887 5.28 17.50 -45.57
N GLY A 888 6.48 16.88 -45.55
CA GLY A 888 6.55 15.46 -45.77
C GLY A 888 5.88 14.64 -44.68
N LEU A 889 5.71 15.23 -43.50
CA LEU A 889 5.11 14.53 -42.36
C LEU A 889 3.65 14.92 -42.23
N ASP A 890 2.86 14.51 -43.23
CA ASP A 890 1.43 14.75 -43.16
C ASP A 890 0.63 13.50 -43.54
N ARG A 891 1.20 12.63 -44.37
CA ARG A 891 0.48 11.51 -44.95
C ARG A 891 1.28 10.22 -44.74
N PRO A 892 1.06 9.51 -43.64
CA PRO A 892 1.72 8.23 -43.41
C PRO A 892 1.18 7.14 -44.32
N LEU A 898 9.56 5.33 -40.63
CA LEU A 898 10.68 6.27 -40.72
C LEU A 898 10.29 7.66 -40.26
N HIS A 899 9.02 7.83 -39.89
CA HIS A 899 8.54 9.12 -39.42
C HIS A 899 9.22 9.50 -38.10
N ILE A 900 9.49 8.51 -37.25
CA ILE A 900 10.13 8.78 -35.97
C ILE A 900 11.56 9.32 -36.18
N LEU A 901 12.31 8.72 -37.11
CA LEU A 901 13.65 9.21 -37.40
C LEU A 901 13.62 10.63 -37.92
N PHE A 902 12.66 10.94 -38.79
CA PHE A 902 12.58 12.28 -39.35
C PHE A 902 12.21 13.28 -38.26
N MET A 903 11.30 12.89 -37.36
CA MET A 903 11.01 13.69 -36.19
C MET A 903 12.29 13.98 -35.40
N GLN A 904 13.07 12.95 -35.14
CA GLN A 904 14.25 13.10 -34.30
C GLN A 904 15.28 14.03 -34.95
N ILE A 905 15.48 13.90 -36.25
CA ILE A 905 16.46 14.78 -36.89
C ILE A 905 15.91 16.19 -37.02
N TYR A 906 14.59 16.35 -37.10
CA TYR A 906 14.03 17.70 -37.03
C TYR A 906 14.36 18.35 -35.69
N LEU A 907 14.19 17.59 -34.61
CA LEU A 907 14.54 18.13 -33.29
C LEU A 907 16.02 18.46 -33.22
N ASP A 908 16.86 17.60 -33.79
CA ASP A 908 18.30 17.85 -33.76
C ASP A 908 18.66 19.12 -34.54
N LEU A 909 18.05 19.32 -35.71
CA LEU A 909 18.30 20.53 -36.48
C LEU A 909 17.84 21.77 -35.73
N VAL A 910 16.69 21.70 -35.06
CA VAL A 910 16.21 22.84 -34.28
C VAL A 910 17.17 23.13 -33.14
N GLN A 911 17.64 22.10 -32.45
CA GLN A 911 18.57 22.30 -31.35
C GLN A 911 19.87 22.93 -31.83
N ILE A 912 20.37 22.50 -33.00
CA ILE A 912 21.58 23.10 -33.54
C ILE A 912 21.34 24.57 -33.89
N ASP A 913 20.21 24.85 -34.55
CA ASP A 913 19.96 26.22 -35.00
C ASP A 913 19.72 27.16 -33.84
N SER A 914 19.22 26.65 -32.71
CA SER A 914 18.88 27.52 -31.59
C SER A 914 20.10 28.27 -31.05
N LYS A 915 21.30 27.81 -31.36
CA LYS A 915 22.50 28.50 -30.89
C LYS A 915 22.82 29.75 -31.68
N SER A 916 22.14 29.99 -32.81
CA SER A 916 22.40 31.14 -33.67
C SER A 916 21.27 32.16 -33.65
N TRP A 917 20.44 32.16 -32.63
CA TRP A 917 19.33 33.11 -32.53
C TRP A 917 19.78 34.39 -31.84
N LYS A 918 19.40 35.52 -32.41
CA LYS A 918 19.76 36.82 -31.88
C LYS A 918 18.69 37.32 -30.93
N ILE A 919 19.09 38.23 -30.03
CA ILE A 919 18.17 38.72 -29.00
C ILE A 919 17.09 39.60 -29.60
N ASP A 920 17.33 40.22 -30.75
CA ASP A 920 16.39 41.15 -31.34
C ASP A 920 15.58 40.55 -32.48
N ASP A 921 15.64 39.23 -32.65
CA ASP A 921 14.89 38.58 -33.72
C ASP A 921 13.38 38.70 -33.48
N SER A 922 12.64 38.76 -34.57
CA SER A 922 11.19 38.83 -34.50
C SER A 922 10.61 37.42 -34.48
N VAL A 923 9.39 37.31 -33.97
CA VAL A 923 8.74 36.01 -33.90
C VAL A 923 8.49 35.44 -35.28
N GLN A 924 8.19 36.31 -36.26
CA GLN A 924 7.98 35.83 -37.62
C GLN A 924 9.25 35.20 -38.20
N LYS A 925 10.40 35.85 -38.00
CA LYS A 925 11.66 35.28 -38.46
C LYS A 925 11.94 33.94 -37.80
N LEU A 926 11.71 33.87 -36.48
CA LEU A 926 11.97 32.62 -35.76
C LEU A 926 11.05 31.51 -36.22
N SER A 927 9.79 31.83 -36.52
CA SER A 927 8.89 30.82 -37.07
C SER A 927 9.35 30.40 -38.45
N ARG A 928 9.91 31.34 -39.22
CA ARG A 928 10.45 30.99 -40.54
C ARG A 928 11.61 30.02 -40.43
N ARG A 929 12.51 30.24 -39.46
CA ARG A 929 13.62 29.32 -39.28
C ARG A 929 13.13 27.93 -38.88
N LEU A 930 12.08 27.86 -38.07
CA LEU A 930 11.50 26.57 -37.69
C LEU A 930 10.75 25.90 -38.82
N GLY A 931 10.55 26.58 -39.94
CA GLY A 931 9.77 26.04 -41.04
C GLY A 931 8.56 26.92 -41.32
N GLY A 932 7.46 26.31 -41.73
CA GLY A 932 6.24 27.07 -41.89
C GLY A 932 5.38 27.00 -40.64
N PHE A 933 5.99 27.22 -39.46
CA PHE A 933 5.36 26.85 -38.20
C PHE A 933 4.04 27.58 -37.97
N ASN A 934 4.05 28.91 -38.10
CA ASN A 934 2.84 29.68 -37.83
C ASN A 934 1.73 29.30 -38.79
N GLU A 935 2.06 29.14 -40.07
CA GLU A 935 1.07 28.73 -41.06
C GLU A 935 0.72 27.26 -40.96
N TRP A 936 1.63 26.44 -40.41
CA TRP A 936 1.38 25.02 -40.28
C TRP A 936 0.39 24.73 -39.16
N LEU A 937 0.52 25.42 -38.04
CA LEU A 937 -0.36 25.19 -36.90
C LEU A 937 -1.69 25.92 -37.00
N MET A 938 -1.81 26.88 -37.93
CA MET A 938 -3.03 27.67 -38.05
C MET A 938 -4.04 27.03 -38.99
N ILE A 939 -3.72 25.88 -39.57
CA ILE A 939 -4.65 25.22 -40.48
C ILE A 939 -5.69 24.48 -39.65
N VAL A 940 -6.77 25.16 -39.30
CA VAL A 940 -7.87 24.57 -38.56
C VAL A 940 -8.91 24.17 -39.60
N ASP A 941 -8.96 22.88 -39.93
CA ASP A 941 -9.93 22.35 -40.87
C ASP A 941 -10.33 20.96 -40.41
N GLU A 942 -11.55 20.56 -40.78
CA GLU A 942 -12.04 19.25 -40.41
C GLU A 942 -11.19 18.15 -41.05
N GLU A 943 -10.78 18.34 -42.30
CA GLU A 943 -9.96 17.35 -42.98
C GLU A 943 -8.61 17.17 -42.28
N LYS A 944 -7.99 18.27 -41.86
CA LYS A 944 -6.69 18.17 -41.19
C LYS A 944 -6.82 17.43 -39.86
N ARG A 945 -7.87 17.74 -39.09
CA ARG A 945 -8.07 17.05 -37.82
C ARG A 945 -8.33 15.56 -38.02
N GLU A 946 -9.13 15.21 -39.02
CA GLU A 946 -9.50 13.83 -39.23
C GLU A 946 -8.26 12.99 -39.56
N ASP A 947 -8.13 11.87 -38.86
CA ASP A 947 -7.13 10.83 -39.12
C ASP A 947 -5.69 11.31 -38.93
N ASP A 948 -5.48 12.51 -38.39
CA ASP A 948 -4.12 12.93 -38.10
C ASP A 948 -3.56 12.17 -36.90
N GLY A 949 -2.26 11.91 -36.93
CA GLY A 949 -1.59 11.26 -35.83
C GLY A 949 -1.16 12.20 -34.72
N GLY A 950 -1.65 13.44 -34.72
CA GLY A 950 -1.26 14.40 -33.71
C GLY A 950 0.21 14.77 -33.80
N PHE A 951 0.75 14.85 -35.01
CA PHE A 951 2.17 15.14 -35.17
C PHE A 951 2.50 16.56 -34.71
N ARG A 952 1.56 17.49 -34.89
CA ARG A 952 1.83 18.86 -34.50
C ARG A 952 2.03 19.00 -33.00
N ILE A 953 1.14 18.40 -32.21
CA ILE A 953 1.32 18.45 -30.76
C ILE A 953 2.55 17.66 -30.35
N TYR A 954 2.90 16.61 -31.08
CA TYR A 954 4.12 15.87 -30.77
C TYR A 954 5.34 16.76 -30.92
N ILE A 955 5.41 17.51 -32.03
CA ILE A 955 6.53 18.41 -32.26
C ILE A 955 6.57 19.50 -31.18
N VAL A 956 5.41 20.11 -30.91
CA VAL A 956 5.37 21.20 -29.94
C VAL A 956 5.80 20.71 -28.57
N LEU A 957 5.26 19.56 -28.15
CA LEU A 957 5.61 19.02 -26.84
C LEU A 957 7.07 18.61 -26.76
N ASN A 958 7.62 18.04 -27.83
CA ASN A 958 9.02 17.62 -27.79
C ASN A 958 9.94 18.83 -27.67
N LEU A 959 9.73 19.85 -28.50
CA LEU A 959 10.55 21.05 -28.39
C LEU A 959 10.39 21.72 -27.03
N SER A 960 9.14 21.81 -26.54
CA SER A 960 8.90 22.45 -25.26
C SER A 960 9.56 21.68 -24.13
N HIS A 961 9.53 20.36 -24.18
CA HIS A 961 10.14 19.54 -23.14
C HIS A 961 11.65 19.69 -23.16
N TYR A 962 12.25 19.74 -24.34
CA TYR A 962 13.70 19.97 -24.39
C TYR A 962 14.07 21.32 -23.79
N PHE A 963 13.34 22.37 -24.17
CA PHE A 963 13.68 23.69 -23.63
C PHE A 963 13.36 23.78 -22.13
N TRP A 964 12.35 23.04 -21.67
CA TRP A 964 12.04 23.03 -20.24
C TRP A 964 13.11 22.31 -19.44
N GLU A 965 13.63 21.21 -19.97
CA GLU A 965 14.76 20.57 -19.31
C GLU A 965 15.95 21.50 -19.24
N LEU A 966 16.23 22.22 -20.34
CA LEU A 966 17.31 23.20 -20.30
C LEU A 966 17.06 24.28 -19.25
N LEU A 967 15.83 24.79 -19.17
CA LEU A 967 15.52 25.85 -18.21
C LEU A 967 15.67 25.37 -16.78
N GLU A 968 15.10 24.21 -16.46
CA GLU A 968 15.21 23.71 -15.10
C GLU A 968 16.63 23.35 -14.75
N GLY A 969 17.45 22.94 -15.73
CA GLY A 969 18.85 22.75 -15.48
C GLY A 969 19.56 24.06 -15.15
N CYS A 970 19.22 25.12 -15.87
CA CYS A 970 19.79 26.43 -15.58
C CYS A 970 19.25 27.03 -14.30
N LYS A 971 18.15 26.49 -13.76
CA LYS A 971 17.58 27.03 -12.53
C LYS A 971 18.48 26.76 -11.33
N ALA A 972 19.06 25.55 -11.25
CA ALA A 972 19.85 25.18 -10.10
C ALA A 972 21.25 25.75 -10.11
N SER A 973 21.70 26.29 -11.23
CA SER A 973 23.07 26.81 -11.33
C SER A 973 23.25 28.04 -10.46
N GLN A 974 24.52 28.37 -10.20
CA GLN A 974 24.86 29.54 -9.40
C GLN A 974 24.99 30.80 -10.23
N VAL A 975 25.47 30.68 -11.47
CA VAL A 975 25.66 31.82 -12.36
C VAL A 975 24.79 31.63 -13.58
N VAL A 976 24.03 32.67 -13.93
CA VAL A 976 23.12 32.58 -15.08
C VAL A 976 23.94 32.59 -16.36
N ASP A 977 23.59 31.69 -17.28
CA ASP A 977 24.21 31.64 -18.60
C ASP A 977 23.36 32.48 -19.54
N ALA A 978 23.96 33.53 -20.12
CA ALA A 978 23.21 34.43 -20.98
C ALA A 978 22.66 33.72 -22.20
N HIS A 979 23.45 32.84 -22.80
CA HIS A 979 23.02 32.17 -24.03
C HIS A 979 21.81 31.29 -23.78
N ALA A 980 21.82 30.51 -22.69
CA ALA A 980 20.69 29.64 -22.40
C ALA A 980 19.43 30.43 -22.12
N ILE A 981 19.57 31.54 -21.38
CA ILE A 981 18.42 32.40 -21.11
C ILE A 981 17.87 32.98 -22.41
N LEU A 982 18.76 33.40 -23.31
CA LEU A 982 18.32 33.93 -24.60
C LEU A 982 17.56 32.88 -25.39
N LYS A 983 18.07 31.65 -25.43
CA LYS A 983 17.38 30.57 -26.11
C LYS A 983 15.98 30.35 -25.55
N ILE A 984 15.89 30.24 -24.22
CA ILE A 984 14.61 29.98 -23.58
C ILE A 984 13.65 31.12 -23.86
N ARG A 985 14.15 32.36 -23.83
CA ARG A 985 13.31 33.51 -24.08
C ARG A 985 12.75 33.50 -25.50
N LYS A 986 13.59 33.20 -26.50
CA LYS A 986 13.09 33.20 -27.86
C LYS A 986 12.05 32.09 -28.07
N PHE A 987 12.30 30.90 -27.53
CA PHE A 987 11.31 29.85 -27.66
C PHE A 987 10.03 30.21 -26.92
N ALA A 988 10.14 30.91 -25.78
CA ALA A 988 8.95 31.33 -25.06
C ALA A 988 8.14 32.33 -25.88
N GLU A 989 8.81 33.25 -26.56
CA GLU A 989 8.09 34.20 -27.42
C GLU A 989 7.33 33.46 -28.52
N VAL A 990 7.99 32.48 -29.14
CA VAL A 990 7.32 31.70 -30.18
C VAL A 990 6.11 30.98 -29.61
N LEU A 991 6.27 30.35 -28.45
CA LEU A 991 5.18 29.60 -27.85
C LEU A 991 4.01 30.51 -27.48
N ALA A 992 4.31 31.70 -26.96
CA ALA A 992 3.25 32.64 -26.64
C ALA A 992 2.48 33.04 -27.89
N SER A 993 3.20 33.27 -29.00
CA SER A 993 2.51 33.66 -30.23
C SER A 993 1.62 32.54 -30.75
N ILE A 994 2.06 31.28 -30.62
CA ILE A 994 1.30 30.16 -31.19
C ILE A 994 0.34 29.47 -30.21
N LEU A 995 0.25 29.93 -28.96
CA LEU A 995 -0.55 29.20 -27.98
C LEU A 995 -2.02 29.09 -28.36
N ASP A 996 -2.59 30.14 -28.94
CA ASP A 996 -4.03 30.12 -29.21
C ASP A 996 -4.42 29.17 -30.33
N LYS A 997 -3.49 28.44 -30.93
CA LYS A 997 -3.80 27.57 -32.07
C LYS A 997 -3.67 26.09 -31.75
N ILE A 998 -2.85 25.72 -30.77
CA ILE A 998 -2.57 24.30 -30.52
C ILE A 998 -3.72 23.59 -29.84
N THR A 999 -4.73 24.32 -29.35
CA THR A 999 -5.84 23.67 -28.65
C THR A 999 -6.61 22.76 -29.58
N PHE A 1000 -6.77 23.17 -30.84
CA PHE A 1000 -7.62 22.44 -31.78
C PHE A 1000 -7.08 21.05 -32.10
N TRP A 1001 -5.79 20.85 -32.00
CA TRP A 1001 -5.13 19.68 -32.60
C TRP A 1001 -5.29 18.35 -31.86
N PRO A 1002 -5.33 18.31 -30.52
CA PRO A 1002 -5.48 17.01 -29.84
C PRO A 1002 -6.66 16.20 -30.37
N ASN A 1003 -6.39 14.93 -30.65
CA ASN A 1003 -7.39 14.07 -31.26
C ASN A 1003 -8.37 13.58 -30.20
N PRO A 1004 -9.67 13.82 -30.37
CA PRO A 1004 -10.64 13.28 -29.40
C PRO A 1004 -10.62 11.77 -29.29
N LYS A 1005 -10.40 11.06 -30.41
CA LYS A 1005 -10.36 9.60 -30.37
C LYS A 1005 -9.04 9.05 -29.84
N LEU A 1006 -8.00 9.88 -29.78
CA LEU A 1006 -6.75 9.50 -29.13
C LEU A 1006 -6.82 9.97 -27.68
N HIS A 1007 -5.67 9.98 -26.99
CA HIS A 1007 -5.63 10.36 -25.58
C HIS A 1007 -5.51 11.89 -25.47
N ALA A 1008 -6.64 12.56 -25.72
CA ALA A 1008 -6.65 14.01 -25.69
C ALA A 1008 -6.31 14.56 -24.32
N TYR A 1009 -6.92 14.00 -23.27
CA TYR A 1009 -6.74 14.55 -21.93
C TYR A 1009 -5.30 14.37 -21.43
N TYR A 1010 -4.64 13.29 -21.85
CA TYR A 1010 -3.25 13.09 -21.46
C TYR A 1010 -2.36 14.23 -21.94
N TYR A 1011 -2.50 14.62 -23.20
CA TYR A 1011 -1.67 15.70 -23.72
C TYR A 1011 -2.15 17.05 -23.21
N ILE A 1012 -3.45 17.20 -22.98
CA ILE A 1012 -3.94 18.41 -22.32
C ILE A 1012 -3.24 18.60 -20.99
N ALA A 1013 -3.12 17.54 -20.20
CA ALA A 1013 -2.38 17.62 -18.95
C ALA A 1013 -0.89 17.87 -19.19
N GLN A 1014 -0.34 17.24 -20.23
CA GLN A 1014 1.07 17.39 -20.56
C GLN A 1014 1.42 18.81 -21.00
N PHE A 1015 0.43 19.63 -21.28
CA PHE A 1015 0.65 21.03 -21.63
C PHE A 1015 1.29 21.84 -20.51
N LEU A 1016 1.62 21.21 -19.38
CA LEU A 1016 2.09 21.95 -18.22
C LEU A 1016 3.45 22.61 -18.46
N GLU A 1017 4.38 21.89 -19.08
CA GLU A 1017 5.72 22.44 -19.29
C GLU A 1017 5.75 23.70 -20.15
N PRO A 1018 5.08 23.74 -21.32
CA PRO A 1018 5.09 24.99 -22.08
C PRO A 1018 4.59 26.18 -21.30
N LEU A 1019 3.52 26.01 -20.51
CA LEU A 1019 3.02 27.11 -19.71
C LEU A 1019 4.01 27.51 -18.65
N GLU A 1020 4.71 26.55 -18.05
CA GLU A 1020 5.72 26.87 -17.05
C GLU A 1020 6.83 27.72 -17.64
N THR A 1021 7.34 27.34 -18.82
CA THR A 1021 8.43 28.12 -19.39
C THR A 1021 7.95 29.45 -19.95
N ILE A 1022 6.69 29.54 -20.37
CA ILE A 1022 6.14 30.84 -20.77
C ILE A 1022 6.06 31.77 -19.56
N PHE A 1023 5.56 31.27 -18.44
CA PHE A 1023 5.35 32.10 -17.27
C PHE A 1023 6.62 32.33 -16.47
N HIS A 1024 7.73 31.67 -16.81
CA HIS A 1024 9.00 31.99 -16.16
C HIS A 1024 9.37 33.45 -16.36
N PHE A 1025 8.99 34.03 -17.50
CA PHE A 1025 9.26 35.44 -17.77
C PHE A 1025 7.99 36.25 -17.56
N PRO A 1026 7.93 37.14 -16.58
CA PRO A 1026 6.71 37.92 -16.37
C PRO A 1026 6.37 38.84 -17.54
N GLU A 1027 7.39 39.33 -18.27
CA GLU A 1027 7.14 40.27 -19.36
C GLU A 1027 6.33 39.62 -20.47
N ILE A 1028 6.67 38.38 -20.83
CA ILE A 1028 5.95 37.68 -21.90
C ILE A 1028 4.50 37.44 -21.51
N ALA A 1029 4.28 37.00 -20.26
CA ALA A 1029 2.91 36.77 -19.81
C ALA A 1029 2.12 38.07 -19.74
N GLU A 1030 2.76 39.17 -19.34
CA GLU A 1030 2.06 40.44 -19.31
C GLU A 1030 1.68 40.91 -20.70
N GLN A 1031 2.60 40.80 -21.66
CA GLN A 1031 2.28 41.23 -23.02
C GLN A 1031 1.27 40.32 -23.71
N ASN A 1032 1.18 39.07 -23.28
CA ASN A 1032 0.25 38.10 -23.86
C ASN A 1032 -0.73 37.67 -22.77
N ARG A 1033 -1.80 38.44 -22.61
CA ARG A 1033 -2.82 38.14 -21.61
C ARG A 1033 -4.08 37.55 -22.22
N LYS A 1034 -4.60 38.16 -23.29
CA LYS A 1034 -5.82 37.66 -23.91
C LYS A 1034 -5.62 36.27 -24.49
N VAL A 1035 -4.45 36.03 -25.08
CA VAL A 1035 -4.17 34.73 -25.69
C VAL A 1035 -4.24 33.63 -24.63
N ILE A 1036 -3.62 33.87 -23.47
CA ILE A 1036 -3.59 32.86 -22.41
C ILE A 1036 -4.99 32.59 -21.90
N GLU A 1037 -5.78 33.64 -21.68
CA GLU A 1037 -7.13 33.46 -21.18
C GLU A 1037 -7.98 32.68 -22.17
N SER A 1038 -7.89 33.00 -23.46
CA SER A 1038 -8.66 32.24 -24.44
C SER A 1038 -8.20 30.80 -24.51
N PHE A 1039 -6.89 30.58 -24.41
CA PHE A 1039 -6.35 29.23 -24.37
C PHE A 1039 -6.99 28.42 -23.25
N PHE A 1040 -7.01 28.99 -22.05
CA PHE A 1040 -7.56 28.26 -20.91
C PHE A 1040 -9.07 28.08 -21.03
N LYS A 1041 -9.76 29.05 -21.61
CA LYS A 1041 -11.20 28.92 -21.78
C LYS A 1041 -11.54 27.75 -22.71
N GLN A 1042 -10.84 27.65 -23.84
CA GLN A 1042 -11.07 26.50 -24.72
C GLN A 1042 -10.65 25.19 -24.06
N LEU A 1043 -9.55 25.23 -23.29
CA LEU A 1043 -9.10 24.05 -22.56
C LEU A 1043 -10.20 23.53 -21.65
N PHE A 1044 -10.83 24.43 -20.90
CA PHE A 1044 -11.93 24.03 -20.02
C PHE A 1044 -13.13 23.56 -20.82
N ASP A 1045 -13.45 24.25 -21.92
CA ASP A 1045 -14.59 23.84 -22.74
C ASP A 1045 -14.43 22.41 -23.23
N LYS A 1046 -13.19 21.97 -23.43
CA LYS A 1046 -12.95 20.61 -23.87
C LYS A 1046 -13.44 19.57 -22.87
N LEU A 1047 -13.57 19.92 -21.59
CA LEU A 1047 -13.91 18.94 -20.57
C LEU A 1047 -15.37 18.52 -20.64
N LEU A 1048 -16.25 19.38 -21.13
CA LEU A 1048 -17.67 19.09 -21.21
C LEU A 1048 -18.15 18.77 -22.62
N GLU A 1049 -17.26 18.77 -23.61
CA GLU A 1049 -17.67 18.48 -24.98
C GLU A 1049 -18.08 17.02 -25.11
N GLN A 1050 -19.17 16.79 -25.85
CA GLN A 1050 -19.73 15.45 -25.95
C GLN A 1050 -18.81 14.50 -26.72
N LYS A 1051 -18.26 14.96 -27.85
CA LYS A 1051 -17.45 14.07 -28.68
C LYS A 1051 -16.18 13.64 -27.95
N TYR A 1052 -15.56 14.56 -27.19
CA TYR A 1052 -14.37 14.20 -26.44
C TYR A 1052 -14.67 13.13 -25.40
N GLN A 1053 -15.77 13.28 -24.65
CA GLN A 1053 -16.12 12.28 -23.65
C GLN A 1053 -16.44 10.95 -24.30
N GLU A 1054 -17.16 10.96 -25.41
CA GLU A 1054 -17.47 9.70 -26.09
C GLU A 1054 -16.21 9.02 -26.60
N GLY A 1055 -15.28 9.79 -27.16
CA GLY A 1055 -14.03 9.21 -27.61
C GLY A 1055 -13.22 8.63 -26.48
N LEU A 1056 -13.20 9.31 -25.34
CA LEU A 1056 -12.50 8.78 -24.17
C LEU A 1056 -13.15 7.50 -23.67
N LEU A 1057 -14.49 7.45 -23.66
CA LEU A 1057 -15.19 6.24 -23.25
C LEU A 1057 -14.86 5.08 -24.18
N GLN A 1058 -14.79 5.35 -25.48
CA GLN A 1058 -14.52 4.29 -26.44
C GLN A 1058 -13.05 3.87 -26.44
N ASP A 1059 -12.17 4.63 -25.78
CA ASP A 1059 -10.75 4.30 -25.78
C ASP A 1059 -10.51 2.95 -25.12
N THR A 1060 -9.55 2.20 -25.65
CA THR A 1060 -9.25 0.87 -25.15
C THR A 1060 -8.29 0.88 -23.97
N LYS A 1061 -7.65 2.00 -23.67
CA LYS A 1061 -6.77 2.09 -22.52
C LYS A 1061 -7.48 2.54 -21.25
N LEU A 1062 -8.76 2.88 -21.34
CA LEU A 1062 -9.55 3.23 -20.15
C LEU A 1062 -10.23 1.95 -19.67
N ILE A 1063 -9.64 1.31 -18.68
CA ILE A 1063 -10.16 0.08 -18.10
C ILE A 1063 -10.40 0.31 -16.61
N ILE A 1064 -11.56 -0.13 -16.13
CA ILE A 1064 -11.98 0.09 -14.75
C ILE A 1064 -11.73 -1.18 -13.95
N GLN A 1065 -11.07 -1.04 -12.81
CA GLN A 1065 -10.75 -2.19 -11.98
C GLN A 1065 -12.04 -2.83 -11.45
N LYS A 1066 -12.00 -4.15 -11.30
CA LYS A 1066 -13.13 -4.90 -10.77
C LYS A 1066 -12.58 -5.96 -9.83
N THR A 1067 -12.99 -5.92 -8.56
CA THR A 1067 -12.55 -6.88 -7.56
C THR A 1067 -13.72 -7.75 -7.12
N ASP A 1068 -13.41 -8.74 -6.28
CA ASP A 1068 -14.43 -9.70 -5.87
C ASP A 1068 -15.33 -9.14 -4.78
N LYS A 1069 -14.79 -8.34 -3.86
CA LYS A 1069 -15.61 -7.77 -2.80
C LYS A 1069 -16.33 -6.51 -3.28
N TYR A 1070 -15.59 -5.50 -3.73
CA TYR A 1070 -16.15 -4.35 -4.41
C TYR A 1070 -16.29 -4.70 -5.88
N LEU A 1071 -17.50 -5.05 -6.32
CA LEU A 1071 -17.67 -5.51 -7.70
C LEU A 1071 -17.11 -4.49 -8.68
N SER A 1072 -17.68 -3.29 -8.69
CA SER A 1072 -17.07 -2.19 -9.43
C SER A 1072 -17.21 -0.85 -8.71
N SER A 1073 -17.74 -0.84 -7.48
CA SER A 1073 -18.10 0.40 -6.83
C SER A 1073 -16.91 1.32 -6.56
N SER A 1074 -15.70 0.77 -6.55
CA SER A 1074 -14.54 1.59 -6.23
C SER A 1074 -14.25 2.61 -7.32
N LEU A 1075 -14.64 2.32 -8.56
CA LEU A 1075 -14.41 3.19 -9.71
C LEU A 1075 -12.93 3.57 -9.84
N ASN A 1076 -12.06 2.58 -9.71
CA ASN A 1076 -10.62 2.81 -9.83
C ASN A 1076 -10.21 2.66 -11.29
N LEU A 1077 -9.37 3.59 -11.76
CA LEU A 1077 -8.93 3.58 -13.15
C LEU A 1077 -7.42 3.76 -13.30
N PHE A 1078 -6.67 3.82 -12.20
CA PHE A 1078 -5.24 4.07 -12.24
C PHE A 1078 -4.49 2.90 -11.64
N ASN A 1079 -3.51 2.39 -12.40
CA ASN A 1079 -2.62 1.33 -11.93
C ASN A 1079 -1.24 1.93 -11.76
N GLU A 1080 -0.74 1.94 -10.51
CA GLU A 1080 0.54 2.57 -10.24
C GLU A 1080 1.71 1.79 -10.82
N TYR A 1081 1.48 0.56 -11.26
CA TYR A 1081 2.54 -0.31 -11.76
C TYR A 1081 2.44 -0.59 -13.25
N ASN A 1082 1.65 0.18 -13.99
CA ASN A 1082 1.54 0.03 -15.43
C ASN A 1082 2.59 0.91 -16.09
N THR A 1083 3.40 0.31 -16.96
CA THR A 1083 4.52 1.01 -17.59
C THR A 1083 4.20 1.58 -18.95
N GLN A 1084 2.94 1.51 -19.40
CA GLN A 1084 2.58 2.02 -20.72
C GLN A 1084 2.66 3.53 -20.76
N GLU A 1085 2.70 4.07 -21.98
CA GLU A 1085 2.78 5.54 -22.12
C GLU A 1085 1.58 6.27 -21.53
N PRO A 1086 0.32 5.91 -21.82
CA PRO A 1086 -0.79 6.65 -21.16
C PRO A 1086 -1.03 6.12 -19.74
N SER A 1087 -0.17 6.53 -18.83
CA SER A 1087 -0.31 6.11 -17.43
C SER A 1087 -1.58 6.67 -16.81
N LYS A 1088 -1.83 7.97 -17.02
CA LYS A 1088 -3.04 8.64 -16.53
C LYS A 1088 -3.85 9.05 -17.75
N ILE A 1089 -4.82 8.21 -18.12
CA ILE A 1089 -5.65 8.52 -19.28
C ILE A 1089 -6.56 9.71 -19.01
N TYR A 1090 -7.01 9.87 -17.76
CA TYR A 1090 -8.00 10.88 -17.39
C TYR A 1090 -7.49 11.71 -16.22
N PRO A 1091 -6.48 12.54 -16.43
CA PRO A 1091 -5.93 13.34 -15.32
C PRO A 1091 -6.63 14.69 -15.17
N VAL A 1092 -7.87 14.65 -14.68
CA VAL A 1092 -8.64 15.88 -14.50
C VAL A 1092 -8.01 16.75 -13.41
N ASN A 1093 -7.47 16.12 -12.36
CA ASN A 1093 -6.89 16.87 -11.26
C ASN A 1093 -5.69 17.69 -11.71
N GLU A 1094 -4.84 17.13 -12.57
CA GLU A 1094 -3.68 17.87 -13.05
C GLU A 1094 -4.11 19.06 -13.89
N ILE A 1095 -5.13 18.89 -14.73
CA ILE A 1095 -5.63 19.99 -15.54
C ILE A 1095 -6.17 21.11 -14.65
N PHE A 1096 -6.96 20.75 -13.64
CA PHE A 1096 -7.51 21.76 -12.76
C PHE A 1096 -6.42 22.43 -11.94
N SER A 1097 -5.39 21.69 -11.55
CA SER A 1097 -4.27 22.29 -10.84
C SER A 1097 -3.54 23.29 -11.73
N LEU A 1098 -3.40 22.98 -13.01
CA LEU A 1098 -2.82 23.94 -13.94
C LEU A 1098 -3.69 25.19 -14.06
N PHE A 1099 -5.02 25.01 -14.15
CA PHE A 1099 -5.93 26.14 -14.20
C PHE A 1099 -5.77 27.02 -12.96
N CYS A 1100 -5.69 26.40 -11.79
CA CYS A 1100 -5.53 27.16 -10.56
C CYS A 1100 -4.19 27.87 -10.53
N ARG A 1101 -3.14 27.21 -11.02
CA ARG A 1101 -1.80 27.80 -10.92
C ARG A 1101 -1.64 29.02 -11.81
N TYR A 1102 -2.08 28.93 -13.07
CA TYR A 1102 -1.77 30.00 -14.02
C TYR A 1102 -2.98 30.75 -14.54
N GLY A 1103 -4.20 30.31 -14.24
CA GLY A 1103 -5.37 31.02 -14.72
C GLY A 1103 -5.53 32.36 -14.06
N SER A 1104 -6.13 33.29 -14.78
CA SER A 1104 -6.42 34.61 -14.24
C SER A 1104 -7.88 34.67 -13.80
N GLU A 1105 -8.33 35.87 -13.41
CA GLU A 1105 -9.67 36.01 -12.85
C GLU A 1105 -10.74 35.64 -13.87
N ASN A 1106 -10.56 36.04 -15.13
CA ASN A 1106 -11.56 35.76 -16.14
C ASN A 1106 -11.72 34.25 -16.37
N VAL A 1107 -10.60 33.52 -16.33
CA VAL A 1107 -10.67 32.07 -16.45
C VAL A 1107 -11.52 31.48 -15.34
N HIS A 1108 -11.30 31.95 -14.11
CA HIS A 1108 -12.05 31.44 -12.98
C HIS A 1108 -13.54 31.77 -13.10
N LEU A 1109 -13.85 32.98 -13.57
CA LEU A 1109 -15.25 33.36 -13.78
C LEU A 1109 -15.92 32.43 -14.78
N TYR A 1110 -15.27 32.19 -15.91
CA TYR A 1110 -15.85 31.29 -16.92
C TYR A 1110 -16.04 29.89 -16.37
N CYS A 1111 -15.04 29.37 -15.65
CA CYS A 1111 -15.14 28.02 -15.11
C CYS A 1111 -16.28 27.92 -14.11
N LEU A 1112 -16.44 28.94 -13.26
CA LEU A 1112 -17.51 28.92 -12.28
C LEU A 1112 -18.88 28.93 -12.95
N LYS A 1113 -19.05 29.77 -13.97
CA LYS A 1113 -20.34 29.79 -14.67
C LYS A 1113 -20.64 28.43 -15.30
N MET A 1114 -19.63 27.83 -15.95
CA MET A 1114 -19.86 26.54 -16.60
C MET A 1114 -20.19 25.45 -15.58
N ILE A 1115 -19.51 25.45 -14.43
CA ILE A 1115 -19.81 24.47 -13.38
C ILE A 1115 -21.22 24.65 -12.87
N LYS A 1116 -21.63 25.90 -12.66
CA LYS A 1116 -22.99 26.17 -12.19
C LYS A 1116 -24.02 25.63 -13.18
N LYS A 1117 -23.76 25.80 -14.48
CA LYS A 1117 -24.71 25.28 -15.46
C LYS A 1117 -24.73 23.76 -15.48
N SER A 1118 -23.58 23.12 -15.30
CA SER A 1118 -23.47 21.68 -15.55
C SER A 1118 -23.69 20.79 -14.33
N LEU A 1119 -23.81 21.37 -13.13
CA LEU A 1119 -23.90 20.56 -11.92
C LEU A 1119 -25.10 19.62 -11.94
N GLN A 1120 -26.27 20.14 -12.30
CA GLN A 1120 -27.49 19.32 -12.27
C GLN A 1120 -27.40 18.14 -13.22
N THR A 1121 -26.94 18.39 -14.46
CA THR A 1121 -26.82 17.31 -15.43
C THR A 1121 -25.81 16.27 -14.97
N LEU A 1122 -24.70 16.71 -14.38
CA LEU A 1122 -23.71 15.75 -13.91
C LEU A 1122 -24.30 14.87 -12.82
N ALA A 1123 -25.02 15.46 -11.86
CA ALA A 1123 -25.61 14.67 -10.79
C ALA A 1123 -26.64 13.68 -11.31
N SER A 1124 -27.47 14.11 -12.28
CA SER A 1124 -28.46 13.21 -12.84
C SER A 1124 -27.79 12.05 -13.58
N ASN A 1125 -26.75 12.35 -14.36
CA ASN A 1125 -26.03 11.29 -15.06
C ASN A 1125 -25.39 10.31 -14.10
N ILE A 1126 -24.86 10.81 -12.97
CA ILE A 1126 -24.33 9.90 -11.94
C ILE A 1126 -25.44 9.00 -11.43
N LEU A 1127 -26.57 9.59 -11.04
CA LEU A 1127 -27.65 8.84 -10.41
C LEU A 1127 -28.34 7.88 -11.36
N GLU A 1128 -28.12 8.03 -12.67
CA GLU A 1128 -28.66 7.06 -13.62
C GLU A 1128 -28.11 5.66 -13.34
N HIS A 1129 -26.88 5.56 -12.83
CA HIS A 1129 -26.22 4.28 -12.56
C HIS A 1129 -26.06 4.02 -11.07
N GLU A 1130 -27.07 4.38 -10.28
CA GLU A 1130 -26.98 4.16 -8.84
C GLU A 1130 -26.93 2.68 -8.50
N HIS A 1131 -27.64 1.85 -9.27
CA HIS A 1131 -27.62 0.41 -9.02
C HIS A 1131 -26.24 -0.20 -9.25
N ILE A 1132 -25.39 0.47 -10.01
CA ILE A 1132 -24.01 0.00 -10.18
C ILE A 1132 -23.05 0.72 -9.25
N LEU A 1133 -23.40 1.92 -8.77
CA LEU A 1133 -22.61 2.56 -7.73
C LEU A 1133 -22.77 1.88 -6.38
N LYS A 1134 -23.82 1.07 -6.23
CA LYS A 1134 -24.09 0.38 -4.98
C LYS A 1134 -23.34 -0.93 -4.86
N GLY A 1135 -22.55 -1.31 -5.86
CA GLY A 1135 -21.75 -2.51 -5.80
C GLY A 1135 -22.55 -3.78 -5.98
N GLU A 1136 -23.63 -3.72 -6.75
CA GLU A 1136 -24.46 -4.88 -7.01
C GLU A 1136 -24.12 -5.59 -8.31
N VAL A 1137 -23.72 -4.85 -9.35
CA VAL A 1137 -23.31 -5.43 -10.62
C VAL A 1137 -22.04 -4.74 -11.09
N CYS A 1138 -21.38 -5.36 -12.06
CA CYS A 1138 -20.12 -4.85 -12.57
C CYS A 1138 -20.36 -4.00 -13.83
N ILE A 1139 -19.30 -3.49 -14.42
CA ILE A 1139 -19.38 -2.61 -15.58
C ILE A 1139 -19.07 -3.42 -16.83
N GLU A 1140 -20.00 -3.45 -17.78
CA GLU A 1140 -19.81 -4.17 -19.03
C GLU A 1140 -19.75 -3.24 -20.24
N THR A 1141 -20.81 -2.48 -20.50
CA THR A 1141 -20.93 -1.74 -21.74
C THR A 1141 -20.09 -0.46 -21.70
N GLU A 1142 -19.93 0.16 -22.87
CA GLU A 1142 -19.24 1.45 -22.93
C GLU A 1142 -20.09 2.58 -22.40
N LEU A 1143 -21.42 2.42 -22.40
CA LEU A 1143 -22.27 3.44 -21.80
C LEU A 1143 -22.05 3.53 -20.30
N GLN A 1144 -21.95 2.39 -19.61
CA GLN A 1144 -21.80 2.39 -18.16
C GLN A 1144 -20.49 3.01 -17.71
N LYS A 1145 -19.43 2.91 -18.50
CA LYS A 1145 -18.20 3.62 -18.18
C LYS A 1145 -18.41 5.11 -18.02
N ARG A 1146 -19.44 5.67 -18.67
CA ARG A 1146 -19.72 7.09 -18.51
C ARG A 1146 -19.83 7.46 -17.04
N LEU A 1147 -20.35 6.54 -16.21
CA LEU A 1147 -20.47 6.80 -14.79
C LEU A 1147 -19.15 7.30 -14.21
N VAL A 1148 -18.06 6.57 -14.48
CA VAL A 1148 -16.78 6.99 -13.94
C VAL A 1148 -16.42 8.36 -14.46
N CYS A 1149 -16.56 8.58 -15.77
CA CYS A 1149 -16.21 9.87 -16.37
C CYS A 1149 -17.03 10.99 -15.76
N ASP A 1150 -18.17 10.68 -15.16
CA ASP A 1150 -18.90 11.69 -14.41
C ASP A 1150 -18.33 11.90 -13.02
N ALA A 1151 -18.20 10.82 -12.24
CA ALA A 1151 -17.92 10.97 -10.82
C ALA A 1151 -16.65 11.78 -10.61
N VAL A 1152 -15.54 11.35 -11.23
CA VAL A 1152 -14.28 12.08 -11.09
C VAL A 1152 -14.49 13.54 -11.44
N LEU A 1153 -15.12 13.80 -12.59
CA LEU A 1153 -15.35 15.18 -12.99
C LEU A 1153 -16.09 15.93 -11.90
N LEU A 1154 -17.23 15.39 -11.45
CA LEU A 1154 -17.99 16.05 -10.41
C LEU A 1154 -17.11 16.34 -9.21
N THR A 1155 -16.36 15.33 -8.75
CA THR A 1155 -15.49 15.52 -7.60
C THR A 1155 -14.59 16.72 -7.81
N GLU A 1156 -13.89 16.75 -8.94
CA GLU A 1156 -12.95 17.83 -9.17
C GLU A 1156 -13.64 19.17 -9.13
N PHE A 1157 -14.83 19.27 -9.75
CA PHE A 1157 -15.53 20.54 -9.74
C PHE A 1157 -15.67 21.04 -8.31
N PHE A 1158 -16.22 20.20 -7.42
CA PHE A 1158 -16.41 20.63 -6.05
C PHE A 1158 -15.08 21.03 -5.43
N GLY A 1159 -14.05 20.21 -5.61
CA GLY A 1159 -12.77 20.54 -5.04
C GLY A 1159 -12.30 21.89 -5.50
N TYR A 1160 -12.38 22.13 -6.81
CA TYR A 1160 -11.99 23.42 -7.36
C TYR A 1160 -12.71 24.54 -6.64
N PHE A 1161 -14.04 24.41 -6.52
CA PHE A 1161 -14.81 25.45 -5.86
C PHE A 1161 -14.23 25.74 -4.49
N SER A 1162 -14.05 24.69 -3.68
CA SER A 1162 -13.55 24.89 -2.33
C SER A 1162 -12.25 25.66 -2.35
N CYS A 1163 -11.32 25.25 -3.22
CA CYS A 1163 -10.02 25.91 -3.24
C CYS A 1163 -10.17 27.40 -3.53
N ILE A 1164 -10.96 27.75 -4.54
CA ILE A 1164 -11.08 29.16 -4.89
C ILE A 1164 -11.70 29.93 -3.74
N TYR A 1165 -12.62 29.29 -3.01
CA TYR A 1165 -13.19 29.94 -1.85
C TYR A 1165 -12.11 30.31 -0.86
N ALA A 1166 -11.23 29.36 -0.53
CA ALA A 1166 -10.19 29.62 0.45
C ALA A 1166 -9.24 30.70 -0.03
N GLN A 1167 -9.25 31.00 -1.32
CA GLN A 1167 -8.34 32.02 -1.83
C GLN A 1167 -8.99 33.40 -1.79
N VAL A 1168 -10.32 33.47 -1.86
CA VAL A 1168 -10.96 34.77 -2.02
C VAL A 1168 -11.68 35.26 -0.77
N SER A 1169 -12.00 34.36 0.16
CA SER A 1169 -12.72 34.73 1.36
C SER A 1169 -11.85 34.51 2.59
N GLU A 1170 -11.79 35.52 3.45
CA GLU A 1170 -11.00 35.48 4.69
C GLU A 1170 -11.94 35.79 5.85
N ASN A 1171 -12.35 34.75 6.57
CA ASN A 1171 -13.17 34.90 7.76
C ASN A 1171 -12.43 34.42 9.01
N GLN A 1172 -12.00 33.16 9.04
CA GLN A 1172 -11.30 32.54 10.17
C GLN A 1172 -12.03 32.83 11.48
N PRO A 1173 -13.19 32.23 11.72
CA PRO A 1173 -13.93 32.51 12.97
C PRO A 1173 -13.15 32.13 14.22
N SER A 1174 -12.33 31.08 14.17
CA SER A 1174 -11.46 30.60 15.23
C SER A 1174 -12.22 30.03 16.42
N GLU A 1175 -13.55 30.12 16.45
CA GLU A 1175 -14.31 29.58 17.56
C GLU A 1175 -14.63 28.11 17.39
N HIS A 1176 -14.98 27.70 16.18
CA HIS A 1176 -15.19 26.28 15.90
C HIS A 1176 -13.89 25.50 16.07
N ASP A 1177 -12.78 26.07 15.60
CA ASP A 1177 -11.48 25.47 15.86
C ASP A 1177 -11.17 25.43 17.35
N ASP A 1178 -11.55 26.49 18.08
CA ASP A 1178 -11.31 26.49 19.52
C ASP A 1178 -12.07 25.36 20.21
N VAL A 1179 -13.33 25.16 19.84
CA VAL A 1179 -14.10 24.08 20.45
C VAL A 1179 -13.50 22.72 20.09
N ALA A 1180 -13.15 22.54 18.81
CA ALA A 1180 -12.60 21.27 18.37
C ALA A 1180 -11.27 20.97 19.05
N LYS A 1181 -10.46 22.00 19.30
CA LYS A 1181 -9.18 21.78 19.99
C LYS A 1181 -9.39 21.52 21.47
N ALA A 1182 -10.29 22.28 22.12
CA ALA A 1182 -10.51 22.11 23.54
C ALA A 1182 -11.05 20.72 23.85
N PHE A 1183 -12.05 20.27 23.11
CA PHE A 1183 -12.64 18.98 23.37
C PHE A 1183 -11.99 17.85 22.59
N MET A 1184 -10.95 18.15 21.81
CA MET A 1184 -10.20 17.18 21.02
C MET A 1184 -11.13 16.18 20.33
N LEU A 1185 -11.97 16.73 19.46
CA LEU A 1185 -12.90 15.93 18.68
C LEU A 1185 -12.29 15.39 17.40
N LEU A 1186 -11.10 15.86 17.03
CA LEU A 1186 -10.44 15.47 15.80
C LEU A 1186 -9.29 14.51 16.10
N ASP A 1187 -9.22 13.42 15.34
CA ASP A 1187 -8.27 12.36 15.65
C ASP A 1187 -6.82 12.83 15.48
N SER A 1188 -6.53 13.60 14.44
CA SER A 1188 -5.18 14.10 14.25
C SER A 1188 -4.75 14.99 15.41
N ASP A 1189 -5.65 15.87 15.88
CA ASP A 1189 -5.33 16.69 17.04
C ASP A 1189 -5.15 15.84 18.29
N ILE A 1190 -5.92 14.76 18.42
CA ILE A 1190 -5.77 13.87 19.56
C ILE A 1190 -4.37 13.25 19.55
N HIS A 1191 -3.93 12.77 18.39
CA HIS A 1191 -2.61 12.16 18.30
C HIS A 1191 -1.51 13.21 18.44
N LEU A 1192 -1.81 14.47 18.14
CA LEU A 1192 -0.83 15.54 18.35
C LEU A 1192 -0.69 15.89 19.83
N LYS A 1193 -1.81 15.97 20.55
CA LYS A 1193 -1.81 16.41 21.95
C LYS A 1193 -1.61 15.26 22.93
N THR A 1194 -1.51 14.02 22.46
CA THR A 1194 -1.32 12.89 23.36
C THR A 1194 0.13 12.42 23.36
N LYS A 1313 2.38 21.48 8.81
CA LYS A 1313 0.95 21.49 9.04
C LYS A 1313 0.27 20.28 8.39
N ILE A 1314 -1.04 20.16 8.60
CA ILE A 1314 -1.78 19.06 7.99
C ILE A 1314 -2.08 19.40 6.54
N ARG A 1315 -2.05 18.38 5.68
CA ARG A 1315 -2.28 18.55 4.26
C ARG A 1315 -3.72 18.16 3.91
N ASN A 1316 -4.40 19.03 3.16
CA ASN A 1316 -5.77 18.77 2.75
C ASN A 1316 -5.83 17.79 1.59
N VAL A 1317 -7.03 17.28 1.31
CA VAL A 1317 -7.21 16.36 0.19
C VAL A 1317 -7.00 17.09 -1.13
N PHE A 1318 -7.58 18.28 -1.27
CA PHE A 1318 -7.43 19.09 -2.46
C PHE A 1318 -6.46 20.22 -2.18
N GLU A 1319 -5.39 20.31 -2.97
CA GLU A 1319 -4.36 21.32 -2.80
C GLU A 1319 -4.05 21.95 -4.15
N HIS A 1320 -4.55 23.17 -4.37
CA HIS A 1320 -4.25 23.94 -5.56
C HIS A 1320 -3.68 25.28 -5.14
N ARG A 1321 -2.66 25.75 -5.86
CA ARG A 1321 -2.06 27.04 -5.59
C ARG A 1321 -2.43 28.03 -6.68
N PHE A 1322 -2.49 29.31 -6.31
CA PHE A 1322 -2.82 30.38 -7.23
C PHE A 1322 -1.68 31.38 -7.27
N GLU A 1323 -1.21 31.69 -8.48
CA GLU A 1323 -0.07 32.57 -8.66
C GLU A 1323 -0.34 33.76 -9.57
N ASN A 1324 -1.53 33.87 -10.16
CA ASN A 1324 -1.85 34.93 -11.10
C ASN A 1324 -3.20 35.56 -10.78
N LEU A 1325 -3.49 35.75 -9.50
CA LEU A 1325 -4.77 36.32 -9.08
C LEU A 1325 -4.54 37.68 -8.40
N ASN A 1326 -5.42 38.63 -8.69
CA ASN A 1326 -5.34 39.98 -8.15
C ASN A 1326 -6.46 40.20 -7.14
N SER A 1327 -6.10 40.66 -5.95
CA SER A 1327 -7.02 40.76 -4.82
C SER A 1327 -7.83 42.06 -4.84
N ASN A 1328 -7.60 42.96 -5.78
CA ASN A 1328 -8.32 44.22 -5.85
C ASN A 1328 -9.66 44.10 -6.58
N CYS A 1329 -9.95 42.96 -7.19
CA CYS A 1329 -11.16 42.74 -7.96
C CYS A 1329 -11.90 41.51 -7.46
N CYS A 1330 -12.02 41.39 -6.13
CA CYS A 1330 -12.59 40.18 -5.55
C CYS A 1330 -14.11 40.13 -5.69
N ASP A 1331 -14.77 41.29 -5.62
CA ASP A 1331 -16.21 41.34 -5.38
C ASP A 1331 -16.98 40.50 -6.40
N GLU A 1332 -16.73 40.73 -7.69
CA GLU A 1332 -17.50 40.01 -8.71
C GLU A 1332 -17.30 38.50 -8.58
N LEU A 1333 -16.07 38.07 -8.29
CA LEU A 1333 -15.83 36.65 -8.02
C LEU A 1333 -16.82 36.14 -6.98
N LYS A 1334 -16.93 36.86 -5.87
CA LYS A 1334 -17.87 36.48 -4.82
C LYS A 1334 -19.25 36.25 -5.40
N SER A 1335 -19.70 37.20 -6.24
CA SER A 1335 -21.03 37.07 -6.84
C SER A 1335 -21.18 35.72 -7.51
N ALA A 1336 -20.21 35.36 -8.36
CA ALA A 1336 -20.27 34.08 -9.06
C ALA A 1336 -20.40 32.95 -8.06
N LEU A 1337 -19.55 32.96 -7.02
CA LEU A 1337 -19.61 31.90 -6.03
C LEU A 1337 -21.00 31.80 -5.41
N ASN A 1338 -21.58 32.94 -5.05
CA ASN A 1338 -22.91 32.94 -4.47
C ASN A 1338 -23.89 32.22 -5.39
N ASP A 1339 -23.81 32.51 -6.69
CA ASP A 1339 -24.68 31.86 -7.65
C ASP A 1339 -24.56 30.35 -7.53
N VAL A 1340 -23.31 29.85 -7.53
CA VAL A 1340 -23.09 28.42 -7.44
C VAL A 1340 -23.74 27.88 -6.18
N GLN A 1341 -23.61 28.60 -5.07
CA GLN A 1341 -24.16 28.11 -3.81
C GLN A 1341 -25.66 27.95 -3.91
N GLU A 1342 -26.34 28.90 -4.58
CA GLU A 1342 -27.78 28.77 -4.73
C GLU A 1342 -28.13 27.52 -5.52
N GLU A 1343 -27.29 27.18 -6.50
CA GLU A 1343 -27.53 25.97 -7.29
C GLU A 1343 -27.54 24.73 -6.41
N PHE A 1344 -26.78 24.76 -5.30
CA PHE A 1344 -26.76 23.60 -4.41
C PHE A 1344 -28.13 23.30 -3.83
N LYS A 1345 -28.98 24.31 -3.70
CA LYS A 1345 -30.32 24.07 -3.18
C LYS A 1345 -31.15 23.22 -4.13
N GLU A 1346 -30.83 23.24 -5.43
CA GLU A 1346 -31.63 22.54 -6.42
C GLU A 1346 -31.17 21.12 -6.71
N VAL A 1347 -30.06 20.68 -6.10
CA VAL A 1347 -29.46 19.41 -6.46
C VAL A 1347 -29.19 18.57 -5.22
N GLN A 1348 -29.62 19.05 -4.05
CA GLN A 1348 -29.25 18.37 -2.82
C GLN A 1348 -29.89 17.00 -2.68
N ASP A 1349 -31.09 16.81 -3.23
CA ASP A 1349 -31.73 15.49 -3.13
C ASP A 1349 -30.93 14.42 -3.85
N ASP A 1350 -30.44 14.74 -5.05
CA ASP A 1350 -29.64 13.77 -5.79
C ASP A 1350 -28.32 13.48 -5.06
N LEU A 1351 -27.70 14.51 -4.48
CA LEU A 1351 -26.48 14.29 -3.73
C LEU A 1351 -26.73 13.40 -2.51
N GLU A 1352 -27.84 13.61 -1.81
CA GLU A 1352 -28.17 12.74 -0.69
C GLU A 1352 -28.37 11.31 -1.15
N GLN A 1353 -29.02 11.14 -2.31
CA GLN A 1353 -29.25 9.79 -2.81
C GLN A 1353 -27.93 9.10 -3.13
N ILE A 1354 -26.99 9.81 -3.76
CA ILE A 1354 -25.73 9.15 -4.09
C ILE A 1354 -24.90 8.90 -2.83
N LEU A 1355 -25.01 9.76 -1.83
CA LEU A 1355 -24.34 9.48 -0.55
C LEU A 1355 -24.89 8.20 0.06
N GLU A 1356 -26.21 8.04 0.04
CA GLU A 1356 -26.80 6.80 0.54
C GLU A 1356 -26.30 5.60 -0.24
N ALA A 1357 -26.21 5.72 -1.57
CA ALA A 1357 -25.74 4.61 -2.39
C ALA A 1357 -24.30 4.23 -2.04
N VAL A 1358 -23.43 5.23 -1.89
CA VAL A 1358 -22.03 4.95 -1.59
C VAL A 1358 -21.89 4.30 -0.21
N ASP A 1359 -22.68 4.79 0.76
CA ASP A 1359 -22.64 4.17 2.08
C ASP A 1359 -23.11 2.72 2.03
N PHE A 1360 -24.16 2.45 1.24
CA PHE A 1360 -24.60 1.07 1.06
C PHE A 1360 -23.49 0.21 0.47
N ALA A 1361 -22.76 0.74 -0.51
CA ALA A 1361 -21.67 -0.03 -1.10
C ALA A 1361 -20.57 -0.32 -0.09
N ASN A 1362 -20.20 0.69 0.71
CA ASN A 1362 -19.16 0.50 1.70
C ASN A 1362 -19.57 -0.54 2.74
N GLN A 1363 -20.82 -0.49 3.17
CA GLN A 1363 -21.30 -1.47 4.13
C GLN A 1363 -21.35 -2.87 3.53
N LYS A 1364 -21.75 -2.98 2.27
CA LYS A 1364 -21.85 -4.29 1.64
C LYS A 1364 -20.48 -4.91 1.39
N ALA A 1365 -19.45 -4.09 1.23
CA ALA A 1365 -18.12 -4.61 0.92
C ALA A 1365 -17.56 -5.51 2.03
N LEU A 1366 -18.06 -5.39 3.26
CA LEU A 1366 -17.49 -6.11 4.39
C LEU A 1366 -18.28 -7.36 4.77
N GLN A 1367 -19.24 -7.78 3.95
CA GLN A 1367 -20.05 -8.97 4.24
C GLN A 1367 -19.67 -10.05 3.22
N VAL A 1368 -18.78 -10.95 3.64
CA VAL A 1368 -18.22 -11.93 2.72
C VAL A 1368 -18.46 -13.35 3.21
N THR A 1369 -19.18 -13.48 4.32
CA THR A 1369 -19.39 -14.79 4.91
C THR A 1369 -20.19 -15.71 3.98
N GLU A 1370 -21.24 -15.18 3.36
CA GLU A 1370 -22.10 -16.03 2.54
C GLU A 1370 -21.39 -16.48 1.27
N GLU A 1371 -20.59 -15.59 0.66
CA GLU A 1371 -19.84 -15.97 -0.53
C GLU A 1371 -18.86 -17.10 -0.21
N ARG A 1372 -18.15 -16.98 0.90
CA ARG A 1372 -17.20 -18.03 1.29
C ARG A 1372 -17.92 -19.34 1.60
N LEU A 1373 -19.06 -19.27 2.28
CA LEU A 1373 -19.80 -20.49 2.57
C LEU A 1373 -20.26 -21.17 1.28
N ALA A 1374 -20.74 -20.38 0.31
CA ALA A 1374 -21.17 -20.95 -0.96
C ALA A 1374 -20.00 -21.59 -1.69
N VAL A 1375 -18.85 -20.92 -1.70
CA VAL A 1375 -17.67 -21.47 -2.37
C VAL A 1375 -17.28 -22.81 -1.74
N LEU A 1376 -17.22 -22.84 -0.41
CA LEU A 1376 -16.82 -24.07 0.28
C LEU A 1376 -17.82 -25.19 0.07
N GLU A 1377 -19.12 -24.86 0.07
CA GLU A 1377 -20.13 -25.90 -0.08
C GLU A 1377 -20.22 -26.41 -1.51
N SER A 1378 -19.80 -25.59 -2.48
CA SER A 1378 -19.95 -25.97 -3.88
C SER A 1378 -19.16 -27.20 -4.26
N PHE A 1379 -18.13 -27.56 -3.49
CA PHE A 1379 -17.25 -28.67 -3.82
C PHE A 1379 -17.74 -29.99 -3.25
N ASN A 1380 -18.92 -29.99 -2.64
CA ASN A 1380 -19.43 -31.19 -1.99
C ASN A 1380 -19.68 -32.32 -3.00
N ASP A 1381 -20.20 -31.99 -4.17
CA ASP A 1381 -20.45 -32.96 -5.22
C ASP A 1381 -19.49 -32.69 -6.38
N MET A 1382 -18.75 -33.72 -6.77
CA MET A 1382 -17.74 -33.58 -7.82
C MET A 1382 -18.32 -33.66 -9.22
N ASP A 1383 -19.63 -33.83 -9.36
CA ASP A 1383 -20.25 -33.92 -10.67
C ASP A 1383 -20.49 -32.56 -11.32
N ASP A 1384 -20.41 -31.47 -10.54
CA ASP A 1384 -20.75 -30.14 -11.05
C ASP A 1384 -19.57 -29.19 -10.96
N VAL A 1385 -18.35 -29.71 -11.08
CA VAL A 1385 -17.14 -28.90 -11.00
C VAL A 1385 -16.34 -29.10 -12.28
N ILE A 1386 -15.73 -28.02 -12.75
CA ILE A 1386 -14.92 -28.02 -13.95
C ILE A 1386 -13.60 -27.32 -13.65
N ILE A 1387 -12.69 -27.38 -14.61
CA ILE A 1387 -11.42 -26.65 -14.54
C ILE A 1387 -11.34 -25.76 -15.76
N SER A 1388 -11.14 -24.47 -15.54
CA SER A 1388 -11.09 -23.48 -16.61
C SER A 1388 -9.70 -22.90 -16.71
N GLU A 1389 -9.11 -22.98 -17.91
CA GLU A 1389 -7.82 -22.37 -18.19
C GLU A 1389 -7.95 -21.17 -19.11
N LYS A 1390 -9.15 -20.60 -19.22
CA LYS A 1390 -9.42 -19.51 -20.14
C LYS A 1390 -9.18 -18.14 -19.54
N GLU A 1391 -8.95 -18.05 -18.23
CA GLU A 1391 -8.80 -16.77 -17.56
C GLU A 1391 -7.38 -16.63 -17.03
N LYS A 1392 -6.76 -15.48 -17.31
CA LYS A 1392 -5.40 -15.19 -16.89
C LYS A 1392 -5.49 -14.30 -15.65
N PHE A 1393 -5.51 -14.93 -14.47
CA PHE A 1393 -5.65 -14.20 -13.22
C PHE A 1393 -4.32 -13.93 -12.54
N ILE A 1394 -3.20 -14.24 -13.19
CA ILE A 1394 -1.88 -13.84 -12.71
C ILE A 1394 -1.13 -13.22 -13.87
N GLU A 1395 -0.55 -12.04 -13.64
CA GLU A 1395 0.22 -11.35 -14.66
C GLU A 1395 1.53 -10.86 -14.07
N PRO A 1396 2.56 -10.72 -14.90
CA PRO A 1396 3.84 -10.22 -14.39
C PRO A 1396 3.72 -8.79 -13.92
N LEU A 1397 4.54 -8.44 -12.92
CA LEU A 1397 4.57 -7.09 -12.38
C LEU A 1397 5.88 -6.38 -12.69
N GLU A 1398 7.02 -6.94 -12.28
CA GLU A 1398 8.27 -6.22 -12.49
C GLU A 1398 9.47 -7.11 -12.15
N SER A 1399 10.53 -6.97 -12.91
CA SER A 1399 11.79 -7.67 -12.63
C SER A 1399 12.77 -6.68 -12.00
N GLY A 1400 13.30 -7.05 -10.83
CA GLY A 1400 14.19 -6.17 -10.10
C GLY A 1400 15.38 -6.91 -9.53
N HIS A 1401 16.36 -6.13 -9.10
CA HIS A 1401 17.62 -6.63 -8.55
C HIS A 1401 17.71 -6.12 -7.11
N PHE A 1402 17.24 -6.93 -6.16
CA PHE A 1402 17.17 -6.52 -4.76
C PHE A 1402 18.07 -7.33 -3.85
N LEU A 1403 17.98 -8.66 -3.90
CA LEU A 1403 18.75 -9.53 -3.01
C LEU A 1403 20.23 -9.52 -3.35
N LYS A 1423 16.20 -32.68 -6.95
CA LYS A 1423 16.47 -31.35 -6.43
C LYS A 1423 15.37 -30.89 -5.49
N ILE A 1424 15.70 -29.96 -4.59
CA ILE A 1424 14.74 -29.37 -3.67
C ILE A 1424 14.68 -27.88 -3.97
N ARG A 1425 13.47 -27.35 -4.16
CA ARG A 1425 13.28 -25.94 -4.42
C ARG A 1425 12.63 -25.19 -3.27
N GLU A 1426 12.49 -25.82 -2.10
CA GLU A 1426 11.93 -25.16 -0.93
C GLU A 1426 13.06 -24.53 -0.12
N LEU A 1427 13.56 -23.40 -0.63
CA LEU A 1427 14.71 -22.74 -0.06
C LEU A 1427 14.41 -21.34 0.46
N SER A 1428 13.16 -20.91 0.44
CA SER A 1428 12.84 -19.56 0.90
C SER A 1428 11.38 -19.50 1.33
N ASP A 1429 11.11 -18.65 2.32
CA ASP A 1429 9.74 -18.45 2.78
C ASP A 1429 9.64 -17.12 3.51
N ILE A 1430 8.41 -16.79 3.92
CA ILE A 1430 8.10 -15.49 4.50
C ILE A 1430 7.36 -15.67 5.82
N ILE A 1431 7.54 -14.67 6.70
CA ILE A 1431 6.83 -14.61 7.97
C ILE A 1431 6.36 -13.17 8.17
N LYS A 1432 5.16 -13.03 8.74
CA LYS A 1432 4.57 -11.73 9.02
C LYS A 1432 4.89 -11.30 10.44
N LEU A 1433 5.01 -9.99 10.63
CA LEU A 1433 5.27 -9.42 11.94
C LEU A 1433 4.06 -8.62 12.39
N ASP A 1434 4.07 -8.23 13.66
CA ASP A 1434 2.91 -7.55 14.24
C ASP A 1434 2.70 -6.17 13.62
N ASP A 1435 3.78 -5.41 13.46
CA ASP A 1435 3.64 -4.04 12.97
C ASP A 1435 3.57 -3.95 11.46
N GLY A 1436 3.38 -5.06 10.76
CA GLY A 1436 3.23 -5.06 9.32
C GLY A 1436 4.50 -5.34 8.53
N THR A 1437 5.66 -5.26 9.18
CA THR A 1437 6.91 -5.57 8.49
C THR A 1437 6.97 -7.05 8.18
N GLU A 1438 7.82 -7.42 7.20
CA GLU A 1438 7.90 -8.80 6.75
C GLU A 1438 9.33 -9.32 6.90
N LEU A 1439 9.44 -10.61 7.21
CA LEU A 1439 10.73 -11.28 7.39
C LEU A 1439 10.85 -12.41 6.37
N LEU A 1440 11.88 -12.34 5.53
CA LEU A 1440 12.14 -13.34 4.51
C LEU A 1440 13.30 -14.21 4.98
N VAL A 1441 13.07 -15.52 5.04
CA VAL A 1441 14.08 -16.47 5.44
C VAL A 1441 14.51 -17.27 4.21
N LEU A 1442 15.83 -17.42 4.03
CA LEU A 1442 16.31 -18.17 2.88
C LEU A 1442 17.63 -18.85 3.21
N ILE A 1443 17.99 -19.81 2.35
CA ILE A 1443 19.15 -20.66 2.48
C ILE A 1443 20.21 -20.16 1.50
N PRO A 1444 21.33 -19.62 1.96
CA PRO A 1444 22.33 -19.11 1.02
C PRO A 1444 23.07 -20.23 0.32
N GLU A 1445 23.65 -19.89 -0.82
CA GLU A 1445 24.42 -20.84 -1.62
C GLU A 1445 25.89 -20.87 -1.26
N SER A 1446 26.49 -19.71 -0.94
CA SER A 1446 27.92 -19.66 -0.65
C SER A 1446 28.25 -20.41 0.63
N ILE A 1447 27.53 -20.13 1.71
CA ILE A 1447 27.73 -20.78 2.99
C ILE A 1447 26.45 -21.50 3.35
N GLN A 1448 26.54 -22.82 3.57
CA GLN A 1448 25.38 -23.62 3.91
C GLN A 1448 25.18 -23.76 5.41
N THR A 1449 26.12 -23.27 6.23
CA THR A 1449 26.01 -23.32 7.68
C THR A 1449 25.50 -22.02 8.28
N CYS A 1450 24.64 -21.29 7.55
CA CYS A 1450 24.01 -20.09 8.09
C CYS A 1450 22.69 -19.90 7.37
N LEU A 1451 21.84 -19.05 7.96
CA LEU A 1451 20.50 -18.79 7.49
C LEU A 1451 20.33 -17.30 7.30
N GLN A 1452 19.84 -16.88 6.13
CA GLN A 1452 19.75 -15.47 5.81
C GLN A 1452 18.36 -14.95 6.12
N LEU A 1453 18.30 -13.86 6.90
CA LEU A 1453 17.07 -13.20 7.28
C LEU A 1453 17.06 -11.80 6.70
N HIS A 1454 15.97 -11.42 6.06
CA HIS A 1454 15.84 -10.09 5.47
C HIS A 1454 14.55 -9.44 5.95
N TYR A 1455 14.67 -8.30 6.61
CA TYR A 1455 13.53 -7.52 7.05
C TYR A 1455 13.21 -6.48 5.99
N MET A 1456 11.96 -6.48 5.52
CA MET A 1456 11.52 -5.54 4.51
C MET A 1456 10.20 -4.89 4.92
N ASP A 1457 10.06 -3.62 4.54
CA ASP A 1457 8.95 -2.74 4.94
C ASP A 1457 8.21 -2.34 3.68
N THR A 1458 7.23 -3.14 3.27
CA THR A 1458 6.52 -2.94 2.01
C THR A 1458 5.10 -2.42 2.20
N ARG A 1459 4.83 -1.76 3.32
CA ARG A 1459 3.49 -1.22 3.56
C ARG A 1459 3.32 0.21 3.06
N THR A 1460 4.39 0.85 2.60
CA THR A 1460 4.29 2.14 1.94
C THR A 1460 4.54 2.08 0.44
N ASN A 1461 5.34 1.11 -0.02
CA ASN A 1461 5.60 0.86 -1.42
C ASN A 1461 6.31 -0.49 -1.54
N LEU A 1462 5.89 -1.30 -2.49
CA LEU A 1462 6.51 -2.61 -2.67
C LEU A 1462 7.94 -2.47 -3.16
N ILE A 1463 8.15 -1.68 -4.23
CA ILE A 1463 9.46 -1.59 -4.84
C ILE A 1463 10.45 -0.92 -3.89
N GLN A 1464 10.06 0.21 -3.33
CA GLN A 1464 10.95 0.91 -2.39
C GLN A 1464 11.18 0.07 -1.14
N GLY A 1465 10.16 -0.65 -0.69
CA GLY A 1465 10.32 -1.49 0.49
C GLY A 1465 11.30 -2.63 0.26
N MET A 1466 11.19 -3.30 -0.89
CA MET A 1466 12.12 -4.38 -1.20
C MET A 1466 13.51 -3.85 -1.53
N HIS A 1467 13.63 -2.61 -1.97
CA HIS A 1467 14.95 -2.02 -2.19
C HIS A 1467 15.69 -1.83 -0.87
N ALA A 1468 15.03 -1.23 0.11
CA ALA A 1468 15.65 -0.98 1.41
C ALA A 1468 15.44 -2.22 2.28
N LEU A 1469 16.46 -3.07 2.31
CA LEU A 1469 16.43 -4.31 3.06
C LEU A 1469 17.28 -4.19 4.32
N ARG A 1470 16.96 -5.01 5.32
CA ARG A 1470 17.81 -5.16 6.50
C ARG A 1470 18.26 -6.61 6.56
N THR A 1471 19.55 -6.84 6.35
CA THR A 1471 20.11 -8.18 6.23
C THR A 1471 20.69 -8.64 7.55
N GLU A 1472 20.45 -9.89 7.90
CA GLU A 1472 21.00 -10.50 9.10
C GLU A 1472 21.32 -11.96 8.81
N THR A 1473 22.31 -12.47 9.55
CA THR A 1473 22.75 -13.85 9.42
C THR A 1473 22.58 -14.56 10.75
N GLU A 1474 21.94 -15.73 10.71
CA GLU A 1474 21.74 -16.55 11.90
C GLU A 1474 22.49 -17.85 11.71
N GLN A 1475 23.41 -18.14 12.62
CA GLN A 1475 24.26 -19.31 12.47
C GLN A 1475 23.48 -20.59 12.79
N ILE A 1476 23.63 -21.60 11.93
CA ILE A 1476 22.95 -22.87 12.07
C ILE A 1476 24.00 -23.98 12.12
N PRO A 1477 23.85 -24.99 12.98
CA PRO A 1477 24.94 -25.97 13.16
C PRO A 1477 25.37 -26.70 11.90
N PHE A 1478 24.44 -27.06 11.01
CA PHE A 1478 24.76 -27.90 9.88
C PHE A 1478 24.31 -27.25 8.58
N ASN A 1479 24.68 -27.88 7.46
CA ASN A 1479 24.21 -27.44 6.16
C ASN A 1479 22.72 -27.72 6.03
N ALA A 1480 21.99 -26.77 5.47
CA ALA A 1480 20.54 -26.84 5.41
C ALA A 1480 20.11 -27.29 4.02
N ARG A 1481 19.31 -28.36 3.96
CA ARG A 1481 18.79 -28.86 2.71
C ARG A 1481 17.40 -28.36 2.38
N SER A 1482 16.48 -28.31 3.35
CA SER A 1482 15.12 -27.88 3.08
C SER A 1482 14.67 -26.91 4.16
N LEU A 1483 13.69 -26.07 3.81
CA LEU A 1483 13.15 -25.07 4.72
C LEU A 1483 11.62 -25.10 4.67
N HIS A 1484 11.00 -25.12 5.84
CA HIS A 1484 9.55 -25.07 5.96
C HIS A 1484 9.18 -24.04 7.02
N VAL A 1485 8.06 -23.37 6.81
CA VAL A 1485 7.58 -22.34 7.72
C VAL A 1485 6.09 -22.54 7.94
N SER A 1486 5.66 -22.50 9.21
CA SER A 1486 4.24 -22.51 9.55
C SER A 1486 4.00 -21.43 10.59
N GLY A 1487 3.30 -20.38 10.18
CA GLY A 1487 2.77 -19.37 11.07
C GLY A 1487 3.82 -18.43 11.64
N ASN A 1488 4.57 -18.94 12.60
CA ASN A 1488 5.64 -18.17 13.22
C ASN A 1488 6.86 -19.02 13.50
N ARG A 1489 6.87 -20.28 13.11
CA ARG A 1489 7.96 -21.18 13.41
C ARG A 1489 8.47 -21.81 12.13
N LEU A 1490 9.70 -22.29 12.16
CA LEU A 1490 10.31 -22.86 10.96
C LEU A 1490 11.10 -24.11 11.28
N VAL A 1491 11.22 -24.97 10.27
CA VAL A 1491 11.94 -26.23 10.36
C VAL A 1491 12.97 -26.26 9.25
N VAL A 1492 14.22 -26.54 9.61
CA VAL A 1492 15.31 -26.71 8.66
C VAL A 1492 15.67 -28.18 8.62
N CYS A 1493 15.66 -28.76 7.42
CA CYS A 1493 15.92 -30.17 7.21
C CYS A 1493 17.34 -30.33 6.70
N GLY A 1494 18.16 -31.04 7.47
CA GLY A 1494 19.51 -31.38 7.08
C GLY A 1494 19.63 -32.82 6.61
N GLN A 1495 20.87 -33.30 6.59
CA GLN A 1495 21.12 -34.64 6.04
C GLN A 1495 20.46 -35.73 6.89
N TYR A 1496 20.73 -35.72 8.20
CA TYR A 1496 20.18 -36.76 9.08
C TYR A 1496 19.46 -36.15 10.27
N GLU A 1497 19.89 -34.96 10.70
CA GLU A 1497 19.26 -34.24 11.80
C GLU A 1497 18.44 -33.09 11.25
N PHE A 1498 17.66 -32.46 12.13
CA PHE A 1498 16.91 -31.27 11.74
C PHE A 1498 16.91 -30.25 12.87
N PHE A 1499 16.45 -29.05 12.53
CA PHE A 1499 16.52 -27.90 13.41
C PHE A 1499 15.16 -27.21 13.41
N ALA A 1500 14.79 -26.64 14.55
CA ALA A 1500 13.51 -25.97 14.69
C ALA A 1500 13.72 -24.62 15.36
N LEU A 1501 13.08 -23.59 14.83
CA LEU A 1501 13.18 -22.24 15.36
C LEU A 1501 11.79 -21.67 15.58
N ARG A 1502 11.65 -20.87 16.64
CA ARG A 1502 10.43 -20.12 16.89
C ARG A 1502 10.80 -18.67 17.20
N PHE A 1503 10.11 -17.74 16.55
CA PHE A 1503 10.43 -16.32 16.56
C PHE A 1503 9.49 -15.55 17.47
N SER A 1504 9.91 -14.32 17.79
CA SER A 1504 9.11 -13.40 18.59
C SER A 1504 8.24 -12.55 17.68
N PRO A 1505 7.18 -11.93 18.23
CA PRO A 1505 6.37 -11.01 17.41
C PRO A 1505 7.14 -9.81 16.90
N GLN A 1506 8.27 -9.48 17.52
CA GLN A 1506 9.12 -8.39 17.05
C GLN A 1506 10.11 -8.85 15.98
N GLY A 1507 10.16 -10.14 15.69
CA GLY A 1507 11.04 -10.67 14.66
C GLY A 1507 12.35 -11.24 15.15
N ASP A 1508 12.58 -11.32 16.45
CA ASP A 1508 13.83 -11.84 16.99
C ASP A 1508 13.69 -13.30 17.39
N VAL A 1509 14.76 -14.06 17.16
CA VAL A 1509 14.74 -15.50 17.40
C VAL A 1509 14.66 -15.77 18.90
N ILE A 1510 13.77 -16.67 19.29
CA ILE A 1510 13.55 -16.96 20.70
C ILE A 1510 13.90 -18.40 21.03
N ASP A 1511 13.27 -19.36 20.36
CA ASP A 1511 13.38 -20.76 20.76
C ASP A 1511 14.08 -21.57 19.67
N ARG A 1512 14.95 -22.49 20.10
CA ARG A 1512 15.67 -23.38 19.20
C ARG A 1512 15.52 -24.81 19.66
N ALA A 1513 15.66 -25.74 18.71
CA ALA A 1513 15.60 -27.16 19.04
C ALA A 1513 16.33 -27.96 17.97
N HIS A 1514 17.46 -28.56 18.34
CA HIS A 1514 18.24 -29.38 17.42
C HIS A 1514 17.98 -30.85 17.74
N ILE A 1515 17.55 -31.62 16.75
CA ILE A 1515 17.21 -33.01 16.96
C ILE A 1515 18.00 -33.87 15.99
N LYS A 1516 18.75 -34.83 16.53
CA LYS A 1516 19.45 -35.83 15.73
C LYS A 1516 18.68 -37.14 15.82
N LEU A 1517 18.39 -37.72 14.67
CA LEU A 1517 17.52 -38.90 14.61
C LEU A 1517 18.29 -40.15 15.01
N ASN A 1527 20.89 -49.91 7.77
CA ASN A 1527 20.30 -49.47 6.51
C ASN A 1527 20.49 -47.97 6.33
N ASN A 1528 19.59 -47.34 5.59
CA ASN A 1528 19.64 -45.91 5.34
C ASN A 1528 18.25 -45.30 5.52
N ASN A 1529 18.20 -44.15 6.19
CA ASN A 1529 16.95 -43.44 6.39
C ASN A 1529 17.23 -41.95 6.56
N PRO A 1530 17.59 -41.24 5.50
CA PRO A 1530 17.82 -39.80 5.61
C PRO A 1530 16.50 -39.03 5.63
N VAL A 1531 16.60 -37.75 5.98
CA VAL A 1531 15.43 -36.91 6.13
C VAL A 1531 14.87 -36.55 4.76
N VAL A 1532 13.58 -36.76 4.56
CA VAL A 1532 12.92 -36.46 3.30
C VAL A 1532 12.14 -35.14 3.42
N ARG A 1533 11.15 -35.12 4.30
CA ARG A 1533 10.33 -33.94 4.52
C ARG A 1533 10.14 -33.74 6.02
N ALA A 1534 9.87 -32.50 6.42
CA ALA A 1534 9.48 -32.23 7.79
C ALA A 1534 8.68 -30.94 7.81
N LYS A 1535 7.56 -30.98 8.53
CA LYS A 1535 6.67 -29.82 8.54
C LYS A 1535 5.94 -29.74 9.88
N PHE A 1536 5.65 -28.51 10.29
CA PHE A 1536 4.91 -28.26 11.51
C PHE A 1536 3.45 -28.64 11.34
N CYS A 1537 2.65 -28.35 12.35
CA CYS A 1537 1.21 -28.56 12.31
C CYS A 1537 0.49 -27.23 12.37
N ARG A 1538 -0.65 -27.15 11.69
CA ARG A 1538 -1.45 -25.94 11.70
C ARG A 1538 -1.95 -25.63 13.11
N GLU A 1539 -1.74 -24.39 13.52
CA GLU A 1539 -2.14 -23.95 14.85
C GLU A 1539 -3.50 -23.25 14.79
N ILE A 1540 -4.29 -23.43 15.83
CA ILE A 1540 -5.64 -22.88 15.90
C ILE A 1540 -5.69 -21.90 17.08
N GLU A 1541 -6.18 -20.70 16.82
CA GLU A 1541 -6.29 -19.71 17.89
C GLU A 1541 -7.27 -20.17 18.96
N SER A 1542 -8.33 -20.87 18.57
CA SER A 1542 -9.32 -21.33 19.54
C SER A 1542 -8.74 -22.35 20.51
N ASP A 1543 -7.77 -23.15 20.05
CA ASP A 1543 -7.17 -24.17 20.90
C ASP A 1543 -6.24 -23.51 21.92
N LYS A 1544 -6.66 -23.49 23.18
CA LYS A 1544 -5.81 -22.93 24.23
C LYS A 1544 -4.56 -23.76 24.43
N ARG A 1545 -4.68 -25.08 24.35
CA ARG A 1545 -3.53 -25.99 24.43
C ARG A 1545 -2.79 -25.92 23.11
N ARG A 1546 -1.70 -25.16 23.09
CA ARG A 1546 -0.89 -25.04 21.89
C ARG A 1546 0.16 -26.14 21.88
N ARG A 1547 -0.03 -27.10 20.98
CA ARG A 1547 0.90 -28.21 20.82
C ARG A 1547 1.79 -27.94 19.61
N GLN A 1548 3.10 -28.04 19.81
CA GLN A 1548 4.05 -27.80 18.73
C GLN A 1548 4.39 -29.08 17.98
N LEU A 1549 3.37 -29.78 17.51
CA LEU A 1549 3.57 -31.02 16.78
C LEU A 1549 4.31 -30.76 15.48
N ILE A 1550 5.29 -31.60 15.18
CA ILE A 1550 6.07 -31.55 13.95
C ILE A 1550 6.21 -32.97 13.42
N ALA A 1551 5.97 -33.15 12.13
CA ALA A 1551 6.08 -34.46 11.50
C ALA A 1551 7.34 -34.50 10.65
N VAL A 1552 8.15 -35.55 10.83
CA VAL A 1552 9.38 -35.76 10.10
C VAL A 1552 9.24 -37.05 9.31
N ALA A 1553 9.67 -37.01 8.06
CA ALA A 1553 9.56 -38.14 7.14
C ALA A 1553 10.94 -38.69 6.82
N THR A 1554 11.07 -40.00 6.85
CA THR A 1554 12.26 -40.69 6.39
C THR A 1554 11.81 -41.87 5.54
N MET A 1555 12.71 -42.36 4.69
CA MET A 1555 12.33 -43.30 3.64
C MET A 1555 11.63 -44.55 4.16
N GLN A 1556 11.65 -44.81 5.46
CA GLN A 1556 10.90 -45.92 6.02
C GLN A 1556 9.83 -45.54 7.02
N TYR A 1557 9.90 -44.36 7.66
CA TYR A 1557 8.98 -44.12 8.76
C TYR A 1557 8.68 -42.65 8.94
N ILE A 1558 7.53 -42.40 9.58
CA ILE A 1558 7.05 -41.08 9.93
C ILE A 1558 7.12 -40.93 11.44
N ARG A 1559 7.79 -39.88 11.91
CA ARG A 1559 7.89 -39.63 13.35
C ARG A 1559 7.25 -38.30 13.70
N ILE A 1560 6.69 -38.22 14.90
CA ILE A 1560 5.99 -37.02 15.37
C ILE A 1560 6.66 -36.54 16.64
N TYR A 1561 7.15 -35.30 16.62
CA TYR A 1561 7.77 -34.69 17.78
C TYR A 1561 6.86 -33.61 18.35
N ASP A 1562 6.74 -33.59 19.68
CA ASP A 1562 5.94 -32.60 20.39
C ASP A 1562 6.87 -31.82 21.30
N LEU A 1563 7.18 -30.59 20.93
CA LEU A 1563 8.15 -29.79 21.67
C LEU A 1563 7.62 -29.29 23.00
N THR A 1564 6.36 -29.55 23.33
CA THR A 1564 5.81 -29.25 24.64
C THR A 1564 5.83 -30.44 25.59
N LEU A 1565 6.23 -31.63 25.12
CA LEU A 1565 6.34 -32.80 25.99
C LEU A 1565 7.76 -33.30 26.12
N HIS A 1566 8.44 -33.58 25.02
CA HIS A 1566 9.80 -34.07 25.06
C HIS A 1566 10.50 -33.73 23.76
N GLU A 1567 11.76 -33.32 23.87
CA GLU A 1567 12.53 -32.89 22.71
C GLU A 1567 13.18 -34.07 21.99
N THR A 1568 13.73 -35.03 22.73
CA THR A 1568 14.40 -36.17 22.14
C THR A 1568 13.50 -37.40 22.09
N ASN A 1569 12.23 -37.28 22.48
CA ASN A 1569 11.28 -38.37 22.42
C ASN A 1569 10.17 -38.00 21.46
N PHE A 1570 9.75 -38.96 20.65
CA PHE A 1570 8.70 -38.77 19.66
C PHE A 1570 7.40 -39.38 20.16
N VAL A 1571 6.29 -38.69 19.90
CA VAL A 1571 4.98 -39.18 20.34
C VAL A 1571 4.65 -40.50 19.63
N GLU A 1572 4.83 -40.54 18.32
CA GLU A 1572 4.50 -41.73 17.56
C GLU A 1572 5.47 -41.90 16.39
N GLU A 1573 5.60 -43.15 15.97
CA GLU A 1573 6.38 -43.51 14.79
C GLU A 1573 5.63 -44.59 14.03
N MET A 1574 5.50 -44.42 12.72
CA MET A 1574 4.79 -45.36 11.88
C MET A 1574 5.63 -45.74 10.68
N VAL A 1575 5.75 -47.04 10.45
CA VAL A 1575 6.65 -47.58 9.42
C VAL A 1575 5.83 -48.16 8.29
N LEU A 1576 6.19 -47.81 7.06
CA LEU A 1576 5.42 -48.24 5.90
C LEU A 1576 5.67 -49.72 5.61
N PRO A 1577 4.62 -50.50 5.38
CA PRO A 1577 4.81 -51.89 4.94
C PRO A 1577 5.05 -51.96 3.44
N ALA A 1578 6.28 -52.29 3.05
CA ALA A 1578 6.65 -52.52 1.65
C ALA A 1578 6.37 -51.29 0.78
N GLY A 1579 7.12 -50.24 1.06
CA GLY A 1579 6.98 -49.01 0.30
C GLY A 1579 8.08 -48.03 0.66
N ASN A 1580 7.92 -46.82 0.14
CA ASN A 1580 8.82 -45.71 0.42
C ASN A 1580 8.00 -44.43 0.54
N VAL A 1581 8.32 -43.60 1.53
CA VAL A 1581 7.58 -42.35 1.70
C VAL A 1581 8.02 -41.34 0.66
N GLU A 1582 7.10 -40.49 0.26
CA GLU A 1582 7.40 -39.35 -0.59
C GLU A 1582 6.91 -38.04 -0.01
N ASP A 1583 5.74 -38.04 0.64
CA ASP A 1583 5.27 -36.83 1.30
C ASP A 1583 4.27 -37.21 2.38
N VAL A 1584 4.14 -36.31 3.35
CA VAL A 1584 3.29 -36.51 4.51
C VAL A 1584 2.58 -35.19 4.82
N GLU A 1585 1.31 -35.27 5.18
CA GLU A 1585 0.50 -34.11 5.51
C GLU A 1585 -0.10 -34.32 6.90
N ILE A 1586 -0.04 -33.26 7.72
CA ILE A 1586 -0.55 -33.29 9.08
C ILE A 1586 -1.63 -32.23 9.21
N ILE A 1587 -2.76 -32.62 9.79
CA ILE A 1587 -3.97 -31.80 9.85
C ILE A 1587 -4.45 -31.79 11.29
N ASN A 1588 -4.70 -30.59 11.83
CA ASN A 1588 -5.12 -30.43 13.21
C ASN A 1588 -6.64 -30.23 13.23
N GLN A 1589 -7.36 -31.27 13.64
CA GLN A 1589 -8.79 -31.18 13.72
C GLN A 1589 -9.22 -30.31 14.90
N GLU A 1590 -10.49 -29.90 14.88
CA GLU A 1590 -11.02 -29.09 15.97
C GLU A 1590 -11.22 -29.90 17.23
N ASP A 1591 -11.63 -31.15 17.11
CA ASP A 1591 -11.85 -32.02 18.26
C ASP A 1591 -10.60 -32.19 19.11
N GLY A 1592 -9.41 -32.18 18.48
CA GLY A 1592 -8.16 -32.44 19.15
C GLY A 1592 -7.36 -33.57 18.52
N ASN A 1593 -8.03 -34.52 17.92
CA ASN A 1593 -7.35 -35.59 17.20
C ASN A 1593 -6.60 -35.01 16.01
N VAL A 1594 -5.48 -35.64 15.67
CA VAL A 1594 -4.62 -35.16 14.59
C VAL A 1594 -4.64 -36.19 13.47
N ARG A 1595 -4.94 -35.74 12.25
CA ARG A 1595 -4.95 -36.61 11.09
C ARG A 1595 -3.63 -36.47 10.34
N ILE A 1596 -3.17 -37.58 9.76
CA ILE A 1596 -1.93 -37.58 9.00
C ILE A 1596 -2.08 -38.53 7.81
N LEU A 1597 -1.71 -38.03 6.64
CA LEU A 1597 -1.81 -38.79 5.39
C LEU A 1597 -0.43 -38.91 4.78
N VAL A 1598 -0.04 -40.12 4.40
CA VAL A 1598 1.31 -40.38 3.89
C VAL A 1598 1.19 -41.03 2.52
N LEU A 1599 2.06 -40.62 1.60
CA LEU A 1599 2.02 -41.04 0.21
C LEU A 1599 3.15 -42.04 -0.03
N SER A 1600 2.79 -43.30 -0.23
CA SER A 1600 3.76 -44.35 -0.43
C SER A 1600 4.38 -44.25 -1.83
N SER A 1601 5.31 -45.17 -2.12
CA SER A 1601 6.00 -45.13 -3.40
C SER A 1601 5.12 -45.66 -4.52
N SER A 1602 4.32 -46.69 -4.24
CA SER A 1602 3.42 -47.24 -5.24
C SER A 1602 2.27 -46.29 -5.60
N GLY A 1603 2.09 -45.21 -4.84
CA GLY A 1603 0.96 -44.33 -5.02
C GLY A 1603 -0.15 -44.52 -4.03
N TYR A 1604 -0.07 -45.54 -3.17
CA TYR A 1604 -1.07 -45.74 -2.14
C TYR A 1604 -1.02 -44.61 -1.12
N LEU A 1605 -2.19 -44.22 -0.63
CA LEU A 1605 -2.32 -43.17 0.38
C LEU A 1605 -2.78 -43.80 1.68
N TYR A 1606 -2.03 -43.59 2.75
CA TYR A 1606 -2.33 -44.18 4.05
C TYR A 1606 -2.69 -43.08 5.04
N GLU A 1607 -3.83 -43.23 5.70
CA GLU A 1607 -4.33 -42.24 6.65
C GLU A 1607 -4.37 -42.81 8.05
N HIS A 1608 -3.84 -42.05 9.01
CA HIS A 1608 -3.92 -42.42 10.41
C HIS A 1608 -4.39 -41.21 11.20
N ASN A 1609 -5.02 -41.47 12.34
CA ASN A 1609 -5.50 -40.42 13.22
C ASN A 1609 -5.08 -40.72 14.64
N ILE A 1610 -4.64 -39.70 15.36
CA ILE A 1610 -4.07 -39.82 16.70
C ILE A 1610 -5.00 -39.12 17.68
N SER A 1611 -5.38 -39.83 18.74
CA SER A 1611 -6.23 -39.29 19.79
C SER A 1611 -5.54 -39.14 21.14
N VAL A 1612 -4.78 -40.15 21.55
CA VAL A 1612 -4.04 -40.10 22.81
C VAL A 1612 -2.64 -39.58 22.53
N PHE A 1613 -2.12 -38.78 23.46
CA PHE A 1613 -0.84 -38.12 23.28
C PHE A 1613 0.05 -38.42 24.49
N ASN A 1614 1.12 -39.19 24.25
CA ASN A 1614 2.07 -39.52 25.30
C ASN A 1614 3.45 -39.62 24.66
N ALA A 1615 4.46 -39.13 25.38
CA ALA A 1615 5.84 -39.14 24.89
C ALA A 1615 6.47 -40.51 25.10
N GLU A 1616 5.88 -41.51 24.46
CA GLU A 1616 6.30 -42.90 24.53
C GLU A 1616 6.60 -43.39 23.13
N ASN A 1617 7.75 -44.06 22.97
CA ASN A 1617 8.18 -44.53 21.67
C ASN A 1617 7.28 -45.67 21.22
N ASN A 1618 6.33 -45.37 20.35
CA ASN A 1618 5.37 -46.34 19.85
C ASN A 1618 5.55 -46.51 18.35
N SER A 1619 5.47 -47.75 17.88
CA SER A 1619 5.63 -48.07 16.47
C SER A 1619 4.34 -48.66 15.93
N ILE A 1620 3.91 -48.18 14.76
CA ILE A 1620 2.66 -48.61 14.16
C ILE A 1620 2.89 -49.04 12.71
N PHE A 1621 2.25 -50.13 12.32
CA PHE A 1621 2.17 -50.54 10.93
C PHE A 1621 0.95 -49.90 10.30
N LEU A 1622 1.16 -49.19 9.19
CA LEU A 1622 0.09 -48.42 8.54
C LEU A 1622 -0.75 -49.38 7.70
N THR A 1623 -2.00 -49.59 8.10
CA THR A 1623 -2.89 -50.54 7.43
C THR A 1623 -4.23 -49.91 7.05
N ASN A 1624 -4.33 -48.59 7.01
CA ASN A 1624 -5.52 -47.89 6.54
C ASN A 1624 -5.22 -47.32 5.16
N VAL A 1625 -5.87 -47.88 4.14
CA VAL A 1625 -5.65 -47.48 2.76
C VAL A 1625 -6.94 -46.89 2.21
N VAL A 1626 -6.85 -45.69 1.66
CA VAL A 1626 -8.01 -45.04 1.05
C VAL A 1626 -8.03 -45.37 -0.44
N ASN A 1627 -9.20 -45.20 -1.07
CA ASN A 1627 -9.31 -45.49 -2.48
C ASN A 1627 -8.33 -44.64 -3.29
N THR A 1628 -7.35 -45.29 -3.89
CA THR A 1628 -6.24 -44.58 -4.51
C THR A 1628 -6.71 -43.84 -5.77
N PRO A 1629 -6.13 -42.68 -6.06
CA PRO A 1629 -6.49 -41.98 -7.30
C PRO A 1629 -6.01 -42.75 -8.53
N GLY A 1630 -6.77 -42.63 -9.61
CA GLY A 1630 -6.40 -43.26 -10.86
C GLY A 1630 -6.26 -44.76 -10.74
N MET A 1631 -7.39 -45.46 -10.59
CA MET A 1631 -7.38 -46.89 -10.31
C MET A 1631 -6.65 -47.65 -11.41
N ASP A 1632 -5.77 -48.55 -11.00
CA ASP A 1632 -5.04 -49.46 -11.90
C ASP A 1632 -4.19 -48.69 -12.90
N MET A 1633 -3.86 -47.44 -12.58
CA MET A 1633 -2.98 -46.63 -13.41
C MET A 1633 -1.91 -45.89 -12.61
N ASN A 1634 -2.07 -45.79 -11.30
CA ASN A 1634 -1.26 -44.91 -10.45
C ASN A 1634 0.23 -45.15 -10.64
N GLY A 1635 0.97 -44.06 -10.87
CA GLY A 1635 2.41 -44.10 -10.93
C GLY A 1635 3.01 -43.93 -9.54
N ASP A 1636 4.27 -43.51 -9.54
CA ASP A 1636 4.93 -43.21 -8.28
C ASP A 1636 4.39 -41.89 -7.71
N GLY A 1637 3.98 -41.91 -6.44
CA GLY A 1637 3.54 -40.69 -5.81
C GLY A 1637 4.66 -39.67 -5.71
N VAL A 1638 4.29 -38.40 -5.82
CA VAL A 1638 5.24 -37.30 -5.85
C VAL A 1638 4.99 -36.30 -4.72
N SER A 1639 3.76 -35.84 -4.56
CA SER A 1639 3.52 -34.84 -3.54
C SER A 1639 2.07 -34.87 -3.05
N LEU A 1640 1.88 -34.30 -1.86
CA LEU A 1640 0.59 -34.18 -1.21
C LEU A 1640 0.44 -32.77 -0.67
N HIS A 1641 -0.76 -32.20 -0.80
CA HIS A 1641 -1.02 -30.87 -0.25
C HIS A 1641 -2.44 -30.82 0.29
N TYR A 1642 -2.63 -30.01 1.33
CA TYR A 1642 -3.94 -29.86 1.94
C TYR A 1642 -4.22 -28.37 2.11
N SER A 1643 -5.27 -27.88 1.45
CA SER A 1643 -5.71 -26.51 1.57
C SER A 1643 -6.79 -26.47 2.65
N SER A 1644 -6.48 -25.79 3.75
CA SER A 1644 -7.40 -25.71 4.88
C SER A 1644 -8.53 -24.71 4.64
N THR A 1645 -8.26 -23.64 3.89
CA THR A 1645 -9.30 -22.66 3.63
C THR A 1645 -10.45 -23.27 2.83
N PHE A 1646 -10.14 -24.07 1.82
CA PHE A 1646 -11.15 -24.71 1.00
C PHE A 1646 -11.47 -26.13 1.42
N ASN A 1647 -10.74 -26.69 2.39
CA ASN A 1647 -10.90 -28.07 2.82
C ASN A 1647 -10.70 -29.04 1.66
N LEU A 1648 -9.60 -28.88 0.94
CA LEU A 1648 -9.32 -29.67 -0.25
C LEU A 1648 -7.97 -30.38 -0.12
N LEU A 1649 -7.84 -31.50 -0.83
CA LEU A 1649 -6.64 -32.30 -0.82
C LEU A 1649 -6.16 -32.51 -2.26
N PHE A 1650 -4.92 -32.13 -2.54
CA PHE A 1650 -4.29 -32.28 -3.84
C PHE A 1650 -3.25 -33.40 -3.77
N VAL A 1651 -3.34 -34.34 -4.70
CA VAL A 1651 -2.41 -35.47 -4.79
C VAL A 1651 -1.76 -35.42 -6.15
N SER A 1652 -0.43 -35.27 -6.19
CA SER A 1652 0.30 -35.21 -7.46
C SER A 1652 1.12 -36.48 -7.61
N LEU A 1653 0.80 -37.25 -8.63
CA LEU A 1653 1.49 -38.48 -8.99
C LEU A 1653 2.34 -38.24 -10.23
N GLU A 1654 2.90 -39.32 -10.77
CA GLU A 1654 3.72 -39.22 -11.97
C GLU A 1654 2.87 -38.94 -13.21
N ASN A 1655 1.75 -39.65 -13.35
CA ASN A 1655 0.93 -39.53 -14.55
C ASN A 1655 0.05 -38.30 -14.55
N GLY A 1656 -0.17 -37.67 -13.41
CA GLY A 1656 -1.06 -36.52 -13.37
C GLY A 1656 -1.31 -36.06 -11.96
N ALA A 1657 -2.41 -35.34 -11.77
CA ALA A 1657 -2.79 -34.81 -10.47
C ALA A 1657 -4.27 -35.06 -10.23
N PHE A 1658 -4.65 -35.06 -8.97
CA PHE A 1658 -6.03 -35.28 -8.57
C PHE A 1658 -6.36 -34.39 -7.39
N VAL A 1659 -7.65 -34.08 -7.23
CA VAL A 1659 -8.13 -33.28 -6.11
C VAL A 1659 -9.34 -33.98 -5.51
N ALA A 1660 -9.53 -33.78 -4.21
CA ALA A 1660 -10.68 -34.37 -3.52
C ALA A 1660 -11.04 -33.51 -2.32
N GLN A 1661 -12.26 -33.71 -1.82
CA GLN A 1661 -12.71 -33.06 -0.61
C GLN A 1661 -12.54 -34.02 0.56
N LEU A 1662 -11.84 -33.58 1.59
CA LEU A 1662 -11.55 -34.44 2.73
C LEU A 1662 -12.84 -34.83 3.42
N PRO A 1663 -13.15 -36.11 3.55
CA PRO A 1663 -14.41 -36.53 4.17
C PRO A 1663 -14.28 -36.57 5.69
N GLU A 1664 -15.43 -36.66 6.34
CA GLU A 1664 -15.46 -36.71 7.79
C GLU A 1664 -14.83 -38.01 8.28
N PRO A 1665 -14.09 -37.97 9.39
CA PRO A 1665 -13.47 -39.20 9.89
C PRO A 1665 -14.52 -40.19 10.38
N THR A 1666 -14.19 -41.47 10.25
CA THR A 1666 -15.08 -42.54 10.64
C THR A 1666 -14.51 -43.40 11.76
N GLY A 1667 -13.24 -43.75 11.68
CA GLY A 1667 -12.60 -44.52 12.73
C GLY A 1667 -11.21 -44.93 12.31
N ASN A 1668 -10.55 -45.63 13.23
CA ASN A 1668 -9.21 -46.15 13.00
C ASN A 1668 -9.21 -47.57 12.45
N SER A 1669 -10.37 -48.18 12.29
CA SER A 1669 -10.48 -49.55 11.81
C SER A 1669 -10.94 -49.64 10.36
N THR A 1670 -11.84 -48.77 9.93
CA THR A 1670 -12.36 -48.78 8.57
C THR A 1670 -11.61 -47.73 7.75
N ALA A 1671 -12.07 -47.51 6.51
CA ALA A 1671 -11.46 -46.50 5.66
C ALA A 1671 -12.55 -45.65 5.02
N PRO A 1672 -12.34 -44.34 4.94
CA PRO A 1672 -13.31 -43.48 4.26
C PRO A 1672 -13.17 -43.58 2.75
N ILE A 1673 -14.21 -43.10 2.06
CA ILE A 1673 -14.29 -43.15 0.60
C ILE A 1673 -14.02 -41.75 0.07
N TYR A 1674 -13.09 -41.64 -0.87
CA TYR A 1674 -12.71 -40.39 -1.48
C TYR A 1674 -13.26 -40.33 -2.90
N ASP A 1675 -13.78 -39.16 -3.29
CA ASP A 1675 -14.19 -38.91 -4.67
C ASP A 1675 -13.18 -37.98 -5.31
N TRP A 1676 -12.62 -38.39 -6.43
CA TRP A 1676 -11.47 -37.73 -7.04
C TRP A 1676 -11.86 -37.04 -8.34
N LYS A 1677 -11.21 -35.91 -8.61
CA LYS A 1677 -11.38 -35.18 -9.86
C LYS A 1677 -10.02 -34.86 -10.43
N HIS A 1678 -9.86 -35.09 -11.73
CA HIS A 1678 -8.58 -34.86 -12.40
C HIS A 1678 -8.38 -33.37 -12.63
N LEU A 1679 -7.18 -32.87 -12.36
CA LEU A 1679 -6.88 -31.45 -12.44
C LEU A 1679 -6.39 -31.01 -13.82
N ASN A 1680 -6.67 -31.79 -14.86
CA ASN A 1680 -6.29 -31.43 -16.23
C ASN A 1680 -4.79 -31.14 -16.35
N ILE A 1681 -3.99 -31.95 -15.66
CA ILE A 1681 -2.54 -31.80 -15.66
C ILE A 1681 -1.91 -33.18 -15.57
N LYS A 1682 -0.86 -33.41 -16.35
CA LYS A 1682 -0.21 -34.71 -16.47
C LYS A 1682 1.18 -34.76 -15.87
N ASN A 1683 1.96 -33.69 -16.04
CA ASN A 1683 3.33 -33.69 -15.56
C ASN A 1683 3.35 -33.68 -14.03
N PRO A 1684 4.35 -34.33 -13.41
CA PRO A 1684 4.43 -34.31 -11.95
C PRO A 1684 4.74 -32.92 -11.44
N VAL A 1685 4.23 -32.62 -10.25
CA VAL A 1685 4.44 -31.33 -9.61
C VAL A 1685 4.69 -31.57 -8.13
N ASP A 1686 5.69 -30.88 -7.57
CA ASP A 1686 6.18 -31.20 -6.24
C ASP A 1686 6.00 -30.08 -5.23
N ALA A 1687 6.57 -28.90 -5.47
CA ALA A 1687 6.62 -27.86 -4.44
C ALA A 1687 5.31 -27.08 -4.45
N TRP A 1688 4.66 -27.02 -3.29
CA TRP A 1688 3.37 -26.33 -3.16
C TRP A 1688 3.53 -25.15 -2.21
N LYS A 1689 2.77 -24.09 -2.46
CA LYS A 1689 2.66 -22.96 -1.56
C LYS A 1689 1.24 -22.42 -1.62
N GLU A 1690 0.77 -21.90 -0.50
CA GLU A 1690 -0.59 -21.39 -0.43
C GLU A 1690 -0.61 -20.05 0.29
N THR A 1691 -1.49 -19.18 -0.16
CA THR A 1691 -1.75 -17.90 0.47
C THR A 1691 -3.22 -17.56 0.21
N SER A 1692 -3.59 -16.28 0.32
CA SER A 1692 -4.98 -15.91 0.48
C SER A 1692 -5.80 -16.30 -0.75
N GLY A 1693 -6.39 -17.48 -0.71
CA GLY A 1693 -7.16 -18.03 -1.80
C GLY A 1693 -6.33 -18.55 -2.96
N ILE A 1694 -5.01 -18.42 -2.93
CA ILE A 1694 -4.18 -18.66 -4.11
C ILE A 1694 -3.23 -19.80 -3.83
N ILE A 1695 -3.25 -20.82 -4.70
CA ILE A 1695 -2.39 -21.98 -4.57
C ILE A 1695 -1.40 -21.97 -5.73
N ALA A 1696 -0.13 -22.25 -5.44
CA ALA A 1696 0.87 -22.33 -6.49
C ALA A 1696 1.67 -23.61 -6.31
N CYS A 1697 2.19 -24.12 -7.43
CA CYS A 1697 2.98 -25.33 -7.39
C CYS A 1697 3.98 -25.31 -8.55
N LEU A 1698 5.10 -25.99 -8.34
CA LEU A 1698 6.23 -25.96 -9.27
C LEU A 1698 6.39 -27.33 -9.90
N SER A 1699 6.28 -27.39 -11.22
CA SER A 1699 6.48 -28.64 -11.93
C SER A 1699 7.96 -29.04 -11.88
N THR A 1700 8.20 -30.34 -11.78
CA THR A 1700 9.55 -30.84 -11.52
C THR A 1700 10.26 -31.34 -12.77
N ASN A 1701 9.55 -31.90 -13.74
CA ASN A 1701 10.22 -32.33 -14.96
C ASN A 1701 10.63 -31.17 -15.84
N CYS A 1702 10.20 -29.96 -15.53
CA CYS A 1702 10.58 -28.75 -16.25
C CYS A 1702 11.08 -27.73 -15.25
N ASN A 1703 12.05 -26.91 -15.66
CA ASN A 1703 12.64 -25.92 -14.77
C ASN A 1703 12.21 -24.51 -15.11
N HIS A 1704 11.08 -24.34 -15.80
CA HIS A 1704 10.64 -23.01 -16.17
C HIS A 1704 9.18 -22.70 -15.89
N GLN A 1705 8.32 -23.68 -15.60
CA GLN A 1705 6.88 -23.45 -15.54
C GLN A 1705 6.36 -23.57 -14.12
N VAL A 1706 5.37 -22.73 -13.81
CA VAL A 1706 4.67 -22.70 -12.52
C VAL A 1706 3.18 -22.81 -12.79
N ASN A 1707 2.47 -23.50 -11.91
CA ASN A 1707 1.03 -23.64 -12.04
C ASN A 1707 0.34 -22.93 -10.88
N TYR A 1708 -0.79 -22.28 -11.17
CA TYR A 1708 -1.57 -21.56 -10.19
C TYR A 1708 -3.00 -22.05 -10.20
N PHE A 1709 -3.55 -22.31 -9.01
CA PHE A 1709 -4.91 -22.74 -8.79
C PHE A 1709 -5.66 -21.71 -7.97
N HIS A 1710 -6.92 -21.47 -8.34
CA HIS A 1710 -7.83 -20.65 -7.54
C HIS A 1710 -9.21 -21.26 -7.62
N PRO A 1711 -9.70 -21.85 -6.54
CA PRO A 1711 -11.05 -22.43 -6.56
C PRO A 1711 -12.15 -21.39 -6.42
N THR A 1712 -13.11 -21.41 -7.33
CA THR A 1712 -14.30 -20.57 -7.29
C THR A 1712 -15.51 -21.49 -7.27
N VAL A 1713 -16.71 -20.90 -7.21
CA VAL A 1713 -17.93 -21.66 -7.06
C VAL A 1713 -18.04 -22.67 -8.19
N GLY A 1714 -17.95 -23.95 -7.85
CA GLY A 1714 -18.11 -25.02 -8.83
C GLY A 1714 -17.06 -25.04 -9.91
N LYS A 1715 -15.89 -24.44 -9.71
CA LYS A 1715 -14.85 -24.51 -10.72
C LYS A 1715 -13.50 -24.27 -10.07
N ILE A 1716 -12.44 -24.62 -10.78
CA ILE A 1716 -11.09 -24.33 -10.32
C ILE A 1716 -10.30 -23.65 -11.43
N LEU A 1717 -10.09 -22.34 -11.31
CA LEU A 1717 -9.30 -21.63 -12.30
C LEU A 1717 -7.85 -22.10 -12.27
N LEU A 1718 -7.31 -22.41 -13.44
CA LEU A 1718 -5.97 -22.95 -13.58
C LEU A 1718 -5.18 -22.07 -14.54
N GLN A 1719 -3.96 -21.73 -14.17
CA GLN A 1719 -3.08 -20.99 -15.06
C GLN A 1719 -1.68 -21.58 -15.04
N LYS A 1720 -1.16 -21.92 -16.21
CA LYS A 1720 0.20 -22.43 -16.35
C LYS A 1720 1.05 -21.36 -17.00
N THR A 1721 2.04 -20.85 -16.28
CA THR A 1721 2.93 -19.83 -16.80
C THR A 1721 4.33 -20.39 -16.95
N SER A 1722 5.06 -19.88 -17.93
CA SER A 1722 6.44 -20.28 -18.18
C SER A 1722 7.31 -19.05 -18.24
N VAL A 1723 8.50 -19.14 -17.65
CA VAL A 1723 9.46 -18.05 -17.67
C VAL A 1723 10.70 -18.51 -18.43
N LYS A 1724 11.31 -17.59 -19.17
CA LYS A 1724 12.37 -17.95 -20.09
C LYS A 1724 13.62 -18.44 -19.38
N ARG A 1725 13.78 -18.13 -18.10
CA ARG A 1725 14.96 -18.51 -17.35
C ARG A 1725 14.65 -19.69 -16.42
N SER A 1726 15.70 -20.41 -16.03
CA SER A 1726 15.53 -21.49 -15.08
C SER A 1726 15.38 -20.94 -13.66
N ILE A 1727 14.35 -21.40 -12.97
CA ILE A 1727 13.98 -20.84 -11.67
C ILE A 1727 14.82 -21.46 -10.58
N MET A 1728 15.19 -20.65 -9.59
CA MET A 1728 15.85 -21.16 -8.40
C MET A 1728 14.87 -21.39 -7.26
N THR A 1729 14.11 -20.38 -6.85
CA THR A 1729 13.09 -20.61 -5.82
C THR A 1729 11.98 -19.57 -6.00
N TYR A 1730 10.94 -19.69 -5.17
CA TYR A 1730 9.84 -18.74 -5.24
C TYR A 1730 9.09 -18.75 -3.92
N PHE A 1731 8.26 -17.73 -3.73
CA PHE A 1731 7.37 -17.70 -2.59
C PHE A 1731 6.18 -16.79 -2.85
N LEU A 1732 5.04 -17.14 -2.26
CA LEU A 1732 3.82 -16.36 -2.34
C LEU A 1732 3.69 -15.45 -1.12
N MET A 1733 2.96 -14.36 -1.29
CA MET A 1733 2.83 -13.39 -0.21
C MET A 1733 1.58 -12.55 -0.43
N THR A 1734 0.89 -12.25 0.67
CA THR A 1734 -0.21 -11.31 0.64
C THR A 1734 0.33 -9.91 0.87
N SER A 1735 -0.09 -8.97 0.03
CA SER A 1735 0.52 -7.65 0.04
C SER A 1735 0.34 -6.96 1.38
N ALA A 1736 1.33 -6.17 1.77
CA ALA A 1736 1.24 -5.41 3.01
C ALA A 1736 0.17 -4.33 2.92
N LYS A 1737 -0.24 -3.97 1.71
CA LYS A 1737 -1.37 -3.07 1.52
C LYS A 1737 -2.68 -3.81 1.34
N ASN A 1738 -2.66 -5.13 1.42
CA ASN A 1738 -3.87 -5.97 1.46
C ASN A 1738 -4.75 -5.76 0.24
N GLN A 1739 -4.13 -5.56 -0.92
CA GLN A 1739 -4.90 -5.33 -2.14
C GLN A 1739 -4.61 -6.32 -3.25
N SER A 1740 -3.55 -7.11 -3.16
CA SER A 1740 -3.24 -8.09 -4.20
C SER A 1740 -2.39 -9.19 -3.59
N VAL A 1741 -2.15 -10.24 -4.38
CA VAL A 1741 -1.31 -11.36 -3.98
C VAL A 1741 -0.10 -11.37 -4.91
N TYR A 1742 1.09 -11.35 -4.32
CA TYR A 1742 2.35 -11.32 -5.04
C TYR A 1742 3.02 -12.69 -5.02
N SER A 1743 3.76 -12.97 -6.07
CA SER A 1743 4.57 -14.19 -6.18
C SER A 1743 5.95 -13.79 -6.64
N VAL A 1744 6.95 -14.03 -5.80
CA VAL A 1744 8.31 -13.57 -6.05
C VAL A 1744 9.16 -14.78 -6.42
N LEU A 1745 9.82 -14.69 -7.56
CA LEU A 1745 10.67 -15.73 -8.10
C LEU A 1745 12.12 -15.27 -8.02
N ILE A 1746 12.97 -16.08 -7.42
CA ILE A 1746 14.36 -15.74 -7.14
C ILE A 1746 15.25 -16.57 -8.05
N TYR A 1747 16.21 -15.89 -8.68
CA TYR A 1747 17.12 -16.35 -9.71
C TYR A 1747 18.56 -16.11 -9.28
N PRO A 1748 19.54 -16.79 -9.90
CA PRO A 1748 20.94 -16.60 -9.50
C PRO A 1748 21.64 -15.39 -10.11
N ASN A 1749 21.21 -14.93 -11.28
CA ASN A 1749 21.98 -13.95 -12.05
C ASN A 1749 21.67 -12.52 -11.59
N VAL A 1750 22.16 -11.55 -12.38
CA VAL A 1750 22.07 -10.14 -11.97
C VAL A 1750 20.62 -9.68 -11.83
N PRO A 1751 19.70 -9.98 -12.76
CA PRO A 1751 18.29 -9.74 -12.45
C PRO A 1751 17.81 -10.73 -11.41
N THR A 1752 18.10 -10.43 -10.14
CA THR A 1752 18.00 -11.44 -9.08
C THR A 1752 16.58 -11.93 -8.90
N CYS A 1753 15.60 -11.04 -8.94
CA CYS A 1753 14.24 -11.43 -8.64
C CYS A 1753 13.26 -10.90 -9.68
N GLU A 1754 12.16 -11.62 -9.83
CA GLU A 1754 11.02 -11.20 -10.61
C GLU A 1754 9.80 -11.26 -9.71
N ILE A 1755 8.84 -10.36 -9.92
CA ILE A 1755 7.63 -10.31 -9.12
C ILE A 1755 6.44 -10.35 -10.05
N TRP A 1756 5.53 -11.30 -9.80
CA TRP A 1756 4.23 -11.39 -10.45
C TRP A 1756 3.16 -11.02 -9.44
N GLU A 1757 1.99 -10.62 -9.94
CA GLU A 1757 0.90 -10.18 -9.07
C GLU A 1757 -0.43 -10.68 -9.62
N THR A 1758 -1.44 -10.68 -8.76
CA THR A 1758 -2.80 -10.93 -9.23
C THR A 1758 -3.23 -9.82 -10.18
N SER A 1759 -3.91 -10.20 -11.26
CA SER A 1759 -4.19 -9.24 -12.34
C SER A 1759 -4.98 -8.05 -11.83
N TRP A 1760 -4.52 -6.86 -12.20
CA TRP A 1760 -5.14 -5.63 -11.72
C TRP A 1760 -6.57 -5.47 -12.22
N ASN A 1761 -6.81 -5.77 -13.48
CA ASN A 1761 -8.13 -5.53 -14.06
C ASN A 1761 -9.21 -6.38 -13.39
N ASN A 1762 -8.86 -7.59 -12.98
CA ASN A 1762 -9.77 -8.49 -12.28
C ASN A 1762 -9.00 -9.13 -11.13
N VAL A 1763 -9.09 -8.52 -9.95
CA VAL A 1763 -8.42 -9.01 -8.76
C VAL A 1763 -9.34 -9.98 -8.04
N HIS A 1764 -8.78 -11.09 -7.57
CA HIS A 1764 -9.54 -12.11 -6.85
C HIS A 1764 -9.13 -12.06 -5.38
N ASP A 1765 -9.82 -11.22 -4.61
CA ASP A 1765 -9.49 -11.02 -3.20
C ASP A 1765 -10.67 -11.36 -2.29
N LEU A 1766 -11.36 -12.47 -2.58
CA LEU A 1766 -12.45 -12.85 -1.69
C LEU A 1766 -11.93 -13.31 -0.34
N TRP A 1767 -10.70 -13.81 -0.27
CA TRP A 1767 -10.15 -14.39 0.94
C TRP A 1767 -9.14 -13.50 1.63
N ILE A 1768 -9.00 -12.25 1.20
CA ILE A 1768 -8.18 -11.28 1.91
C ILE A 1768 -9.02 -10.69 3.05
N ASP A 1769 -8.46 -10.66 4.25
CA ASP A 1769 -9.18 -10.28 5.46
C ASP A 1769 -8.84 -8.87 5.93
N ASP A 1770 -8.73 -7.93 5.00
CA ASP A 1770 -8.52 -6.53 5.34
C ASP A 1770 -8.92 -5.67 4.15
N VAL A 1771 -9.09 -4.38 4.40
CA VAL A 1771 -9.32 -3.41 3.34
C VAL A 1771 -7.98 -2.82 2.95
N PRO A 1772 -7.82 -2.28 1.74
CA PRO A 1772 -6.53 -1.70 1.36
C PRO A 1772 -6.13 -0.57 2.29
N THR A 1773 -4.84 -0.54 2.64
CA THR A 1773 -4.30 0.46 3.55
C THR A 1773 -2.99 1.00 2.99
N GLU A 1774 -2.49 2.05 3.62
CA GLU A 1774 -1.24 2.68 3.22
C GLU A 1774 -0.67 3.43 4.40
N ARG A 1775 0.63 3.73 4.33
CA ARG A 1775 1.30 4.53 5.35
C ARG A 1775 1.43 5.96 4.82
N TYR A 1776 0.33 6.68 4.90
CA TYR A 1776 0.25 8.03 4.36
C TYR A 1776 1.08 8.99 5.20
N ALA A 1777 1.80 9.89 4.53
CA ALA A 1777 2.63 10.89 5.20
C ALA A 1777 1.77 12.11 5.50
N VAL A 1778 1.15 12.12 6.67
CA VAL A 1778 0.32 13.24 7.08
C VAL A 1778 1.19 14.43 7.46
N PRO A 1940 9.27 13.10 9.59
CA PRO A 1940 7.98 13.01 8.88
C PRO A 1940 6.99 12.11 9.60
N ARG A 1941 5.74 12.58 9.71
CA ARG A 1941 4.70 11.81 10.37
C ARG A 1941 4.12 10.79 9.40
N TYR A 1942 3.90 9.57 9.89
CA TYR A 1942 3.39 8.47 9.08
C TYR A 1942 2.21 7.85 9.79
N GLU A 1943 1.10 7.68 9.08
CA GLU A 1943 -0.11 7.12 9.67
C GLU A 1943 -0.69 6.05 8.77
N ARG A 1944 -1.13 4.95 9.38
CA ARG A 1944 -1.78 3.86 8.67
C ARG A 1944 -3.23 4.24 8.39
N GLN A 1945 -3.54 4.53 7.14
CA GLN A 1945 -4.88 4.94 6.76
C GLN A 1945 -5.39 4.11 5.60
N PRO A 1946 -6.70 3.85 5.56
CA PRO A 1946 -7.26 3.12 4.42
C PRO A 1946 -7.12 3.93 3.12
N ILE A 1947 -7.02 3.20 2.01
CA ILE A 1947 -6.90 3.83 0.71
C ILE A 1947 -8.17 4.61 0.41
N LEU A 1948 -7.99 5.85 -0.08
CA LEU A 1948 -9.11 6.73 -0.43
C LEU A 1948 -9.54 6.44 -1.85
N THR A 1949 -10.65 5.72 -2.00
CA THR A 1949 -11.17 5.41 -3.32
C THR A 1949 -11.76 6.66 -3.96
N ASN A 1950 -12.19 6.52 -5.21
CA ASN A 1950 -12.81 7.65 -5.89
C ASN A 1950 -14.21 7.94 -5.37
N SER A 1951 -14.96 6.90 -4.98
CA SER A 1951 -16.30 7.11 -4.43
C SER A 1951 -16.23 7.88 -3.11
N ASN A 1952 -15.29 7.51 -2.23
CA ASN A 1952 -15.17 8.24 -0.98
C ASN A 1952 -14.62 9.64 -1.18
N LYS A 1953 -13.78 9.85 -2.20
CA LYS A 1953 -13.37 11.19 -2.54
C LYS A 1953 -14.57 12.03 -2.97
N LEU A 1954 -15.47 11.44 -3.76
CA LEU A 1954 -16.68 12.14 -4.15
C LEU A 1954 -17.53 12.49 -2.93
N VAL A 1955 -17.67 11.56 -2.01
CA VAL A 1955 -18.46 11.81 -0.81
C VAL A 1955 -17.87 12.95 -0.01
N TYR A 1956 -16.55 12.94 0.18
CA TYR A 1956 -15.89 14.00 0.93
C TYR A 1956 -16.05 15.35 0.26
N SER A 1957 -15.96 15.38 -1.07
CA SER A 1957 -16.15 16.63 -1.80
C SER A 1957 -17.56 17.18 -1.60
N ILE A 1958 -18.57 16.31 -1.70
CA ILE A 1958 -19.94 16.75 -1.48
C ILE A 1958 -20.09 17.31 -0.08
N LEU A 1959 -19.55 16.60 0.91
CA LEU A 1959 -19.71 17.03 2.29
C LEU A 1959 -19.05 18.37 2.55
N GLU A 1960 -17.83 18.57 2.05
CA GLU A 1960 -17.15 19.83 2.27
C GLU A 1960 -17.86 20.98 1.56
N PHE A 1961 -18.31 20.75 0.33
CA PHE A 1961 -19.05 21.80 -0.37
C PHE A 1961 -20.34 22.13 0.36
N ALA A 1962 -21.00 21.13 0.96
CA ALA A 1962 -22.21 21.39 1.72
C ALA A 1962 -21.91 22.21 2.97
N THR A 1963 -20.85 21.87 3.70
CA THR A 1963 -20.50 22.66 4.88
C THR A 1963 -20.21 24.10 4.51
N LEU A 1964 -19.62 24.32 3.33
CA LEU A 1964 -19.38 25.70 2.90
C LEU A 1964 -20.69 26.38 2.49
N SER A 1965 -21.58 25.68 1.80
CA SER A 1965 -22.74 26.33 1.19
C SER A 1965 -23.98 26.27 2.09
N GLY A 1966 -24.53 25.08 2.29
CA GLY A 1966 -25.73 24.94 3.09
C GLY A 1966 -25.45 24.21 4.40
N LEU A 1967 -25.44 24.96 5.50
CA LEU A 1967 -24.96 24.41 6.76
C LEU A 1967 -25.95 23.43 7.37
N GLU A 1968 -27.25 23.72 7.27
CA GLU A 1968 -28.24 22.85 7.88
C GLU A 1968 -28.23 21.46 7.24
N TRP A 1969 -28.15 21.41 5.91
CA TRP A 1969 -28.11 20.11 5.24
C TRP A 1969 -26.80 19.38 5.55
N ALA A 1970 -25.70 20.11 5.63
CA ALA A 1970 -24.43 19.47 5.96
C ALA A 1970 -24.46 18.85 7.34
N GLY A 1971 -25.03 19.57 8.31
CA GLY A 1971 -25.16 19.02 9.64
C GLY A 1971 -26.09 17.82 9.69
N ASN A 1972 -27.18 17.88 8.91
CA ASN A 1972 -28.13 16.77 8.90
C ASN A 1972 -27.50 15.52 8.30
N MET A 1973 -26.72 15.68 7.23
CA MET A 1973 -26.12 14.52 6.57
C MET A 1973 -24.90 13.98 7.30
N ALA A 1974 -24.14 14.85 7.97
CA ALA A 1974 -22.94 14.40 8.65
C ALA A 1974 -23.23 13.41 9.76
N LYS A 1975 -24.40 13.52 10.38
CA LYS A 1975 -24.76 12.62 11.46
C LYS A 1975 -24.84 11.17 10.99
N LYS A 1976 -24.95 10.96 9.67
CA LYS A 1976 -25.01 9.60 9.14
C LYS A 1976 -23.62 9.03 8.89
N HIS A 1977 -22.65 9.89 8.55
CA HIS A 1977 -21.29 9.45 8.24
C HIS A 1977 -20.38 9.77 9.42
N LEU A 1978 -20.46 8.93 10.45
CA LEU A 1978 -19.64 9.11 11.64
C LEU A 1978 -18.94 7.85 12.11
N SER A 1979 -19.27 6.69 11.57
CA SER A 1979 -18.61 5.45 11.96
C SER A 1979 -17.25 5.37 11.29
N ARG A 1980 -16.22 5.05 12.08
CA ARG A 1980 -14.86 4.98 11.59
C ARG A 1980 -14.53 3.66 10.91
N LYS A 1981 -15.36 2.63 11.09
CA LYS A 1981 -15.13 1.35 10.42
C LYS A 1981 -15.73 1.30 9.04
N LEU A 1982 -16.53 2.28 8.65
CA LEU A 1982 -17.13 2.31 7.33
C LEU A 1982 -16.74 3.53 6.51
N ASN A 1983 -16.00 4.47 7.08
CA ASN A 1983 -15.70 5.71 6.39
C ASN A 1983 -14.21 6.05 6.51
N HIS A 1984 -13.69 6.72 5.50
CA HIS A 1984 -12.31 7.17 5.52
C HIS A 1984 -12.13 8.23 6.61
N PRO A 1985 -10.92 8.37 7.15
CA PRO A 1985 -10.70 9.40 8.17
C PRO A 1985 -11.09 10.82 7.73
N ALA A 1986 -10.87 11.16 6.46
CA ALA A 1986 -11.20 12.52 6.01
C ALA A 1986 -12.70 12.77 6.07
N VAL A 1987 -13.50 11.77 5.68
CA VAL A 1987 -14.95 11.92 5.73
C VAL A 1987 -15.42 12.13 7.17
N CYS A 1988 -14.88 11.35 8.10
CA CYS A 1988 -15.26 11.52 9.50
C CYS A 1988 -14.83 12.89 10.02
N SER A 1989 -13.64 13.34 9.63
CA SER A 1989 -13.17 14.65 10.08
C SER A 1989 -14.08 15.77 9.60
N VAL A 1990 -14.46 15.75 8.32
CA VAL A 1990 -15.34 16.82 7.83
C VAL A 1990 -16.73 16.69 8.44
N SER A 1991 -17.19 15.47 8.72
CA SER A 1991 -18.48 15.34 9.38
C SER A 1991 -18.47 15.95 10.77
N THR A 1992 -17.40 15.71 11.54
CA THR A 1992 -17.33 16.31 12.87
C THR A 1992 -17.22 17.82 12.79
N ARG A 1993 -16.45 18.33 11.82
CA ARG A 1993 -16.37 19.79 11.66
C ARG A 1993 -17.73 20.37 11.31
N ALA A 1994 -18.49 19.69 10.45
CA ALA A 1994 -19.83 20.17 10.10
C ALA A 1994 -20.74 20.20 11.33
N ILE A 1995 -20.72 19.14 12.13
CA ILE A 1995 -21.58 19.10 13.30
C ILE A 1995 -21.19 20.19 14.29
N VAL A 1996 -19.89 20.41 14.47
CA VAL A 1996 -19.43 21.48 15.35
C VAL A 1996 -19.92 22.83 14.86
N LYS A 1997 -19.81 23.08 13.56
CA LYS A 1997 -20.24 24.37 13.03
C LYS A 1997 -21.74 24.55 13.16
N CYS A 1998 -22.51 23.46 13.07
CA CYS A 1998 -23.96 23.56 13.16
C CYS A 1998 -24.42 24.02 14.54
N HIS A 1999 -23.75 23.53 15.60
CA HIS A 1999 -24.09 23.96 16.95
C HIS A 1999 -23.12 25.04 17.38
N PRO A 2000 -23.53 26.30 17.44
CA PRO A 2000 -22.59 27.35 17.85
C PRO A 2000 -22.48 27.47 19.36
N SER A 2001 -23.56 27.14 20.06
CA SER A 2001 -23.58 27.15 21.52
C SER A 2001 -23.36 25.73 22.02
N VAL A 2002 -22.26 25.52 22.74
CA VAL A 2002 -21.85 24.18 23.15
C VAL A 2002 -22.80 23.70 24.25
N ASP A 2003 -23.57 22.65 23.95
CA ASP A 2003 -24.54 22.13 24.89
C ASP A 2003 -24.42 20.61 24.95
N GLU A 2004 -25.39 19.99 25.63
CA GLU A 2004 -25.37 18.55 25.76
C GLU A 2004 -25.71 17.84 24.44
N GLU A 2005 -26.34 18.53 23.49
CA GLU A 2005 -26.77 17.86 22.27
C GLU A 2005 -25.60 17.48 21.38
N LEU A 2006 -24.62 18.37 21.23
CA LEU A 2006 -23.48 18.09 20.35
C LEU A 2006 -22.69 16.89 20.85
N PHE A 2007 -22.30 16.93 22.13
CA PHE A 2007 -21.58 15.80 22.70
C PHE A 2007 -22.46 14.56 22.77
N LYS A 2008 -23.77 14.74 22.90
CA LYS A 2008 -24.67 13.59 22.89
C LYS A 2008 -24.59 12.88 21.54
N ILE A 2009 -24.62 13.64 20.45
CA ILE A 2009 -24.52 13.04 19.11
C ILE A 2009 -23.19 12.32 18.95
N ILE A 2010 -22.10 13.01 19.27
CA ILE A 2010 -20.77 12.45 19.03
C ILE A 2010 -20.55 11.19 19.87
N ASP A 2011 -20.83 11.28 21.17
CA ASP A 2011 -20.60 10.13 22.04
C ASP A 2011 -21.61 9.02 21.77
N GLY A 2012 -22.80 9.34 21.25
CA GLY A 2012 -23.68 8.29 20.80
C GLY A 2012 -23.08 7.51 19.65
N ALA A 2013 -22.47 8.20 18.70
CA ALA A 2013 -21.78 7.50 17.61
C ALA A 2013 -20.66 6.62 18.14
N TYR A 2014 -19.85 7.15 19.06
CA TYR A 2014 -18.75 6.37 19.63
C TYR A 2014 -19.26 5.14 20.38
N LEU A 2015 -20.31 5.32 21.19
CA LEU A 2015 -20.81 4.22 22.00
C LEU A 2015 -21.51 3.17 21.15
N GLN A 2016 -22.17 3.58 20.07
CA GLN A 2016 -22.72 2.59 19.16
C GLN A 2016 -21.62 1.82 18.44
N GLU A 2017 -20.51 2.49 18.13
CA GLU A 2017 -19.36 1.76 17.60
C GLU A 2017 -18.89 0.70 18.58
N TRP A 2018 -18.81 1.06 19.87
CA TRP A 2018 -18.45 0.06 20.88
C TRP A 2018 -19.46 -1.08 20.93
N LYS A 2019 -20.75 -0.75 20.89
CA LYS A 2019 -21.80 -1.75 21.01
C LYS A 2019 -21.80 -2.71 19.83
N ALA A 2020 -21.42 -2.23 18.64
CA ALA A 2020 -21.45 -3.09 17.46
C ALA A 2020 -20.44 -4.22 17.51
N LEU A 2021 -19.50 -4.20 18.45
CA LEU A 2021 -18.49 -5.26 18.54
C LEU A 2021 -19.11 -6.61 18.89
N ILE A 2022 -20.31 -6.61 19.49
CA ILE A 2022 -20.92 -7.87 19.91
C ILE A 2022 -21.24 -8.73 18.69
N ASP A 2023 -21.79 -8.14 17.64
CA ASP A 2023 -22.19 -8.89 16.46
C ASP A 2023 -21.01 -9.35 15.61
N TRP A 2024 -19.83 -8.80 15.83
CA TRP A 2024 -18.66 -9.11 15.00
C TRP A 2024 -17.97 -10.37 15.53
N THR A 2025 -18.64 -11.49 15.34
CA THR A 2025 -18.16 -12.77 15.85
C THR A 2025 -17.02 -13.27 14.96
N GLU A 2026 -16.55 -14.49 15.24
CA GLU A 2026 -15.40 -15.03 14.50
C GLU A 2026 -15.79 -15.43 13.09
N SER A 2027 -17.00 -15.94 12.89
CA SER A 2027 -17.41 -16.35 11.55
C SER A 2027 -17.71 -15.18 10.63
N GLU A 2028 -17.80 -13.97 11.16
CA GLU A 2028 -18.08 -12.79 10.35
C GLU A 2028 -16.93 -12.43 9.43
N GLY A 2029 -15.76 -13.04 9.59
CA GLY A 2029 -14.68 -12.82 8.64
C GLY A 2029 -13.51 -12.02 9.16
N PHE A 2030 -13.43 -10.76 8.75
CA PHE A 2030 -12.21 -9.96 8.85
C PHE A 2030 -11.64 -9.94 10.26
N GLY A 2031 -10.44 -10.49 10.43
CA GLY A 2031 -9.84 -10.57 11.74
C GLY A 2031 -8.89 -9.44 12.06
N GLU A 2032 -7.98 -9.12 11.13
CA GLU A 2032 -7.01 -8.06 11.39
C GLU A 2032 -7.68 -6.69 11.47
N MET A 2033 -8.68 -6.46 10.62
CA MET A 2033 -9.36 -5.17 10.64
C MET A 2033 -10.03 -4.95 11.98
N ARG A 2034 -10.64 -5.99 12.54
CA ARG A 2034 -11.26 -5.88 13.86
C ARG A 2034 -10.24 -5.54 14.92
N LEU A 2035 -9.05 -6.14 14.85
CA LEU A 2035 -8.01 -5.86 15.83
C LEU A 2035 -7.60 -4.39 15.77
N HIS A 2036 -7.30 -3.89 14.57
CA HIS A 2036 -6.90 -2.50 14.45
C HIS A 2036 -8.04 -1.57 14.81
N HIS A 2037 -9.28 -2.00 14.57
CA HIS A 2037 -10.44 -1.21 14.93
C HIS A 2037 -10.57 -1.07 16.44
N VAL A 2038 -10.34 -2.16 17.18
CA VAL A 2038 -10.40 -2.09 18.63
C VAL A 2038 -9.25 -1.23 19.17
N GLU A 2039 -8.07 -1.31 18.55
CA GLU A 2039 -6.99 -0.42 18.94
C GLU A 2039 -7.37 1.04 18.71
N GLN A 2040 -8.04 1.33 17.59
CA GLN A 2040 -8.47 2.69 17.32
C GLN A 2040 -9.48 3.17 18.36
N LEU A 2041 -10.42 2.31 18.73
CA LEU A 2041 -11.39 2.68 19.77
C LEU A 2041 -10.69 2.97 21.10
N LEU A 2042 -9.72 2.14 21.46
CA LEU A 2042 -9.00 2.37 22.71
C LEU A 2042 -8.22 3.67 22.66
N ASP A 2043 -7.61 4.00 21.52
CA ASP A 2043 -6.91 5.27 21.40
C ASP A 2043 -7.88 6.44 21.53
N ARG A 2044 -9.07 6.30 20.96
CA ARG A 2044 -10.03 7.40 20.99
C ARG A 2044 -10.75 7.53 22.33
N MET A 2045 -10.68 6.53 23.20
CA MET A 2045 -11.33 6.63 24.50
C MET A 2045 -10.82 7.82 25.31
N GLU A 2046 -9.60 8.28 25.06
CA GLU A 2046 -8.98 9.27 25.94
C GLU A 2046 -9.74 10.58 25.96
N ALA A 2047 -10.22 11.04 24.81
CA ALA A 2047 -10.76 12.39 24.70
C ALA A 2047 -12.01 12.62 25.55
N VAL A 2048 -12.63 11.55 26.03
CA VAL A 2048 -13.85 11.68 26.82
C VAL A 2048 -13.58 12.40 28.13
N ARG A 2049 -12.32 12.48 28.55
CA ARG A 2049 -11.99 13.06 29.84
C ARG A 2049 -12.35 14.53 29.96
N THR A 2050 -12.65 15.21 28.85
CA THR A 2050 -13.01 16.62 28.90
C THR A 2050 -14.50 16.86 29.10
N ARG A 2051 -15.33 15.81 29.08
CA ARG A 2051 -16.77 15.97 29.15
C ARG A 2051 -17.38 14.89 30.04
N TRP A 2052 -16.78 14.62 31.19
CA TRP A 2052 -17.10 13.40 31.92
C TRP A 2052 -18.58 13.23 32.27
N PRO A 2053 -19.28 14.23 32.84
CA PRO A 2053 -20.70 14.00 33.17
C PRO A 2053 -21.54 13.64 31.96
N TYR A 2054 -21.30 14.29 30.83
CA TYR A 2054 -22.05 13.98 29.62
C TYR A 2054 -21.78 12.56 29.16
N PHE A 2055 -20.52 12.12 29.24
CA PHE A 2055 -20.20 10.76 28.85
C PHE A 2055 -20.86 9.74 29.76
N VAL A 2056 -20.91 10.04 31.07
CA VAL A 2056 -21.59 9.13 31.98
C VAL A 2056 -23.07 9.04 31.64
N LYS A 2057 -23.70 10.18 31.35
CA LYS A 2057 -25.10 10.15 30.97
C LYS A 2057 -25.33 9.35 29.68
N SER A 2058 -24.46 9.55 28.69
CA SER A 2058 -24.58 8.81 27.44
C SER A 2058 -24.41 7.32 27.66
N LEU A 2059 -23.44 6.94 28.49
CA LEU A 2059 -23.23 5.54 28.83
C LEU A 2059 -24.47 4.94 29.49
N LYS A 2060 -25.07 5.69 30.43
CA LYS A 2060 -26.26 5.19 31.09
C LYS A 2060 -27.42 5.05 30.12
N ARG A 2061 -27.58 6.00 29.19
CA ARG A 2061 -28.70 5.93 28.27
C ARG A 2061 -28.52 4.85 27.23
N GLU A 2062 -27.28 4.50 26.88
CA GLU A 2062 -27.03 3.49 25.86
C GLU A 2062 -27.02 2.08 26.44
N PHE A 2063 -26.13 1.82 27.40
CA PHE A 2063 -26.00 0.48 27.93
C PHE A 2063 -26.91 0.20 29.12
N GLY A 2064 -27.59 1.21 29.65
CA GLY A 2064 -28.44 1.01 30.81
C GLY A 2064 -27.70 1.16 32.12
N THR A 2065 -26.66 0.35 32.31
CA THR A 2065 -25.84 0.42 33.51
C THR A 2065 -24.37 0.41 33.12
N VAL A 2066 -23.55 1.09 33.92
CA VAL A 2066 -22.12 1.15 33.66
C VAL A 2066 -21.49 -0.23 33.77
N THR A 2067 -21.97 -1.05 34.70
CA THR A 2067 -21.47 -2.41 34.83
C THR A 2067 -21.62 -3.18 33.53
N SER A 2068 -22.66 -2.89 32.73
CA SER A 2068 -22.78 -3.54 31.44
C SER A 2068 -21.64 -3.15 30.51
N PHE A 2069 -21.25 -1.88 30.51
CA PHE A 2069 -20.13 -1.45 29.66
C PHE A 2069 -18.84 -2.10 30.11
N VAL A 2070 -18.61 -2.18 31.42
CA VAL A 2070 -17.39 -2.83 31.90
C VAL A 2070 -17.41 -4.33 31.59
N GLU A 2071 -18.59 -4.96 31.64
CA GLU A 2071 -18.69 -6.36 31.24
C GLU A 2071 -18.39 -6.52 29.76
N LEU A 2072 -18.83 -5.58 28.92
CA LEU A 2072 -18.50 -5.65 27.50
C LEU A 2072 -17.01 -5.54 27.28
N MET A 2073 -16.35 -4.62 27.99
CA MET A 2073 -14.89 -4.54 27.90
C MET A 2073 -14.23 -5.83 28.35
N ARG A 2074 -14.72 -6.43 29.43
CA ARG A 2074 -14.16 -7.70 29.89
C ARG A 2074 -14.34 -8.79 28.86
N ASN A 2075 -15.52 -8.84 28.23
CA ASN A 2075 -15.77 -9.84 27.19
C ASN A 2075 -14.82 -9.64 26.01
N GLU A 2076 -14.57 -8.40 25.64
CA GLU A 2076 -13.64 -8.12 24.54
C GLU A 2076 -12.20 -8.38 24.92
N MET A 2077 -11.87 -8.36 26.22
CA MET A 2077 -10.50 -8.64 26.63
C MET A 2077 -10.05 -10.04 26.23
N LYS A 2078 -10.92 -11.03 26.39
CA LYS A 2078 -10.53 -12.42 26.13
C LYS A 2078 -10.19 -12.65 24.67
N ARG A 2079 -10.95 -12.05 23.75
CA ARG A 2079 -10.73 -12.31 22.33
C ARG A 2079 -9.40 -11.80 21.82
N MET A 2080 -8.77 -10.87 22.52
CA MET A 2080 -7.52 -10.28 22.06
C MET A 2080 -6.37 -11.29 22.23
N PRO A 2081 -5.35 -11.21 21.38
CA PRO A 2081 -4.17 -12.04 21.58
C PRO A 2081 -3.51 -11.75 22.92
N LEU A 2082 -2.87 -12.78 23.48
CA LEU A 2082 -2.36 -12.71 24.85
C LEU A 2082 -1.25 -11.68 25.02
N HIS A 2083 -0.50 -11.36 23.97
CA HIS A 2083 0.60 -10.41 24.12
C HIS A 2083 0.20 -8.98 23.79
N ARG A 2084 -1.07 -8.73 23.47
CA ARG A 2084 -1.54 -7.39 23.14
C ARG A 2084 -2.64 -6.92 24.07
N CYS A 2085 -2.98 -7.69 25.10
CA CYS A 2085 -4.11 -7.34 25.95
C CYS A 2085 -3.76 -6.33 27.02
N GLN A 2086 -2.51 -5.85 27.05
CA GLN A 2086 -2.11 -4.90 28.09
C GLN A 2086 -2.85 -3.58 27.94
N MET A 2087 -2.99 -3.09 26.71
CA MET A 2087 -3.60 -1.77 26.51
C MET A 2087 -5.03 -1.74 27.01
N MET A 2088 -5.79 -2.79 26.73
CA MET A 2088 -7.18 -2.76 27.15
C MET A 2088 -7.34 -3.05 28.63
N ALA A 2089 -6.41 -3.79 29.23
CA ALA A 2089 -6.39 -3.88 30.69
C ALA A 2089 -6.16 -2.51 31.31
N GLN A 2090 -5.24 -1.74 30.75
CA GLN A 2090 -5.04 -0.38 31.24
C GLN A 2090 -6.30 0.46 31.06
N ALA A 2091 -6.99 0.29 29.94
CA ALA A 2091 -8.23 1.03 29.72
C ALA A 2091 -9.29 0.66 30.75
N ILE A 2092 -9.44 -0.64 31.05
CA ILE A 2092 -10.41 -1.07 32.06
C ILE A 2092 -10.09 -0.46 33.41
N VAL A 2093 -8.81 -0.52 33.80
CA VAL A 2093 -8.40 0.03 35.09
C VAL A 2093 -8.69 1.52 35.14
N LYS A 2094 -8.34 2.25 34.08
CA LYS A 2094 -8.53 3.69 34.06
C LYS A 2094 -10.01 4.06 34.15
N ILE A 2095 -10.87 3.35 33.41
CA ILE A 2095 -12.28 3.72 33.43
C ILE A 2095 -12.89 3.39 34.79
N VAL A 2096 -12.52 2.25 35.39
CA VAL A 2096 -13.07 1.89 36.69
C VAL A 2096 -12.61 2.90 37.75
N PHE A 2097 -11.33 3.25 37.72
CA PHE A 2097 -10.83 4.22 38.70
C PHE A 2097 -11.50 5.58 38.52
N GLY A 2098 -11.71 6.00 37.28
CA GLY A 2098 -12.39 7.27 37.06
C GLY A 2098 -13.81 7.25 37.57
N LEU A 2099 -14.55 6.17 37.30
CA LEU A 2099 -15.92 6.07 37.76
C LEU A 2099 -16.00 6.08 39.28
N LEU A 2100 -15.10 5.35 39.94
CA LEU A 2100 -15.12 5.34 41.40
C LEU A 2100 -14.73 6.70 41.97
N SER A 2101 -13.71 7.35 41.38
CA SER A 2101 -13.25 8.62 41.90
C SER A 2101 -14.32 9.69 41.78
N ASN A 2102 -15.04 9.72 40.66
CA ASN A 2102 -16.04 10.76 40.46
C ASN A 2102 -17.37 10.43 41.13
N GLY A 2103 -17.52 9.23 41.66
CA GLY A 2103 -18.71 8.89 42.42
C GLY A 2103 -19.82 8.32 41.56
N THR A 2104 -20.22 7.07 41.84
CA THR A 2104 -21.31 6.43 41.13
C THR A 2104 -22.18 5.70 42.15
N ASN A 2105 -23.41 5.42 41.76
CA ASN A 2105 -24.34 4.68 42.62
C ASN A 2105 -24.29 3.18 42.37
N GLU A 2106 -23.41 2.71 41.50
CA GLU A 2106 -23.18 1.28 41.29
C GLU A 2106 -21.74 0.92 41.66
N ALA A 2107 -21.19 1.59 42.68
CA ALA A 2107 -19.80 1.32 43.05
C ALA A 2107 -19.62 -0.11 43.52
N GLU A 2108 -20.59 -0.65 44.27
CA GLU A 2108 -20.45 -2.00 44.80
C GLU A 2108 -20.36 -3.02 43.69
N GLN A 2109 -21.31 -3.01 42.74
CA GLN A 2109 -21.31 -4.00 41.69
C GLN A 2109 -20.14 -3.80 40.73
N LEU A 2110 -19.75 -2.54 40.51
CA LEU A 2110 -18.62 -2.27 39.63
C LEU A 2110 -17.33 -2.85 40.21
N ILE A 2111 -17.08 -2.60 41.50
CA ILE A 2111 -15.90 -3.18 42.11
C ILE A 2111 -16.02 -4.70 42.17
N HIS A 2112 -17.23 -5.21 42.37
CA HIS A 2112 -17.44 -6.65 42.42
C HIS A 2112 -16.99 -7.31 41.13
N VAL A 2113 -17.41 -6.78 39.99
CA VAL A 2113 -17.02 -7.37 38.71
C VAL A 2113 -15.53 -7.13 38.44
N PHE A 2114 -15.03 -5.94 38.79
CA PHE A 2114 -13.62 -5.65 38.57
C PHE A 2114 -12.73 -6.64 39.31
N LEU A 2115 -13.10 -7.01 40.54
CA LEU A 2115 -12.34 -8.00 41.29
C LEU A 2115 -12.60 -9.41 40.79
N ASN A 2116 -13.85 -9.73 40.44
CA ASN A 2116 -14.17 -11.06 39.95
C ASN A 2116 -13.40 -11.40 38.67
N ILE A 2117 -12.94 -10.38 37.95
CA ILE A 2117 -12.10 -10.65 36.77
C ILE A 2117 -10.88 -11.46 37.17
N PHE A 2118 -10.28 -11.14 38.32
CA PHE A 2118 -9.04 -11.80 38.73
C PHE A 2118 -9.24 -13.29 38.97
N THR A 2119 -10.36 -13.67 39.57
CA THR A 2119 -10.53 -15.02 40.11
C THR A 2119 -11.51 -15.88 39.33
N ASP A 2120 -12.11 -15.37 38.26
CA ASP A 2120 -13.05 -16.19 37.50
C ASP A 2120 -12.32 -17.26 36.71
N GLN A 2121 -13.05 -18.33 36.40
CA GLN A 2121 -12.45 -19.46 35.68
C GLN A 2121 -12.03 -19.06 34.27
N ASP A 2122 -12.76 -18.14 33.64
CA ASP A 2122 -12.47 -17.76 32.26
C ASP A 2122 -11.42 -16.66 32.15
N THR A 2123 -11.03 -16.03 33.25
CA THR A 2123 -10.20 -14.83 33.16
C THR A 2123 -9.05 -14.82 34.17
N TYR A 2124 -8.87 -15.87 34.96
CA TYR A 2124 -7.86 -15.81 36.01
C TYR A 2124 -6.45 -15.74 35.41
N HIS A 2125 -6.23 -16.36 34.26
CA HIS A 2125 -4.93 -16.29 33.61
C HIS A 2125 -4.53 -14.87 33.25
N LEU A 2126 -5.50 -13.96 33.20
CA LEU A 2126 -5.24 -12.55 32.88
C LEU A 2126 -4.92 -11.72 34.11
N ALA A 2127 -4.99 -12.31 35.31
CA ALA A 2127 -4.74 -11.54 36.52
C ALA A 2127 -3.38 -10.88 36.48
N ASN A 2128 -2.35 -11.63 36.10
CA ASN A 2128 -1.00 -11.08 36.03
C ASN A 2128 -0.95 -9.81 35.20
N ASP A 2129 -1.78 -9.74 34.16
CA ASP A 2129 -1.82 -8.54 33.34
C ASP A 2129 -2.40 -7.36 34.11
N MET A 2130 -3.59 -7.55 34.70
CA MET A 2130 -4.31 -6.43 35.28
C MET A 2130 -3.55 -5.80 36.43
N ARG A 2131 -2.93 -6.62 37.26
CA ARG A 2131 -2.07 -6.09 38.32
C ARG A 2131 -1.06 -5.11 37.75
N SER A 2132 -0.35 -5.53 36.69
CA SER A 2132 0.62 -4.63 36.08
C SER A 2132 -0.05 -3.36 35.61
N ALA A 2133 -1.24 -3.49 35.02
CA ALA A 2133 -1.99 -2.31 34.59
C ALA A 2133 -2.18 -1.34 35.75
N VAL A 2134 -2.60 -1.85 36.90
CA VAL A 2134 -2.78 -0.97 38.06
C VAL A 2134 -1.45 -0.32 38.41
N GLN A 2135 -0.37 -1.11 38.42
CA GLN A 2135 0.93 -0.58 38.76
C GLN A 2135 1.39 0.49 37.79
N GLU A 2136 0.80 0.53 36.60
CA GLU A 2136 1.07 1.66 35.71
C GLU A 2136 0.19 2.85 36.06
N THR A 2137 -1.12 2.61 36.23
CA THR A 2137 -2.06 3.70 36.44
C THR A 2137 -1.67 4.53 37.66
N ILE A 2138 -1.37 3.85 38.78
CA ILE A 2138 -0.97 4.56 39.98
C ILE A 2138 0.23 5.45 39.70
N SER A 2139 1.23 4.94 38.98
CA SER A 2139 2.38 5.76 38.63
C SER A 2139 1.94 7.00 37.88
N ARG A 2140 1.07 6.84 36.89
CA ARG A 2140 0.56 8.00 36.16
C ARG A 2140 -0.14 8.95 37.11
N PHE A 2141 -0.91 8.41 38.06
CA PHE A 2141 -1.54 9.25 39.07
C PHE A 2141 -0.53 10.13 39.77
N GLU A 2142 0.62 9.54 40.15
CA GLU A 2142 1.66 10.33 40.78
C GLU A 2142 2.14 11.44 39.86
N ASN A 2143 2.35 11.11 38.58
CA ASN A 2143 2.78 12.12 37.62
C ASN A 2143 1.78 13.26 37.52
N ALA A 2144 0.51 13.02 37.88
CA ALA A 2144 -0.42 14.12 38.00
C ALA A 2144 -0.17 14.91 39.28
N LEU A 2145 -0.23 14.22 40.44
CA LEU A 2145 -0.23 14.92 41.72
C LEU A 2145 1.05 15.72 41.90
N LYS A 2146 2.19 15.10 41.67
CA LYS A 2146 3.46 15.80 41.80
C LYS A 2146 3.52 17.04 40.92
N GLU A 2147 2.84 17.01 39.78
CA GLU A 2147 2.75 18.21 38.96
C GLU A 2147 1.90 19.28 39.64
N GLU A 2148 0.70 18.90 40.11
CA GLU A 2148 -0.23 19.88 40.65
C GLU A 2148 0.38 20.61 41.83
N LYS A 2149 1.07 19.88 42.70
CA LYS A 2149 1.68 20.51 43.87
C LYS A 2149 2.61 21.64 43.46
N LYS A 2150 3.39 21.43 42.39
CA LYS A 2150 4.29 22.49 41.95
C LYS A 2150 3.51 23.72 41.51
N LEU A 2151 2.34 23.51 40.87
CA LEU A 2151 1.51 24.65 40.49
C LEU A 2151 0.98 25.37 41.71
N MET A 2152 0.81 24.68 42.83
CA MET A 2152 0.40 25.35 44.05
C MET A 2152 1.50 26.29 44.54
N VAL A 2153 2.76 25.95 44.27
CA VAL A 2153 3.86 26.80 44.72
C VAL A 2153 3.96 28.04 43.85
N GLU A 2154 4.08 27.85 42.54
CA GLU A 2154 4.24 28.99 41.63
C GLU A 2154 3.04 29.93 41.69
N HIS A 2155 1.85 29.40 41.98
CA HIS A 2155 0.66 30.23 42.07
C HIS A 2155 0.49 30.89 43.43
N GLU A 2156 1.29 30.50 44.43
CA GLU A 2156 1.17 31.11 45.75
C GLU A 2156 1.42 32.61 45.70
N ASN A 2157 2.42 33.03 44.93
CA ASN A 2157 2.74 34.43 44.75
C ASN A 2157 2.19 34.99 43.44
N MET A 2158 1.01 34.56 43.03
CA MET A 2158 0.42 34.94 41.75
C MET A 2158 -1.07 35.23 41.94
N ASP A 2159 -1.64 35.91 40.95
CA ASP A 2159 -3.07 36.20 40.98
C ASP A 2159 -3.91 34.94 41.00
N LYS A 2160 -4.94 34.93 41.85
CA LYS A 2160 -5.83 33.79 41.99
C LYS A 2160 -6.66 33.53 40.73
N GLU A 2161 -6.78 34.52 39.84
CA GLU A 2161 -7.62 34.40 38.66
C GLU A 2161 -6.86 33.93 37.43
N SER A 2162 -5.85 33.08 37.60
CA SER A 2162 -5.06 32.60 36.48
C SER A 2162 -5.06 31.08 36.32
N VAL A 2163 -5.55 30.33 37.30
CA VAL A 2163 -5.63 28.88 37.21
C VAL A 2163 -7.00 28.43 37.70
N LEU A 2164 -7.37 27.21 37.31
CA LEU A 2164 -8.62 26.61 37.73
C LEU A 2164 -8.40 25.15 38.10
N ARG A 2165 -9.25 24.66 38.99
CA ARG A 2165 -9.29 23.26 39.37
C ARG A 2165 -10.61 22.66 38.93
N ILE A 2166 -10.55 21.53 38.25
CA ILE A 2166 -11.72 20.85 37.73
C ILE A 2166 -12.24 19.90 38.80
N LYS A 2167 -13.52 20.00 39.14
CA LYS A 2167 -14.06 19.12 40.16
C LYS A 2167 -14.57 17.80 39.59
N ASN A 2168 -14.92 17.76 38.31
CA ASN A 2168 -15.31 16.54 37.62
C ASN A 2168 -14.29 16.31 36.51
N TYR A 2169 -13.18 15.66 36.87
CA TYR A 2169 -12.04 15.50 36.00
C TYR A 2169 -12.06 14.20 35.21
N GLY A 2170 -13.10 13.39 35.35
CA GLY A 2170 -13.09 12.09 34.69
C GLY A 2170 -11.94 11.26 35.22
N PHE A 2171 -11.17 10.69 34.29
CA PHE A 2171 -9.94 9.98 34.62
C PHE A 2171 -8.72 10.78 34.18
N SER A 2172 -8.83 12.09 34.17
CA SER A 2172 -7.70 12.92 33.74
C SER A 2172 -6.44 12.72 34.57
N PRO A 2173 -6.48 12.62 35.91
CA PRO A 2173 -5.23 12.34 36.63
C PRO A 2173 -4.59 11.01 36.24
N PHE A 2174 -5.40 10.00 35.96
CA PHE A 2174 -4.86 8.68 35.62
C PHE A 2174 -4.19 8.67 34.24
N TYR A 2175 -4.43 9.70 33.44
CA TYR A 2175 -3.78 9.83 32.14
C TYR A 2175 -2.57 10.75 32.19
N GLY A 2176 -2.18 11.21 33.37
CA GLY A 2176 -1.03 12.09 33.51
C GLY A 2176 -1.33 13.56 33.40
N ALA A 2177 -2.55 13.93 33.02
CA ALA A 2177 -2.92 15.34 32.93
C ALA A 2177 -3.37 15.84 34.29
N PRO A 2178 -2.81 16.94 34.80
CA PRO A 2178 -3.21 17.42 36.12
C PRO A 2178 -4.59 18.08 36.10
N ARG A 2179 -5.15 18.22 37.30
CA ARG A 2179 -6.44 18.85 37.47
C ARG A 2179 -6.36 20.37 37.56
N ILE A 2180 -5.16 20.94 37.60
CA ILE A 2180 -4.99 22.38 37.67
C ILE A 2180 -4.57 22.86 36.29
N ILE A 2181 -5.37 23.74 35.68
CA ILE A 2181 -5.13 24.18 34.32
C ILE A 2181 -5.18 25.70 34.25
N ALA A 2182 -4.40 26.26 33.32
CA ALA A 2182 -4.33 27.70 33.16
C ALA A 2182 -5.67 28.26 32.66
N LYS A 2183 -5.96 29.49 33.07
CA LYS A 2183 -7.21 30.15 32.70
C LYS A 2183 -7.08 30.70 31.29
N THR A 2184 -7.64 29.98 30.33
CA THR A 2184 -7.65 30.32 28.91
C THR A 2184 -9.03 30.08 28.36
N PRO A 2185 -9.38 30.66 27.21
CA PRO A 2185 -10.76 30.51 26.72
C PRO A 2185 -11.22 29.08 26.57
N GLU A 2186 -10.35 28.18 26.08
CA GLU A 2186 -10.75 26.78 25.97
C GLU A 2186 -10.84 26.13 27.34
N SER A 2187 -10.00 26.55 28.29
CA SER A 2187 -10.16 26.09 29.66
C SER A 2187 -11.48 26.56 30.24
N MET A 2188 -11.90 27.79 29.91
CA MET A 2188 -13.22 28.26 30.33
C MET A 2188 -14.32 27.40 29.72
N LEU A 2189 -14.16 27.02 28.45
CA LEU A 2189 -15.12 26.12 27.82
C LEU A 2189 -15.22 24.80 28.56
N ILE A 2190 -14.08 24.23 28.95
CA ILE A 2190 -14.09 22.98 29.71
C ILE A 2190 -14.70 23.15 31.09
N ALA A 2191 -14.35 24.24 31.79
CA ALA A 2191 -14.83 24.45 33.16
C ALA A 2191 -16.32 24.73 33.19
N LYS A 2192 -16.88 25.27 32.11
CA LYS A 2192 -18.32 25.49 32.05
C LYS A 2192 -19.07 24.16 32.14
N ILE A 2193 -18.44 23.08 31.72
CA ILE A 2193 -19.07 21.77 31.66
C ILE A 2193 -18.70 20.92 32.87
N ALA A 2194 -17.42 20.91 33.23
CA ALA A 2194 -16.94 20.03 34.29
C ALA A 2194 -17.01 20.64 35.68
N GLU A 2195 -17.36 21.93 35.79
CA GLU A 2195 -17.50 22.63 37.06
C GLU A 2195 -16.16 22.82 37.76
N THR A 2196 -16.06 23.80 38.65
CA THR A 2196 -14.82 24.12 39.34
C THR A 2196 -15.01 24.10 40.85
N ILE A 2197 -13.90 23.97 41.56
CA ILE A 2197 -13.87 24.07 43.01
C ILE A 2197 -12.65 24.88 43.42
N PRO A 2198 -12.60 25.36 44.67
CA PRO A 2198 -11.41 26.09 45.14
C PRO A 2198 -10.15 25.24 44.97
N ILE A 2199 -9.08 25.91 44.56
CA ILE A 2199 -7.85 25.21 44.19
C ILE A 2199 -7.22 24.53 45.40
N ASP A 2200 -7.24 25.18 46.55
CA ASP A 2200 -6.58 24.64 47.75
C ASP A 2200 -7.37 23.51 48.40
N SER A 2201 -8.39 22.99 47.75
CA SER A 2201 -9.18 21.91 48.34
C SER A 2201 -8.33 20.65 48.50
N GLU A 2202 -8.62 19.92 49.57
CA GLU A 2202 -7.90 18.68 49.88
C GLU A 2202 -8.50 17.52 49.10
N GLU A 2203 -7.98 16.31 49.31
CA GLU A 2203 -8.40 15.13 48.57
C GLU A 2203 -9.33 14.27 49.41
N ASN A 2204 -10.05 13.40 48.72
CA ASN A 2204 -10.91 12.40 49.34
C ASN A 2204 -10.58 11.05 48.74
N PHE A 2205 -10.49 10.02 49.57
CA PHE A 2205 -10.12 8.68 49.13
C PHE A 2205 -11.11 7.63 49.60
N LYS A 2206 -12.38 7.99 49.75
CA LYS A 2206 -13.36 7.03 50.24
C LYS A 2206 -13.53 5.87 49.27
N TRP A 2207 -13.46 6.15 47.96
CA TRP A 2207 -13.52 5.09 46.96
C TRP A 2207 -12.38 4.11 47.14
N LEU A 2208 -11.18 4.61 47.39
CA LEU A 2208 -10.06 3.72 47.66
C LEU A 2208 -10.30 2.90 48.92
N GLU A 2209 -10.91 3.51 49.94
CA GLU A 2209 -11.24 2.77 51.16
C GLU A 2209 -12.14 1.60 50.84
N GLN A 2210 -13.19 1.84 50.05
CA GLN A 2210 -14.10 0.75 49.68
C GLN A 2210 -13.37 -0.32 48.88
N LEU A 2211 -12.49 0.10 47.97
CA LEU A 2211 -11.75 -0.84 47.15
C LEU A 2211 -10.89 -1.77 48.01
N ILE A 2212 -10.12 -1.18 48.94
CA ILE A 2212 -9.29 -1.99 49.82
C ILE A 2212 -10.14 -2.90 50.70
N SER A 2213 -11.24 -2.38 51.23
CA SER A 2213 -12.05 -3.20 52.12
C SER A 2213 -12.58 -4.43 51.41
N MET A 2214 -13.09 -4.26 50.18
CA MET A 2214 -13.64 -5.41 49.50
C MET A 2214 -12.55 -6.32 48.93
N ILE A 2215 -11.37 -5.77 48.62
CA ILE A 2215 -10.25 -6.63 48.23
C ILE A 2215 -9.85 -7.53 49.40
N LEU A 2216 -9.79 -6.95 50.61
CA LEU A 2216 -9.45 -7.74 51.79
C LEU A 2216 -10.50 -8.81 52.06
N GLU A 2217 -11.78 -8.45 51.92
CA GLU A 2217 -12.83 -9.44 52.11
C GLU A 2217 -12.71 -10.56 51.09
N LYS A 2218 -12.36 -10.22 49.85
CA LYS A 2218 -12.15 -11.24 48.83
C LYS A 2218 -10.99 -12.17 49.19
N LEU A 2219 -9.90 -11.60 49.71
CA LEU A 2219 -8.79 -12.44 50.13
C LEU A 2219 -9.20 -13.41 51.22
N THR A 2220 -9.96 -12.93 52.22
CA THR A 2220 -10.33 -13.80 53.33
C THR A 2220 -11.30 -14.89 52.90
N ARG A 2221 -12.32 -14.55 52.11
CA ARG A 2221 -13.37 -15.51 51.81
C ARG A 2221 -13.06 -16.39 50.60
N SER A 2222 -11.92 -16.16 49.93
CA SER A 2222 -11.59 -16.90 48.72
C SER A 2222 -11.51 -18.39 48.99
N ASN A 2223 -11.90 -19.18 48.00
CA ASN A 2223 -11.83 -20.63 48.13
C ASN A 2223 -10.38 -21.08 47.96
N SER A 2224 -9.89 -21.86 48.91
CA SER A 2224 -8.49 -22.23 48.99
C SER A 2224 -8.27 -23.62 48.37
N THR A 2225 -7.10 -24.20 48.62
CA THR A 2225 -6.72 -25.55 48.18
C THR A 2225 -6.77 -25.69 46.66
N VAL A 2226 -6.38 -24.64 45.94
CA VAL A 2226 -6.18 -24.69 44.50
C VAL A 2226 -4.68 -24.77 44.28
N THR A 2227 -4.20 -25.94 43.86
CA THR A 2227 -2.77 -26.15 43.70
C THR A 2227 -2.22 -25.38 42.51
N TRP A 2228 -1.02 -24.83 42.69
CA TRP A 2228 -0.34 -24.08 41.64
C TRP A 2228 1.12 -24.49 41.56
N GLN A 2229 1.65 -24.49 40.33
CA GLN A 2229 3.06 -24.75 40.11
C GLN A 2229 3.89 -23.48 40.22
N ASN A 2230 3.36 -22.34 39.79
CA ASN A 2230 4.03 -21.06 39.93
C ASN A 2230 3.17 -20.16 40.80
N LEU A 2231 3.77 -19.60 41.85
CA LEU A 2231 3.03 -18.76 42.79
C LEU A 2231 3.02 -17.29 42.38
N SER A 2232 3.90 -16.87 41.48
CA SER A 2232 3.91 -15.47 41.07
C SER A 2232 2.76 -15.16 40.12
N ASP A 2233 2.15 -16.20 39.53
CA ASP A 2233 1.05 -16.03 38.60
C ASP A 2233 -0.30 -16.35 39.21
N SER A 2234 -0.35 -16.65 40.50
CA SER A 2234 -1.62 -16.97 41.14
C SER A 2234 -2.49 -15.70 41.23
N PRO A 2235 -3.81 -15.83 41.18
CA PRO A 2235 -4.65 -14.63 41.35
C PRO A 2235 -4.47 -13.94 42.69
N SER A 2236 -4.31 -14.71 43.75
CA SER A 2236 -4.27 -14.13 45.10
C SER A 2236 -3.01 -13.31 45.32
N TYR A 2237 -1.88 -13.77 44.77
CA TYR A 2237 -0.66 -12.97 44.84
C TYR A 2237 -0.84 -11.63 44.15
N ASN A 2238 -1.51 -11.63 43.00
CA ASN A 2238 -1.75 -10.38 42.28
C ASN A 2238 -2.71 -9.48 43.05
N LEU A 2239 -3.72 -10.06 43.70
CA LEU A 2239 -4.61 -9.24 44.53
C LEU A 2239 -3.86 -8.60 45.67
N SER A 2240 -2.97 -9.35 46.32
CA SER A 2240 -2.16 -8.77 47.39
C SER A 2240 -1.26 -7.66 46.86
N ARG A 2241 -0.67 -7.87 45.67
CA ARG A 2241 0.21 -6.86 45.11
C ARG A 2241 -0.56 -5.58 44.76
N VAL A 2242 -1.77 -5.72 44.22
CA VAL A 2242 -2.55 -4.53 43.92
C VAL A 2242 -3.03 -3.83 45.19
N LEU A 2243 -3.35 -4.59 46.24
CA LEU A 2243 -3.64 -3.98 47.54
C LEU A 2243 -2.45 -3.14 48.01
N ALA A 2244 -1.24 -3.69 47.90
CA ALA A 2244 -0.05 -2.96 48.33
C ALA A 2244 0.18 -1.71 47.51
N SER A 2245 0.00 -1.80 46.19
CA SER A 2245 0.22 -0.63 45.34
C SER A 2245 -0.82 0.46 45.60
N CYS A 2246 -2.05 0.06 45.92
CA CYS A 2246 -3.08 1.05 46.24
C CYS A 2246 -2.80 1.73 47.58
N LEU A 2247 -2.40 0.96 48.60
CA LEU A 2247 -2.12 1.56 49.91
C LEU A 2247 -0.88 2.45 49.91
N ALA A 2248 -0.06 2.42 48.86
CA ALA A 2248 1.17 3.21 48.88
C ALA A 2248 0.93 4.71 48.78
N ILE A 2249 -0.29 5.14 48.45
CA ILE A 2249 -0.57 6.55 48.27
C ILE A 2249 -1.62 7.09 49.23
N CYS A 2250 -2.23 6.26 50.07
CA CYS A 2250 -3.27 6.75 50.96
C CYS A 2250 -2.68 7.57 52.11
N ASP A 2251 -3.57 8.14 52.90
CA ASP A 2251 -3.18 8.89 54.09
C ASP A 2251 -2.59 7.95 55.13
N PRO A 2252 -1.57 8.39 55.88
CA PRO A 2252 -0.98 7.50 56.90
C PRO A 2252 -1.98 6.94 57.89
N VAL A 2253 -2.99 7.72 58.29
CA VAL A 2253 -4.00 7.19 59.19
C VAL A 2253 -4.81 6.09 58.51
N ILE A 2254 -5.03 6.22 57.21
CA ILE A 2254 -5.72 5.16 56.48
C ILE A 2254 -4.90 3.88 56.47
N ILE A 2255 -3.60 4.00 56.24
CA ILE A 2255 -2.74 2.82 56.27
C ILE A 2255 -2.78 2.18 57.66
N ARG A 2256 -2.72 3.00 58.70
CA ARG A 2256 -2.77 2.45 60.06
C ARG A 2256 -4.08 1.70 60.29
N ASN A 2257 -5.20 2.31 59.90
CA ASN A 2257 -6.49 1.66 60.13
C ASN A 2257 -6.59 0.34 59.38
N HIS A 2258 -6.21 0.34 58.11
CA HIS A 2258 -6.40 -0.87 57.31
C HIS A 2258 -5.41 -1.96 57.70
N PHE A 2259 -4.18 -1.58 58.04
CA PHE A 2259 -3.22 -2.58 58.50
C PHE A 2259 -3.64 -3.18 59.83
N SER A 2260 -4.15 -2.35 60.76
CA SER A 2260 -4.61 -2.89 62.03
C SER A 2260 -5.81 -3.80 61.82
N ARG A 2261 -6.70 -3.45 60.89
CA ARG A 2261 -7.82 -4.34 60.57
C ARG A 2261 -7.33 -5.66 60.00
N LEU A 2262 -6.36 -5.62 59.09
CA LEU A 2262 -5.85 -6.84 58.47
C LEU A 2262 -5.16 -7.74 59.48
N ILE A 2263 -4.41 -7.14 60.42
CA ILE A 2263 -3.61 -7.94 61.34
C ILE A 2263 -4.48 -8.86 62.16
N HIS A 2264 -5.59 -8.35 62.69
CA HIS A 2264 -6.41 -9.11 63.61
C HIS A 2264 -7.18 -10.24 62.95
N ILE A 2265 -7.22 -10.29 61.61
CA ILE A 2265 -7.91 -11.39 60.94
C ILE A 2265 -7.05 -12.63 60.90
N ILE A 2266 -5.73 -12.48 61.08
CA ILE A 2266 -4.82 -13.60 60.95
C ILE A 2266 -5.00 -14.56 62.12
N LYS A 2267 -5.03 -15.86 61.81
CA LYS A 2267 -5.04 -16.91 62.82
C LYS A 2267 -3.66 -17.55 62.85
N TYR A 2268 -3.08 -17.63 64.05
CA TYR A 2268 -1.69 -18.03 64.20
C TYR A 2268 -1.55 -19.48 64.66
N ASP A 2269 -2.61 -20.28 64.55
CA ASP A 2269 -2.50 -21.70 64.82
C ASP A 2269 -1.57 -22.33 63.78
N VAL A 2270 -0.62 -23.12 64.25
CA VAL A 2270 0.44 -23.61 63.36
C VAL A 2270 0.02 -24.91 62.71
N GLU A 2271 -0.52 -25.85 63.49
CA GLU A 2271 -0.97 -27.12 62.93
C GLU A 2271 -2.15 -26.93 61.98
N LYS A 2272 -2.91 -25.85 62.18
CA LYS A 2272 -4.10 -25.61 61.36
C LYS A 2272 -3.80 -24.93 60.04
N ILE A 2273 -2.56 -24.49 59.80
CA ILE A 2273 -2.24 -23.77 58.58
C ILE A 2273 -1.08 -24.38 57.80
N PHE A 2274 -0.36 -25.35 58.36
CA PHE A 2274 0.79 -25.79 57.58
C PHE A 2274 0.45 -26.62 56.35
N PRO A 2275 -0.04 -27.88 56.51
CA PRO A 2275 0.12 -28.84 55.40
C PRO A 2275 -0.71 -28.55 54.15
N MET A 2276 -2.05 -28.63 54.27
CA MET A 2276 -2.92 -28.44 53.10
C MET A 2276 -4.27 -27.81 53.41
N SER A 2277 -4.52 -27.38 54.65
CA SER A 2277 -5.89 -27.11 55.07
C SER A 2277 -6.52 -25.99 54.24
N GLU A 2278 -7.86 -25.96 54.25
CA GLU A 2278 -8.56 -24.89 53.55
C GLU A 2278 -8.25 -23.53 54.17
N LYS A 2279 -8.19 -23.46 55.50
CA LYS A 2279 -7.74 -22.23 56.14
C LYS A 2279 -6.26 -21.99 55.91
N SER A 2280 -5.50 -23.02 55.57
CA SER A 2280 -4.05 -22.87 55.41
C SER A 2280 -3.72 -21.92 54.26
N TYR A 2281 -4.38 -22.07 53.12
CA TYR A 2281 -4.04 -21.23 51.98
C TYR A 2281 -4.56 -19.80 52.15
N SER A 2282 -5.72 -19.63 52.79
CA SER A 2282 -6.18 -18.28 53.10
C SER A 2282 -5.21 -17.58 54.04
N ASN A 2283 -4.73 -18.31 55.06
CA ASN A 2283 -3.77 -17.72 55.98
C ASN A 2283 -2.46 -17.40 55.27
N TYR A 2284 -2.04 -18.27 54.35
CA TYR A 2284 -0.82 -17.97 53.59
C TYR A 2284 -0.99 -16.71 52.77
N SER A 2285 -2.15 -16.55 52.12
CA SER A 2285 -2.39 -15.35 51.33
C SER A 2285 -2.36 -14.10 52.20
N LEU A 2286 -3.00 -14.16 53.36
CA LEU A 2286 -3.00 -12.99 54.24
C LEU A 2286 -1.60 -12.67 54.75
N LEU A 2287 -0.81 -13.71 55.08
CA LEU A 2287 0.56 -13.47 55.51
C LEU A 2287 1.40 -12.84 54.40
N ARG A 2288 1.20 -13.31 53.16
CA ARG A 2288 1.89 -12.71 52.03
C ARG A 2288 1.49 -11.24 51.87
N SER A 2289 0.21 -10.94 52.08
CA SER A 2289 -0.23 -9.55 52.03
C SER A 2289 0.45 -8.72 53.11
N VAL A 2290 0.59 -9.29 54.31
CA VAL A 2290 1.27 -8.57 55.38
C VAL A 2290 2.71 -8.28 55.01
N GLU A 2291 3.39 -9.26 54.42
CA GLU A 2291 4.77 -9.04 53.99
C GLU A 2291 4.85 -7.96 52.93
N LEU A 2292 3.94 -7.99 51.97
CA LEU A 2292 3.95 -6.98 50.90
C LEU A 2292 3.68 -5.59 51.45
N LEU A 2293 2.77 -5.48 52.41
CA LEU A 2293 2.49 -4.17 53.00
C LEU A 2293 3.67 -3.66 53.82
N LEU A 2294 4.37 -4.56 54.51
CA LEU A 2294 5.60 -4.15 55.18
C LEU A 2294 6.64 -3.66 54.18
N PHE A 2295 6.75 -4.37 53.06
CA PHE A 2295 7.69 -3.96 52.02
C PHE A 2295 7.35 -2.54 51.54
N VAL A 2296 6.06 -2.28 51.33
CA VAL A 2296 5.64 -0.94 50.92
C VAL A 2296 5.97 0.09 51.99
N CYS A 2297 5.67 -0.22 53.26
CA CYS A 2297 5.92 0.72 54.34
C CYS A 2297 7.40 1.02 54.52
N LEU A 2298 8.28 0.12 54.06
CA LEU A 2298 9.71 0.32 54.28
C LEU A 2298 10.20 1.63 53.64
N GLU A 2299 9.80 1.91 52.41
CA GLU A 2299 10.34 3.06 51.69
C GLU A 2299 9.86 4.39 52.25
N LYS A 2300 8.89 4.38 53.15
CA LYS A 2300 8.39 5.60 53.75
C LYS A 2300 9.26 6.10 54.89
N ARG A 2301 10.33 5.36 55.23
CA ARG A 2301 11.22 5.79 56.31
C ARG A 2301 11.90 7.11 55.97
N GLY A 2302 12.05 7.42 54.68
CA GLY A 2302 12.60 8.71 54.30
C GLY A 2302 11.73 9.88 54.69
N ASP A 2303 10.40 9.69 54.65
CA ASP A 2303 9.48 10.76 55.02
C ASP A 2303 9.65 11.06 56.51
N GLU A 2304 9.81 12.35 56.83
CA GLU A 2304 10.12 12.80 58.18
C GLU A 2304 8.92 13.41 58.89
N SER A 2305 7.72 13.20 58.39
CA SER A 2305 6.53 13.79 59.00
C SER A 2305 6.27 13.18 60.37
N LYS A 2306 5.62 13.96 61.24
CA LYS A 2306 5.27 13.47 62.56
C LYS A 2306 4.27 12.33 62.49
N GLU A 2307 3.25 12.47 61.64
CA GLU A 2307 2.24 11.42 61.51
C GLU A 2307 2.84 10.14 60.95
N ASN A 2308 3.77 10.28 60.00
CA ASN A 2308 4.44 9.11 59.44
C ASN A 2308 5.17 8.33 60.52
N GLN A 2309 5.94 9.04 61.35
CA GLN A 2309 6.64 8.38 62.45
C GLN A 2309 5.67 7.75 63.41
N GLU A 2310 4.60 8.46 63.77
CA GLU A 2310 3.63 7.90 64.71
C GLU A 2310 3.01 6.63 64.18
N MET A 2311 2.63 6.61 62.90
CA MET A 2311 2.03 5.42 62.32
C MET A 2311 3.04 4.27 62.25
N LEU A 2312 4.30 4.57 61.91
CA LEU A 2312 5.31 3.51 61.85
C LEU A 2312 5.55 2.90 63.22
N ASP A 2313 5.70 3.74 64.26
CA ASP A 2313 5.89 3.19 65.59
C ASP A 2313 4.67 2.41 66.06
N SER A 2314 3.47 2.91 65.76
CA SER A 2314 2.26 2.19 66.15
C SER A 2314 2.20 0.83 65.48
N ILE A 2315 2.53 0.77 64.19
CA ILE A 2315 2.45 -0.51 63.47
C ILE A 2315 3.51 -1.47 63.98
N VAL A 2316 4.71 -0.96 64.29
CA VAL A 2316 5.77 -1.82 64.81
C VAL A 2316 5.38 -2.37 66.17
N HIS A 2317 4.83 -1.52 67.05
CA HIS A 2317 4.41 -1.98 68.35
C HIS A 2317 3.27 -2.98 68.25
N ASP A 2318 2.35 -2.77 67.32
CA ASP A 2318 1.27 -3.73 67.12
C ASP A 2318 1.82 -5.08 66.68
N LEU A 2319 2.80 -5.06 65.76
CA LEU A 2319 3.39 -6.30 65.30
C LEU A 2319 4.16 -7.01 66.41
N GLN A 2320 4.89 -6.26 67.24
CA GLN A 2320 5.59 -6.85 68.37
C GLN A 2320 4.60 -7.46 69.37
N ALA A 2321 3.53 -6.74 69.67
CA ALA A 2321 2.55 -7.25 70.65
C ALA A 2321 1.85 -8.49 70.13
N VAL A 2322 1.50 -8.52 68.85
CA VAL A 2322 0.87 -9.71 68.28
C VAL A 2322 1.84 -10.87 68.30
N GLY A 2323 3.11 -10.62 67.96
CA GLY A 2323 4.13 -11.64 68.02
C GLY A 2323 4.13 -12.61 66.85
N ILE A 2324 4.44 -12.12 65.65
CA ILE A 2324 4.51 -13.02 64.51
C ILE A 2324 5.89 -13.66 64.35
N ARG A 2325 6.91 -13.17 65.05
CA ARG A 2325 8.21 -13.81 65.01
C ARG A 2325 8.16 -15.19 65.64
N ASN A 2326 7.36 -15.35 66.69
CA ASN A 2326 7.14 -16.66 67.27
C ASN A 2326 6.52 -17.60 66.23
N LEU A 2327 5.54 -17.10 65.49
CA LEU A 2327 4.95 -17.87 64.40
C LEU A 2327 5.98 -18.23 63.35
N CYS A 2328 6.90 -17.31 63.05
CA CYS A 2328 7.98 -17.60 62.11
C CYS A 2328 8.83 -18.77 62.60
N LEU A 2329 9.14 -18.77 63.90
CA LEU A 2329 9.89 -19.90 64.46
C LEU A 2329 9.11 -21.20 64.33
N LYS A 2330 7.82 -21.20 64.67
CA LYS A 2330 7.05 -22.44 64.53
C LYS A 2330 7.01 -22.94 63.10
N ILE A 2331 6.84 -22.03 62.13
CA ILE A 2331 6.80 -22.45 60.73
C ILE A 2331 8.15 -22.99 60.28
N LEU A 2332 9.25 -22.32 60.66
CA LEU A 2332 10.58 -22.76 60.24
C LEU A 2332 10.93 -24.12 60.85
N GLU A 2333 10.50 -24.36 62.09
CA GLU A 2333 10.78 -25.64 62.74
C GLU A 2333 10.16 -26.80 61.98
N LYS A 2334 9.02 -26.58 61.31
CA LYS A 2334 8.43 -27.63 60.48
C LYS A 2334 8.96 -27.61 59.06
N VAL A 2335 9.43 -26.45 58.60
CA VAL A 2335 9.94 -26.33 57.24
C VAL A 2335 11.25 -27.10 57.08
N ILE A 2336 12.18 -26.92 58.03
CA ILE A 2336 13.52 -27.48 57.87
C ILE A 2336 13.50 -29.00 57.70
N PRO A 2337 12.74 -29.78 58.48
CA PRO A 2337 12.78 -31.24 58.29
C PRO A 2337 12.43 -31.69 56.88
N HIS A 2338 11.50 -31.02 56.20
CA HIS A 2338 11.17 -31.42 54.83
C HIS A 2338 12.35 -31.18 53.90
N TRP A 2339 13.03 -30.05 54.04
CA TRP A 2339 14.22 -29.78 53.24
C TRP A 2339 15.29 -30.82 53.49
N LYS A 2340 15.48 -31.20 54.76
CA LYS A 2340 16.46 -32.24 55.07
C LYS A 2340 16.07 -33.58 54.46
N ASP A 2341 14.78 -33.91 54.51
CA ASP A 2341 14.32 -35.22 54.08
C ASP A 2341 14.39 -35.36 52.57
N ARG A 2342 13.64 -34.53 51.84
CA ARG A 2342 13.44 -34.74 50.42
C ARG A 2342 14.25 -33.78 49.55
N GLY A 2343 14.63 -32.62 50.09
CA GLY A 2343 15.34 -31.63 49.30
C GLY A 2343 16.74 -32.09 48.93
N PRO A 2344 17.44 -31.22 48.19
CA PRO A 2344 18.80 -31.48 47.70
C PRO A 2344 19.82 -31.56 48.83
N LYS A 2356 15.13 -28.79 27.52
CA LYS A 2356 14.35 -27.59 27.77
C LYS A 2356 13.09 -27.59 26.93
N VAL A 2357 11.98 -28.00 27.53
CA VAL A 2357 10.71 -28.12 26.81
C VAL A 2357 10.17 -26.73 26.51
N TRP A 2358 9.76 -26.52 25.27
CA TRP A 2358 9.17 -25.26 24.85
C TRP A 2358 7.86 -25.00 25.58
N LEU A 2359 7.63 -23.73 25.93
CA LEU A 2359 6.35 -23.35 26.52
C LEU A 2359 5.27 -23.33 25.44
N PRO A 2360 4.00 -23.50 25.82
CA PRO A 2360 2.93 -23.41 24.82
C PRO A 2360 2.88 -22.05 24.12
N HIS A 2361 3.25 -20.99 24.82
CA HIS A 2361 3.27 -19.64 24.29
C HIS A 2361 4.70 -19.13 24.18
N VAL A 2362 4.92 -18.20 23.27
CA VAL A 2362 6.28 -17.69 23.07
C VAL A 2362 6.75 -16.98 24.34
N PRO A 2363 7.93 -17.29 24.86
CA PRO A 2363 8.41 -16.63 26.08
C PRO A 2363 8.74 -15.17 25.81
N LEU A 2364 8.00 -14.28 26.45
CA LEU A 2364 8.28 -12.86 26.32
C LEU A 2364 9.63 -12.52 26.96
N VAL A 2365 10.34 -11.58 26.35
CA VAL A 2365 11.63 -11.15 26.87
C VAL A 2365 11.96 -9.76 26.33
N TRP A 2379 14.58 -29.47 41.54
CA TRP A 2379 14.06 -28.96 42.80
C TRP A 2379 13.49 -27.55 42.65
N PRO A 2380 12.21 -27.37 42.99
CA PRO A 2380 11.25 -28.35 43.54
C PRO A 2380 10.72 -29.31 42.48
N SER A 2381 9.97 -30.33 42.86
CA SER A 2381 9.41 -31.27 41.90
C SER A 2381 7.90 -31.30 41.88
N THR A 2382 7.25 -31.26 43.04
CA THR A 2382 5.80 -31.37 43.13
C THR A 2382 5.19 -30.10 43.71
N SER A 2383 3.86 -30.11 43.81
CA SER A 2383 3.15 -28.96 44.35
C SER A 2383 3.48 -28.72 45.81
N GLU A 2384 3.60 -29.79 46.59
CA GLU A 2384 3.95 -29.64 47.99
C GLU A 2384 5.34 -29.04 48.16
N ASP A 2385 6.29 -29.43 47.29
CA ASP A 2385 7.64 -28.90 47.40
C ASP A 2385 7.67 -27.40 47.10
N SER A 2386 6.96 -26.97 46.06
CA SER A 2386 6.88 -25.54 45.75
C SER A 2386 6.17 -24.78 46.86
N TYR A 2387 5.14 -25.41 47.44
CA TYR A 2387 4.45 -24.79 48.58
C TYR A 2387 5.40 -24.58 49.75
N ILE A 2388 6.23 -25.59 50.03
CA ILE A 2388 7.20 -25.48 51.12
C ILE A 2388 8.22 -24.39 50.82
N ILE A 2389 8.69 -24.31 49.57
CA ILE A 2389 9.65 -23.28 49.21
C ILE A 2389 9.05 -21.89 49.39
N ALA A 2390 7.80 -21.71 48.95
CA ALA A 2390 7.14 -20.43 49.11
C ALA A 2390 6.96 -20.08 50.58
N CYS A 2391 6.56 -21.06 51.39
CA CYS A 2391 6.42 -20.82 52.82
C CYS A 2391 7.74 -20.40 53.44
N THR A 2392 8.83 -21.06 53.06
CA THR A 2392 10.15 -20.66 53.56
C THR A 2392 10.49 -19.24 53.17
N ASP A 2393 10.25 -18.89 51.91
CA ASP A 2393 10.58 -17.55 51.43
C ASP A 2393 9.80 -16.50 52.20
N LEU A 2394 8.49 -16.70 52.35
CA LEU A 2394 7.68 -15.74 53.08
C LEU A 2394 8.10 -15.64 54.54
N ILE A 2395 8.32 -16.79 55.18
CA ILE A 2395 8.52 -16.81 56.62
C ILE A 2395 9.92 -16.33 56.97
N LEU A 2396 10.83 -16.29 56.00
CA LEU A 2396 12.11 -15.67 56.22
C LEU A 2396 12.09 -14.19 55.83
N LEU A 2397 11.27 -13.82 54.85
CA LEU A 2397 11.22 -12.43 54.42
C LEU A 2397 10.55 -11.54 55.45
N ILE A 2398 9.52 -12.04 56.13
CA ILE A 2398 8.82 -11.22 57.12
C ILE A 2398 9.75 -10.73 58.23
N PRO A 2399 10.49 -11.59 58.94
CA PRO A 2399 11.32 -11.08 60.04
C PRO A 2399 12.41 -10.13 59.59
N GLN A 2400 12.95 -10.31 58.38
CA GLN A 2400 13.97 -9.40 57.89
C GLN A 2400 13.42 -7.99 57.73
N HIS A 2401 12.22 -7.87 57.16
CA HIS A 2401 11.62 -6.55 57.02
C HIS A 2401 11.24 -5.98 58.37
N LEU A 2402 10.79 -6.82 59.31
CA LEU A 2402 10.50 -6.32 60.64
C LEU A 2402 11.76 -5.77 61.30
N GLN A 2403 12.88 -6.46 61.17
CA GLN A 2403 14.14 -5.98 61.74
C GLN A 2403 14.59 -4.70 61.07
N GLU A 2404 14.48 -4.63 59.74
CA GLU A 2404 14.90 -3.44 59.01
C GLU A 2404 14.08 -2.23 59.43
N LEU A 2405 12.75 -2.39 59.48
CA LEU A 2405 11.89 -1.27 59.82
C LEU A 2405 12.08 -0.83 61.26
N ASP A 2406 12.23 -1.77 62.19
CA ASP A 2406 12.35 -1.47 63.61
C ASP A 2406 13.77 -0.97 63.86
N ARG A 2407 13.97 0.33 63.63
CA ARG A 2407 15.28 0.95 63.82
C ARG A 2407 15.47 1.52 65.22
N ARG A 2408 14.53 1.29 66.13
CA ARG A 2408 14.69 1.66 67.53
C ARG A 2408 15.37 0.53 68.30
N ARG A 2413 19.24 -11.33 69.82
CA ARG A 2413 19.91 -12.61 69.68
C ARG A 2413 19.17 -13.71 70.41
N ASP A 2414 18.42 -14.52 69.67
CA ASP A 2414 17.73 -15.68 70.21
C ASP A 2414 18.43 -16.94 69.71
N ASP A 2415 18.72 -17.86 70.63
CA ASP A 2415 19.49 -19.05 70.28
C ASP A 2415 18.78 -19.89 69.24
N GLN A 2416 17.47 -20.08 69.40
CA GLN A 2416 16.71 -20.90 68.45
C GLN A 2416 16.73 -20.27 67.06
N TRP A 2417 16.62 -18.95 67.00
CA TRP A 2417 16.66 -18.26 65.71
C TRP A 2417 17.95 -18.55 64.97
N ILE A 2418 19.09 -18.33 65.63
CA ILE A 2418 20.39 -18.48 64.97
C ILE A 2418 20.64 -19.94 64.63
N GLN A 2419 20.26 -20.85 65.53
CA GLN A 2419 20.43 -22.27 65.24
C GLN A 2419 19.65 -22.67 63.98
N LYS A 2420 18.36 -22.34 63.94
CA LYS A 2420 17.55 -22.70 62.78
C LYS A 2420 18.06 -22.04 61.52
N LEU A 2421 18.48 -20.78 61.63
CA LEU A 2421 18.97 -20.05 60.46
C LEU A 2421 20.23 -20.69 59.89
N CYS A 2422 21.22 -20.96 60.75
CA CYS A 2422 22.46 -21.58 60.27
C CYS A 2422 22.20 -22.97 59.72
N GLN A 2423 21.34 -23.75 60.38
CA GLN A 2423 21.05 -25.09 59.90
C GLN A 2423 20.42 -25.02 58.50
N LEU A 2424 19.36 -24.23 58.34
CA LEU A 2424 18.70 -24.14 57.04
C LEU A 2424 19.64 -23.60 55.98
N ALA A 2425 20.56 -22.70 56.36
CA ALA A 2425 21.56 -22.24 55.41
C ALA A 2425 22.44 -23.39 54.95
N SER A 2426 22.84 -24.26 55.88
CA SER A 2426 23.63 -25.43 55.50
C SER A 2426 22.85 -26.35 54.58
N LEU A 2427 21.56 -26.56 54.87
CA LEU A 2427 20.73 -27.42 54.02
C LEU A 2427 20.61 -26.88 52.60
N SER A 2428 20.41 -25.58 52.44
CA SER A 2428 20.20 -25.01 51.12
C SER A 2428 21.49 -25.03 50.31
N TYR A 2434 19.05 -19.11 49.64
CA TYR A 2434 20.34 -19.22 50.30
C TYR A 2434 20.85 -17.87 50.75
N ARG A 2435 20.89 -16.92 49.82
CA ARG A 2435 21.35 -15.56 50.11
C ARG A 2435 20.51 -14.89 51.18
N GLN A 2436 19.22 -15.23 51.25
CA GLN A 2436 18.35 -14.67 52.28
C GLN A 2436 18.82 -15.04 53.67
N CYS A 2437 19.19 -16.30 53.87
CA CYS A 2437 19.70 -16.72 55.18
C CYS A 2437 20.96 -15.96 55.54
N LYS A 2438 21.89 -15.82 54.58
CA LYS A 2438 23.13 -15.13 54.85
C LYS A 2438 22.88 -13.67 55.22
N LYS A 2439 22.00 -12.98 54.49
CA LYS A 2439 21.73 -11.58 54.81
C LYS A 2439 20.99 -11.47 56.14
N LEU A 2440 20.17 -12.47 56.49
CA LEU A 2440 19.46 -12.43 57.76
C LEU A 2440 20.43 -12.56 58.94
N LEU A 2441 21.34 -13.52 58.88
CA LEU A 2441 22.37 -13.60 59.93
C LEU A 2441 23.26 -12.37 59.95
N LEU A 2442 23.62 -11.84 58.78
CA LEU A 2442 24.46 -10.65 58.75
C LEU A 2442 23.77 -9.48 59.42
N ALA A 2443 22.47 -9.30 59.16
CA ALA A 2443 21.72 -8.25 59.84
C ALA A 2443 21.61 -8.52 61.33
N MET A 2444 21.45 -9.79 61.71
CA MET A 2444 21.39 -10.13 63.13
C MET A 2444 22.69 -9.77 63.83
N CYS A 2445 23.81 -9.92 63.15
CA CYS A 2445 25.11 -9.52 63.69
C CYS A 2445 25.35 -8.03 63.46
#